data_6IVN
#
_entry.id   6IVN
#
_cell.length_a   114.149
_cell.length_b   160.939
_cell.length_c   160.957
_cell.angle_alpha   90.00
_cell.angle_beta   90.00
_cell.angle_gamma   90.00
#
_symmetry.space_group_name_H-M   'P 21 21 21'
#
loop_
_entity.id
_entity.type
_entity.pdbx_description
1 polymer Ibestrophin
2 non-polymer 'ZINC ION'
3 non-polymer 'CHLORIDE ION'
4 non-polymer 'GLUTAMIC ACID'
5 water water
#
_entity_poly.entity_id   1
_entity_poly.type   'polypeptide(L)'
_entity_poly.pdbx_seq_one_letter_code
;SNAMIIRPEQHWFLRLFDWHGSVLSKIIFRLLLNVLMSIIAIISYQWYEQLGIHLTVAPFSLLGIAIAIFLGFRNSASYS
RFVEARNLWGTVLIAERTLVRQLRNILPAEHDAHRRIVSYLVAFSWSLKHQLRKTDPTADLRRLLPEERVTEILASSMPT
NRILLLAGNEIGQLREAGKLSDITYGLMDNKLDELAHVLGGCERLATTPVPFAYTLILQRTVYLFCTLLPFALVGDLHYM
TPFVSVFISYTFLSWDSLAEELEDPFATAANDLPLNAMCNTIERNLLDMTGQHPLPE
;
_entity_poly.pdbx_strand_id   A,B,C,D,E
#
# COMPACT_ATOMS: atom_id res chain seq x y z
N SER A 25 -32.26 -7.79 0.83
CA SER A 25 -31.64 -8.59 1.92
C SER A 25 -32.10 -10.04 1.86
N LYS A 26 -31.25 -10.89 1.26
CA LYS A 26 -31.43 -12.33 1.28
C LYS A 26 -30.70 -12.89 2.50
N ILE A 27 -30.30 -11.99 3.40
CA ILE A 27 -29.64 -12.31 4.66
C ILE A 27 -30.70 -12.71 5.68
N ILE A 28 -31.93 -12.21 5.49
CA ILE A 28 -32.99 -12.31 6.47
C ILE A 28 -33.65 -13.70 6.39
N PHE A 29 -33.42 -14.42 5.28
CA PHE A 29 -33.85 -15.81 5.18
C PHE A 29 -32.93 -16.69 6.01
N ARG A 30 -31.65 -16.33 6.04
CA ARG A 30 -30.63 -17.11 6.74
C ARG A 30 -30.77 -16.94 8.24
N LEU A 31 -31.29 -15.79 8.67
CA LEU A 31 -31.48 -15.50 10.08
C LEU A 31 -32.71 -16.25 10.62
N LEU A 32 -33.73 -16.38 9.77
CA LEU A 32 -34.94 -17.13 10.10
C LEU A 32 -34.61 -18.61 10.17
N LEU A 33 -33.77 -19.08 9.24
CA LEU A 33 -33.34 -20.47 9.20
C LEU A 33 -32.48 -20.78 10.42
N ASN A 34 -31.82 -19.75 10.95
CA ASN A 34 -30.96 -19.87 12.12
C ASN A 34 -31.83 -20.06 13.36
N VAL A 35 -32.93 -19.30 13.43
CA VAL A 35 -33.89 -19.40 14.52
C VAL A 35 -34.49 -20.80 14.54
N LEU A 36 -34.82 -21.33 13.36
CA LEU A 36 -35.42 -22.65 13.23
C LEU A 36 -34.39 -23.72 13.60
N MET A 37 -33.11 -23.48 13.27
CA MET A 37 -32.05 -24.42 13.57
C MET A 37 -31.77 -24.44 15.08
N SER A 38 -32.00 -23.29 15.73
CA SER A 38 -31.86 -23.18 17.18
C SER A 38 -32.96 -23.99 17.87
N ILE A 39 -34.17 -23.92 17.32
CA ILE A 39 -35.35 -24.54 17.91
C ILE A 39 -35.21 -26.06 17.87
N ILE A 40 -34.75 -26.61 16.74
CA ILE A 40 -34.57 -28.06 16.62
C ILE A 40 -33.41 -28.49 17.53
N ALA A 41 -32.47 -27.57 17.76
CA ALA A 41 -31.35 -27.83 18.65
C ALA A 41 -31.84 -27.97 20.08
N ILE A 42 -32.83 -27.12 20.44
CA ILE A 42 -33.40 -27.09 21.78
C ILE A 42 -34.15 -28.40 22.04
N ILE A 43 -34.97 -28.83 21.07
CA ILE A 43 -35.88 -29.94 21.27
C ILE A 43 -35.16 -31.27 21.12
N SER A 44 -34.22 -31.35 20.17
CA SER A 44 -33.52 -32.59 19.87
C SER A 44 -32.24 -32.71 20.72
N TYR A 45 -32.17 -31.91 21.79
CA TYR A 45 -31.04 -31.92 22.71
C TYR A 45 -31.06 -33.19 23.54
N GLN A 46 -32.26 -33.78 23.70
CA GLN A 46 -32.45 -35.01 24.43
C GLN A 46 -31.63 -36.13 23.77
N TRP A 47 -31.93 -36.41 22.50
CA TRP A 47 -31.38 -37.55 21.78
C TRP A 47 -29.95 -37.26 21.33
N TYR A 48 -29.17 -36.62 22.23
CA TYR A 48 -27.79 -36.26 21.93
C TYR A 48 -26.86 -37.42 22.30
N GLU A 49 -26.54 -37.55 23.59
CA GLU A 49 -25.59 -38.57 24.05
C GLU A 49 -26.23 -39.96 23.99
N GLN A 50 -27.56 -40.00 23.88
CA GLN A 50 -28.28 -41.24 23.68
C GLN A 50 -27.78 -41.91 22.40
N LEU A 51 -27.44 -41.08 21.41
CA LEU A 51 -26.71 -41.53 20.24
C LEU A 51 -25.21 -41.48 20.54
N GLY A 52 -24.74 -40.31 20.99
CA GLY A 52 -23.35 -40.10 21.38
C GLY A 52 -22.72 -38.90 20.69
N ILE A 53 -23.55 -37.95 20.27
CA ILE A 53 -23.10 -36.76 19.55
C ILE A 53 -22.98 -35.59 20.53
N HIS A 54 -21.80 -34.95 20.52
CA HIS A 54 -21.50 -33.84 21.40
C HIS A 54 -20.89 -32.69 20.61
N LEU A 55 -21.27 -31.45 20.99
CA LEU A 55 -20.78 -30.24 20.36
C LEU A 55 -20.54 -29.17 21.41
N THR A 56 -19.27 -28.78 21.57
CA THR A 56 -18.86 -27.77 22.54
C THR A 56 -18.49 -26.48 21.82
N VAL A 57 -18.13 -25.46 22.60
CA VAL A 57 -17.96 -24.10 22.09
C VAL A 57 -16.50 -23.90 21.63
N ALA A 58 -15.55 -24.47 22.37
CA ALA A 58 -14.14 -24.23 22.16
C ALA A 58 -13.70 -24.58 20.73
N PRO A 59 -14.16 -25.71 20.15
CA PRO A 59 -13.77 -26.06 18.78
C PRO A 59 -14.38 -25.16 17.72
N PHE A 60 -15.55 -24.59 18.02
CA PHE A 60 -16.23 -23.67 17.12
C PHE A 60 -15.68 -22.25 17.30
N SER A 61 -14.96 -22.03 18.41
CA SER A 61 -14.24 -20.79 18.63
C SER A 61 -13.03 -20.73 17.70
N LEU A 62 -12.33 -21.87 17.60
CA LEU A 62 -11.16 -21.98 16.74
C LEU A 62 -11.57 -21.73 15.30
N LEU A 63 -12.59 -22.47 14.85
CA LEU A 63 -13.07 -22.39 13.48
C LEU A 63 -13.58 -20.98 13.19
N GLY A 64 -14.46 -20.48 14.07
CA GLY A 64 -15.02 -19.15 13.95
C GLY A 64 -13.96 -18.07 13.77
N ILE A 65 -12.90 -18.15 14.57
CA ILE A 65 -11.81 -17.18 14.55
C ILE A 65 -11.03 -17.32 13.25
N ALA A 66 -10.69 -18.57 12.89
CA ALA A 66 -10.03 -18.84 11.63
C ALA A 66 -10.83 -18.19 10.49
N ILE A 67 -12.16 -18.34 10.55
CA ILE A 67 -13.06 -17.82 9.52
C ILE A 67 -13.07 -16.30 9.57
N ALA A 68 -13.04 -15.74 10.79
CA ALA A 68 -13.08 -14.30 10.97
C ALA A 68 -11.81 -13.64 10.41
N ILE A 69 -10.67 -14.31 10.58
CA ILE A 69 -9.40 -13.83 10.06
C ILE A 69 -9.48 -13.83 8.53
N PHE A 70 -10.01 -14.93 7.97
CA PHE A 70 -10.05 -15.13 6.53
C PHE A 70 -11.05 -14.17 5.88
N LEU A 71 -12.17 -13.90 6.55
CA LEU A 71 -13.15 -12.93 6.10
C LEU A 71 -12.52 -11.54 6.08
N GLY A 72 -11.79 -11.22 7.16
CA GLY A 72 -11.17 -9.91 7.33
C GLY A 72 -10.20 -9.59 6.20
N PHE A 73 -9.39 -10.58 5.83
CA PHE A 73 -8.39 -10.43 4.77
C PHE A 73 -9.07 -10.29 3.42
N ARG A 74 -10.18 -11.00 3.23
CA ARG A 74 -10.89 -10.99 1.96
C ARG A 74 -11.60 -9.66 1.77
N ASN A 75 -12.29 -9.18 2.82
CA ASN A 75 -12.97 -7.90 2.81
C ASN A 75 -11.99 -6.78 2.46
N SER A 76 -10.79 -6.87 3.05
CA SER A 76 -9.69 -5.95 2.79
C SER A 76 -9.44 -5.83 1.29
N ALA A 77 -9.40 -6.98 0.62
CA ALA A 77 -9.17 -7.04 -0.82
C ALA A 77 -10.33 -6.40 -1.58
N SER A 78 -11.56 -6.67 -1.12
CA SER A 78 -12.77 -6.18 -1.76
C SER A 78 -12.84 -4.65 -1.66
N TYR A 79 -12.48 -4.13 -0.48
CA TYR A 79 -12.50 -2.70 -0.24
C TYR A 79 -11.49 -2.01 -1.14
N SER A 80 -10.28 -2.58 -1.21
CA SER A 80 -9.23 -2.08 -2.09
C SER A 80 -9.76 -1.93 -3.51
N ARG A 81 -10.50 -2.94 -3.97
CA ARG A 81 -11.01 -2.98 -5.34
C ARG A 81 -12.06 -1.89 -5.53
N PHE A 82 -12.82 -1.61 -4.46
CA PHE A 82 -13.86 -0.58 -4.50
C PHE A 82 -13.20 0.80 -4.54
N VAL A 83 -12.18 1.00 -3.70
CA VAL A 83 -11.41 2.23 -3.66
C VAL A 83 -10.87 2.51 -5.06
N GLU A 84 -10.24 1.50 -5.68
CA GLU A 84 -9.60 1.67 -6.98
C GLU A 84 -10.61 2.14 -8.02
N ALA A 85 -11.79 1.51 -8.03
CA ALA A 85 -12.86 1.86 -8.94
C ALA A 85 -13.23 3.33 -8.76
N ARG A 86 -13.42 3.74 -7.50
CA ARG A 86 -13.77 5.11 -7.15
C ARG A 86 -12.65 6.04 -7.61
N ASN A 87 -11.40 5.59 -7.43
CA ASN A 87 -10.22 6.37 -7.80
C ASN A 87 -10.19 6.61 -9.30
N LEU A 88 -10.47 5.55 -10.08
CA LEU A 88 -10.35 5.61 -11.53
C LEU A 88 -11.35 6.61 -12.10
N TRP A 89 -12.59 6.55 -11.61
CA TRP A 89 -13.62 7.50 -12.02
C TRP A 89 -13.27 8.91 -11.57
N GLY A 90 -12.65 9.01 -10.40
CA GLY A 90 -12.12 10.27 -9.90
C GLY A 90 -11.19 10.93 -10.91
N THR A 91 -10.43 10.11 -11.65
CA THR A 91 -9.40 10.59 -12.55
C THR A 91 -10.01 11.16 -13.82
N VAL A 92 -11.12 10.54 -14.29
CA VAL A 92 -11.82 11.00 -15.47
C VAL A 92 -12.08 12.50 -15.35
N LEU A 93 -12.61 12.88 -14.18
CA LEU A 93 -12.98 14.25 -13.87
C LEU A 93 -11.75 15.15 -13.89
N ILE A 94 -10.68 14.73 -13.21
CA ILE A 94 -9.45 15.50 -13.11
C ILE A 94 -8.90 15.77 -14.51
N ALA A 95 -8.81 14.70 -15.31
CA ALA A 95 -8.09 14.72 -16.58
C ALA A 95 -8.85 15.54 -17.62
N GLU A 96 -10.18 15.43 -17.61
CA GLU A 96 -11.02 16.14 -18.58
C GLU A 96 -11.05 17.62 -18.22
N ARG A 97 -11.11 17.91 -16.92
CA ARG A 97 -11.00 19.26 -16.41
C ARG A 97 -9.73 19.90 -16.96
N THR A 98 -8.59 19.27 -16.71
CA THR A 98 -7.30 19.85 -17.04
C THR A 98 -7.10 19.95 -18.55
N LEU A 99 -7.64 18.98 -19.31
CA LEU A 99 -7.52 18.99 -20.76
C LEU A 99 -8.28 20.19 -21.34
N VAL A 100 -9.47 20.46 -20.78
CA VAL A 100 -10.29 21.58 -21.19
C VAL A 100 -9.59 22.90 -20.79
N ARG A 101 -9.10 22.93 -19.54
CA ARG A 101 -8.36 24.08 -19.02
C ARG A 101 -7.17 24.39 -19.92
N GLN A 102 -6.41 23.35 -20.29
CA GLN A 102 -5.23 23.48 -21.12
C GLN A 102 -5.58 24.09 -22.47
N LEU A 103 -6.74 23.71 -23.01
CA LEU A 103 -7.20 24.22 -24.29
C LEU A 103 -7.55 25.70 -24.18
N ARG A 104 -8.09 26.09 -23.02
CA ARG A 104 -8.51 27.46 -22.76
C ARG A 104 -7.31 28.38 -22.64
N ASN A 105 -6.22 27.87 -22.04
CA ASN A 105 -5.08 28.70 -21.69
C ASN A 105 -4.10 28.78 -22.87
N ILE A 106 -4.14 27.77 -23.75
CA ILE A 106 -3.18 27.71 -24.84
C ILE A 106 -3.82 28.24 -26.12
N LEU A 107 -5.03 27.75 -26.44
CA LEU A 107 -5.74 28.19 -27.62
C LEU A 107 -7.04 28.88 -27.21
N PRO A 108 -6.99 30.12 -26.68
CA PRO A 108 -8.17 30.75 -26.11
C PRO A 108 -9.22 31.15 -27.15
N ALA A 109 -8.78 31.28 -28.41
CA ALA A 109 -9.61 31.77 -29.49
C ALA A 109 -10.41 30.63 -30.13
N GLU A 110 -9.87 29.42 -30.07
CA GLU A 110 -10.41 28.28 -30.80
C GLU A 110 -11.53 27.62 -29.99
N HIS A 111 -12.75 28.18 -30.10
CA HIS A 111 -13.90 27.69 -29.36
C HIS A 111 -14.62 26.61 -30.15
N ASP A 112 -14.32 26.52 -31.45
CA ASP A 112 -14.83 25.43 -32.29
C ASP A 112 -14.16 24.14 -31.87
N ALA A 113 -12.83 24.20 -31.70
CA ALA A 113 -12.03 23.09 -31.23
C ALA A 113 -12.46 22.69 -29.82
N HIS A 114 -12.70 23.70 -28.96
CA HIS A 114 -13.15 23.47 -27.59
C HIS A 114 -14.38 22.56 -27.60
N ARG A 115 -15.44 23.01 -28.26
CA ARG A 115 -16.73 22.33 -28.23
C ARG A 115 -16.60 20.92 -28.80
N ARG A 116 -15.77 20.76 -29.83
CA ARG A 116 -15.53 19.46 -30.42
C ARG A 116 -14.87 18.53 -29.41
N ILE A 117 -13.82 19.03 -28.74
CA ILE A 117 -13.06 18.19 -27.82
C ILE A 117 -13.89 17.93 -26.56
N VAL A 118 -14.59 18.97 -26.08
CA VAL A 118 -15.42 18.83 -24.88
C VAL A 118 -16.42 17.71 -25.07
N SER A 119 -17.09 17.72 -26.23
CA SER A 119 -18.16 16.76 -26.52
C SER A 119 -17.62 15.33 -26.50
N TYR A 120 -16.45 15.13 -27.10
CA TYR A 120 -15.78 13.84 -27.11
C TYR A 120 -15.47 13.39 -25.68
N LEU A 121 -15.01 14.32 -24.85
CA LEU A 121 -14.65 14.02 -23.47
C LEU A 121 -15.90 13.63 -22.68
N VAL A 122 -17.02 14.28 -23.01
CA VAL A 122 -18.30 13.95 -22.38
C VAL A 122 -18.74 12.58 -22.88
N ALA A 123 -18.59 12.36 -24.20
CA ALA A 123 -18.93 11.11 -24.85
C ALA A 123 -18.15 9.96 -24.22
N PHE A 124 -16.87 10.20 -23.94
CA PHE A 124 -15.99 9.21 -23.31
C PHE A 124 -16.60 8.76 -21.98
N SER A 125 -17.05 9.72 -21.17
CA SER A 125 -17.59 9.47 -19.85
C SER A 125 -18.81 8.58 -19.93
N TRP A 126 -19.75 8.95 -20.81
CA TRP A 126 -21.01 8.25 -20.94
C TRP A 126 -20.80 6.87 -21.54
N SER A 127 -19.92 6.79 -22.55
CA SER A 127 -19.59 5.54 -23.21
C SER A 127 -19.00 4.54 -22.22
N LEU A 128 -18.08 5.03 -21.37
CA LEU A 128 -17.40 4.19 -20.38
C LEU A 128 -18.41 3.72 -19.33
N LYS A 129 -19.38 4.58 -18.99
CA LYS A 129 -20.40 4.26 -18.02
C LYS A 129 -21.26 3.11 -18.57
N HIS A 130 -21.75 3.30 -19.80
CA HIS A 130 -22.60 2.33 -20.47
C HIS A 130 -21.89 0.98 -20.59
N GLN A 131 -20.57 1.03 -20.85
CA GLN A 131 -19.77 -0.16 -21.08
C GLN A 131 -19.69 -0.99 -19.79
N LEU A 132 -19.49 -0.31 -18.66
CA LEU A 132 -19.35 -0.97 -17.37
C LEU A 132 -20.73 -1.43 -16.88
N ARG A 133 -21.77 -0.69 -17.27
CA ARG A 133 -23.14 -0.98 -16.87
C ARG A 133 -23.77 -1.99 -17.82
N LYS A 134 -23.06 -2.30 -18.92
CA LYS A 134 -23.50 -3.23 -19.95
C LYS A 134 -24.81 -2.76 -20.57
N THR A 135 -24.87 -1.47 -20.93
CA THR A 135 -26.05 -0.88 -21.54
C THR A 135 -25.66 -0.14 -22.81
N ASP A 136 -26.67 0.19 -23.63
CA ASP A 136 -26.48 0.76 -24.96
C ASP A 136 -26.16 2.25 -24.85
N PRO A 137 -25.11 2.74 -25.55
CA PRO A 137 -24.74 4.16 -25.49
C PRO A 137 -25.21 5.04 -26.64
N THR A 138 -26.02 4.47 -27.55
CA THR A 138 -26.36 5.12 -28.82
C THR A 138 -27.11 6.43 -28.57
N ALA A 139 -28.01 6.40 -27.57
CA ALA A 139 -28.80 7.57 -27.20
C ALA A 139 -27.88 8.72 -26.80
N ASP A 140 -27.01 8.47 -25.82
CA ASP A 140 -26.10 9.46 -25.27
C ASP A 140 -25.15 9.98 -26.35
N LEU A 141 -24.65 9.08 -27.20
CA LEU A 141 -23.65 9.43 -28.19
C LEU A 141 -24.26 10.34 -29.25
N ARG A 142 -25.54 10.13 -29.55
CA ARG A 142 -26.26 10.90 -30.56
C ARG A 142 -26.58 12.29 -30.03
N ARG A 143 -26.80 12.37 -28.71
CA ARG A 143 -27.09 13.62 -28.02
C ARG A 143 -25.87 14.54 -28.07
N LEU A 144 -24.68 13.93 -28.15
CA LEU A 144 -23.43 14.65 -27.94
C LEU A 144 -22.70 14.89 -29.25
N LEU A 145 -22.80 13.95 -30.19
CA LEU A 145 -21.92 13.95 -31.34
C LEU A 145 -22.72 13.87 -32.63
N PRO A 146 -22.20 14.42 -33.75
CA PRO A 146 -22.81 14.21 -35.08
C PRO A 146 -22.81 12.73 -35.46
N GLU A 147 -23.73 12.38 -36.38
CA GLU A 147 -24.08 11.00 -36.67
C GLU A 147 -22.91 10.25 -37.32
N GLU A 148 -22.06 10.96 -38.07
CA GLU A 148 -20.91 10.32 -38.70
C GLU A 148 -19.98 9.74 -37.64
N ARG A 149 -19.87 10.45 -36.51
CA ARG A 149 -18.98 10.08 -35.43
C ARG A 149 -19.60 8.94 -34.61
N VAL A 150 -20.93 8.96 -34.47
CA VAL A 150 -21.62 7.91 -33.73
C VAL A 150 -21.49 6.60 -34.50
N THR A 151 -21.51 6.68 -35.84
CA THR A 151 -21.28 5.53 -36.71
C THR A 151 -19.87 5.02 -36.49
N GLU A 152 -18.90 5.94 -36.54
CA GLU A 152 -17.48 5.68 -36.40
C GLU A 152 -17.21 4.93 -35.10
N ILE A 153 -17.82 5.40 -34.01
CA ILE A 153 -17.60 4.89 -32.66
C ILE A 153 -18.19 3.49 -32.54
N LEU A 154 -19.42 3.30 -33.03
CA LEU A 154 -20.15 2.05 -32.85
C LEU A 154 -19.65 0.97 -33.80
N ALA A 155 -18.88 1.39 -34.82
CA ALA A 155 -18.28 0.45 -35.76
C ALA A 155 -17.13 -0.28 -35.10
N SER A 156 -16.49 0.38 -34.12
CA SER A 156 -15.36 -0.17 -33.39
C SER A 156 -15.82 -1.30 -32.47
N SER A 157 -14.94 -2.29 -32.29
CA SER A 157 -15.16 -3.38 -31.36
C SER A 157 -14.89 -2.88 -29.94
N MET A 158 -14.16 -1.76 -29.85
CA MET A 158 -13.88 -1.12 -28.57
C MET A 158 -14.26 0.35 -28.68
N PRO A 159 -15.57 0.69 -28.53
CA PRO A 159 -16.06 2.03 -28.83
C PRO A 159 -15.48 3.15 -27.96
N THR A 160 -15.32 2.88 -26.66
CA THR A 160 -14.83 3.90 -25.74
C THR A 160 -13.39 4.29 -26.09
N ASN A 161 -12.57 3.28 -26.42
CA ASN A 161 -11.18 3.51 -26.82
C ASN A 161 -11.15 4.28 -28.14
N ARG A 162 -12.20 4.11 -28.95
CA ARG A 162 -12.30 4.77 -30.24
C ARG A 162 -12.52 6.27 -30.05
N ILE A 163 -13.29 6.61 -29.00
CA ILE A 163 -13.60 8.00 -28.68
C ILE A 163 -12.30 8.75 -28.35
N LEU A 164 -11.42 8.09 -27.59
CA LEU A 164 -10.11 8.63 -27.25
C LEU A 164 -9.31 8.92 -28.51
N LEU A 165 -9.36 7.98 -29.47
CA LEU A 165 -8.65 8.11 -30.73
C LEU A 165 -9.15 9.35 -31.47
N LEU A 166 -10.48 9.54 -31.45
CA LEU A 166 -11.12 10.66 -32.11
C LEU A 166 -10.74 11.96 -31.41
N ALA A 167 -10.75 11.93 -30.07
CA ALA A 167 -10.30 13.05 -29.26
C ALA A 167 -8.87 13.42 -29.66
N GLY A 168 -8.02 12.38 -29.77
CA GLY A 168 -6.63 12.54 -30.15
C GLY A 168 -6.45 13.14 -31.54
N ASN A 169 -7.43 12.88 -32.43
CA ASN A 169 -7.42 13.43 -33.78
C ASN A 169 -7.59 14.94 -33.73
N GLU A 170 -8.48 15.41 -32.84
CA GLU A 170 -8.76 16.82 -32.70
C GLU A 170 -7.46 17.55 -32.32
N ILE A 171 -6.77 17.04 -31.31
CA ILE A 171 -5.52 17.58 -30.83
C ILE A 171 -4.48 17.50 -31.95
N GLY A 172 -4.48 16.36 -32.65
CA GLY A 172 -3.52 16.08 -33.70
C GLY A 172 -3.70 16.99 -34.91
N GLN A 173 -4.95 17.38 -35.18
CA GLN A 173 -5.27 18.26 -36.30
C GLN A 173 -4.80 19.67 -35.98
N LEU A 174 -4.91 20.06 -34.71
CA LEU A 174 -4.48 21.37 -34.25
C LEU A 174 -2.95 21.45 -34.28
N ARG A 175 -2.30 20.29 -34.29
CA ARG A 175 -0.85 20.22 -34.38
C ARG A 175 -0.45 20.29 -35.86
N GLU A 176 -1.25 19.63 -36.72
CA GLU A 176 -1.06 19.68 -38.16
C GLU A 176 -1.16 21.12 -38.63
N ALA A 177 -2.16 21.84 -38.11
CA ALA A 177 -2.46 23.21 -38.48
C ALA A 177 -1.37 24.17 -37.98
N GLY A 178 -0.64 23.74 -36.94
CA GLY A 178 0.42 24.53 -36.36
C GLY A 178 -0.09 25.49 -35.29
N LYS A 179 -1.31 25.23 -34.80
CA LYS A 179 -1.88 26.01 -33.71
C LYS A 179 -1.34 25.50 -32.39
N LEU A 180 -1.01 24.20 -32.36
CA LEU A 180 -0.30 23.58 -31.26
C LEU A 180 1.11 23.24 -31.73
N SER A 181 2.10 23.53 -30.87
CA SER A 181 3.46 23.04 -31.06
C SER A 181 3.54 21.59 -30.58
N ASP A 182 4.70 20.97 -30.76
CA ASP A 182 4.89 19.59 -30.32
C ASP A 182 4.82 19.53 -28.80
N ILE A 183 5.30 20.60 -28.13
CA ILE A 183 5.31 20.70 -26.68
C ILE A 183 3.87 20.76 -26.17
N THR A 184 3.09 21.72 -26.69
CA THR A 184 1.74 21.96 -26.22
C THR A 184 0.85 20.76 -26.57
N TYR A 185 1.13 20.12 -27.71
CA TYR A 185 0.45 18.88 -28.07
C TYR A 185 0.76 17.83 -27.00
N GLY A 186 2.05 17.65 -26.72
CA GLY A 186 2.53 16.72 -25.72
C GLY A 186 1.81 16.89 -24.39
N LEU A 187 1.67 18.14 -23.94
CA LEU A 187 1.01 18.47 -22.69
C LEU A 187 -0.41 17.94 -22.69
N MET A 188 -1.11 18.10 -23.82
CA MET A 188 -2.50 17.69 -23.92
C MET A 188 -2.59 16.18 -24.11
N ASP A 189 -1.70 15.63 -24.93
CA ASP A 189 -1.66 14.22 -25.23
C ASP A 189 -1.60 13.42 -23.94
N ASN A 190 -0.77 13.89 -22.99
CA ASN A 190 -0.51 13.16 -21.75
C ASN A 190 -1.78 13.03 -20.92
N LYS A 191 -2.77 13.89 -21.19
CA LYS A 191 -4.05 13.82 -20.50
C LYS A 191 -4.89 12.68 -21.05
N LEU A 192 -4.74 12.44 -22.36
CA LEU A 192 -5.42 11.32 -23.00
C LEU A 192 -4.85 10.01 -22.48
N ASP A 193 -3.53 10.00 -22.24
CA ASP A 193 -2.85 8.86 -21.64
C ASP A 193 -3.49 8.53 -20.29
N GLU A 194 -3.84 9.58 -19.53
CA GLU A 194 -4.46 9.40 -18.23
C GLU A 194 -5.80 8.68 -18.41
N LEU A 195 -6.58 9.14 -19.40
CA LEU A 195 -7.90 8.59 -19.67
C LEU A 195 -7.77 7.16 -20.18
N ALA A 196 -6.67 6.89 -20.89
CA ALA A 196 -6.35 5.56 -21.38
C ALA A 196 -6.11 4.60 -20.22
N HIS A 197 -5.42 5.09 -19.19
CA HIS A 197 -5.18 4.30 -17.98
C HIS A 197 -6.48 4.04 -17.24
N VAL A 198 -7.37 5.04 -17.22
CA VAL A 198 -8.66 4.92 -16.55
C VAL A 198 -9.45 3.80 -17.23
N LEU A 199 -9.52 3.87 -18.56
CA LEU A 199 -10.31 2.94 -19.35
C LEU A 199 -9.80 1.53 -19.14
N GLY A 200 -8.48 1.35 -19.26
CA GLY A 200 -7.83 0.07 -19.03
C GLY A 200 -8.06 -0.44 -17.62
N GLY A 201 -7.91 0.45 -16.64
CA GLY A 201 -8.14 0.11 -15.24
C GLY A 201 -9.55 -0.42 -15.02
N CYS A 202 -10.54 0.32 -15.52
CA CYS A 202 -11.95 0.00 -15.34
C CYS A 202 -12.26 -1.36 -15.97
N GLU A 203 -11.82 -1.52 -17.22
CA GLU A 203 -11.98 -2.77 -17.97
C GLU A 203 -11.40 -3.93 -17.19
N ARG A 204 -10.19 -3.74 -16.62
CA ARG A 204 -9.52 -4.75 -15.82
C ARG A 204 -10.39 -5.12 -14.62
N LEU A 205 -10.87 -4.11 -13.88
CA LEU A 205 -11.68 -4.33 -12.70
C LEU A 205 -13.00 -5.00 -13.09
N ALA A 206 -13.42 -4.80 -14.35
CA ALA A 206 -14.67 -5.34 -14.82
C ALA A 206 -14.53 -6.82 -15.17
N THR A 207 -13.36 -7.21 -15.69
CA THR A 207 -13.18 -8.55 -16.23
C THR A 207 -12.38 -9.43 -15.28
N THR A 208 -11.62 -8.81 -14.38
CA THR A 208 -10.85 -9.56 -13.39
C THR A 208 -11.45 -9.33 -12.01
N PRO A 209 -12.36 -10.21 -11.54
CA PRO A 209 -12.91 -10.09 -10.18
C PRO A 209 -11.94 -10.70 -9.16
N VAL A 210 -12.18 -10.40 -7.88
CA VAL A 210 -11.55 -11.13 -6.79
C VAL A 210 -11.78 -12.61 -7.06
N PRO A 211 -10.72 -13.46 -7.15
CA PRO A 211 -10.88 -14.84 -7.58
C PRO A 211 -12.11 -15.50 -6.96
N PHE A 212 -12.89 -16.19 -7.80
CA PHE A 212 -14.15 -16.78 -7.39
C PHE A 212 -13.93 -17.75 -6.22
N ALA A 213 -12.77 -18.43 -6.23
CA ALA A 213 -12.43 -19.41 -5.22
C ALA A 213 -12.55 -18.83 -3.82
N TYR A 214 -12.23 -17.54 -3.66
CA TYR A 214 -12.38 -16.85 -2.38
C TYR A 214 -13.85 -16.88 -1.96
N THR A 215 -14.70 -16.29 -2.80
CA THR A 215 -16.13 -16.13 -2.53
C THR A 215 -16.76 -17.51 -2.34
N LEU A 216 -16.20 -18.51 -3.03
CA LEU A 216 -16.69 -19.88 -2.96
C LEU A 216 -16.39 -20.48 -1.60
N ILE A 217 -15.10 -20.48 -1.23
CA ILE A 217 -14.61 -21.07 0.01
C ILE A 217 -15.33 -20.44 1.19
N LEU A 218 -15.39 -19.10 1.22
CA LEU A 218 -15.93 -18.37 2.35
C LEU A 218 -17.44 -18.57 2.45
N GLN A 219 -18.11 -18.67 1.30
CA GLN A 219 -19.56 -18.81 1.27
C GLN A 219 -19.96 -20.14 1.90
N ARG A 220 -19.20 -21.19 1.58
CA ARG A 220 -19.46 -22.51 2.12
C ARG A 220 -19.21 -22.52 3.63
N THR A 221 -18.02 -22.04 4.03
CA THR A 221 -17.60 -22.14 5.43
C THR A 221 -18.52 -21.33 6.33
N VAL A 222 -18.87 -20.10 5.92
CA VAL A 222 -19.67 -19.21 6.74
C VAL A 222 -21.07 -19.80 6.92
N TYR A 223 -21.64 -20.33 5.84
CA TYR A 223 -22.99 -20.87 5.87
C TYR A 223 -23.05 -22.11 6.76
N LEU A 224 -22.06 -23.00 6.58
CA LEU A 224 -22.00 -24.25 7.32
C LEU A 224 -21.76 -23.98 8.80
N PHE A 225 -20.95 -22.96 9.09
CA PHE A 225 -20.61 -22.57 10.45
C PHE A 225 -21.82 -21.99 11.17
N CYS A 226 -22.64 -21.24 10.43
CA CYS A 226 -23.78 -20.55 11.01
C CYS A 226 -24.90 -21.53 11.35
N THR A 227 -25.02 -22.60 10.57
CA THR A 227 -26.10 -23.56 10.75
C THR A 227 -25.76 -24.55 11.85
N LEU A 228 -24.47 -24.89 11.97
CA LEU A 228 -24.03 -25.85 12.97
C LEU A 228 -23.86 -25.18 14.33
N LEU A 229 -23.82 -23.85 14.35
CA LEU A 229 -23.46 -23.11 15.55
C LEU A 229 -24.45 -23.36 16.68
N PRO A 230 -25.79 -23.25 16.46
CA PRO A 230 -26.75 -23.38 17.54
C PRO A 230 -26.74 -24.76 18.20
N PHE A 231 -26.23 -25.76 17.47
CA PHE A 231 -26.08 -27.12 17.98
C PHE A 231 -24.89 -27.18 18.93
N ALA A 232 -23.87 -26.37 18.64
CA ALA A 232 -22.66 -26.31 19.44
C ALA A 232 -22.82 -25.31 20.57
N LEU A 233 -23.96 -24.60 20.59
CA LEU A 233 -24.21 -23.55 21.56
C LEU A 233 -25.30 -23.98 22.55
N VAL A 234 -26.13 -24.94 22.14
CA VAL A 234 -27.32 -25.30 22.90
C VAL A 234 -26.93 -25.88 24.25
N GLY A 235 -25.87 -26.71 24.27
CA GLY A 235 -25.35 -27.29 25.49
C GLY A 235 -25.11 -26.25 26.58
N ASP A 236 -24.53 -25.11 26.17
CA ASP A 236 -24.10 -24.07 27.10
C ASP A 236 -25.25 -23.12 27.41
N LEU A 237 -26.05 -22.78 26.41
CA LEU A 237 -27.06 -21.73 26.65
C LEU A 237 -28.46 -22.29 26.83
N HIS A 238 -28.67 -23.57 26.48
CA HIS A 238 -30.05 -24.14 26.60
C HIS A 238 -30.97 -23.22 25.78
N TYR A 239 -31.98 -22.62 26.40
CA TYR A 239 -32.94 -21.73 25.70
C TYR A 239 -32.33 -20.47 25.08
N MET A 240 -31.33 -19.85 25.70
CA MET A 240 -30.86 -18.57 25.21
C MET A 240 -30.18 -18.72 23.85
N THR A 241 -30.17 -19.97 23.33
CA THR A 241 -29.44 -20.32 22.13
C THR A 241 -29.86 -19.48 20.93
N PRO A 242 -31.17 -19.35 20.61
CA PRO A 242 -31.59 -18.60 19.41
C PRO A 242 -31.10 -17.16 19.38
N PHE A 243 -31.09 -16.50 20.54
CA PHE A 243 -30.78 -15.08 20.64
C PHE A 243 -29.28 -14.85 20.45
N VAL A 244 -28.46 -15.82 20.87
CA VAL A 244 -27.01 -15.70 20.76
C VAL A 244 -26.57 -16.17 19.38
N SER A 245 -27.14 -17.30 18.92
CA SER A 245 -26.77 -17.89 17.64
C SER A 245 -27.02 -16.90 16.50
N VAL A 246 -28.15 -16.20 16.54
CA VAL A 246 -28.51 -15.22 15.53
C VAL A 246 -27.50 -14.08 15.54
N PHE A 247 -27.18 -13.58 16.75
CA PHE A 247 -26.31 -12.42 16.91
C PHE A 247 -24.91 -12.73 16.34
N ILE A 248 -24.44 -13.96 16.54
CA ILE A 248 -23.15 -14.38 16.00
C ILE A 248 -23.26 -14.57 14.50
N SER A 249 -24.32 -15.27 14.06
CA SER A 249 -24.55 -15.58 12.66
C SER A 249 -24.63 -14.31 11.83
N TYR A 250 -25.43 -13.34 12.30
CA TYR A 250 -25.66 -12.08 11.61
C TYR A 250 -24.33 -11.36 11.39
N THR A 251 -23.45 -11.43 12.40
CA THR A 251 -22.15 -10.75 12.36
C THR A 251 -21.31 -11.30 11.21
N PHE A 252 -21.23 -12.63 11.10
CA PHE A 252 -20.44 -13.26 10.06
C PHE A 252 -21.07 -13.05 8.70
N LEU A 253 -22.41 -12.96 8.66
CA LEU A 253 -23.14 -12.85 7.40
C LEU A 253 -23.11 -11.41 6.90
N SER A 254 -23.18 -10.44 7.83
CA SER A 254 -23.09 -9.03 7.51
C SER A 254 -21.74 -8.75 6.84
N TRP A 255 -20.67 -9.17 7.52
CA TRP A 255 -19.31 -8.90 7.10
C TRP A 255 -19.02 -9.59 5.76
N ASP A 256 -19.66 -10.74 5.54
CA ASP A 256 -19.45 -11.50 4.30
C ASP A 256 -20.14 -10.81 3.13
N SER A 257 -21.36 -10.30 3.39
CA SER A 257 -22.17 -9.71 2.33
C SER A 257 -21.68 -8.30 1.98
N LEU A 258 -20.92 -7.70 2.91
CA LEU A 258 -20.32 -6.39 2.68
C LEU A 258 -19.28 -6.51 1.56
N ALA A 259 -18.56 -7.62 1.54
CA ALA A 259 -17.51 -7.85 0.56
C ALA A 259 -18.11 -8.15 -0.80
N GLU A 260 -19.30 -8.77 -0.81
CA GLU A 260 -19.95 -9.21 -2.02
C GLU A 260 -20.56 -8.03 -2.78
N GLU A 261 -20.74 -6.91 -2.07
CA GLU A 261 -21.30 -5.71 -2.68
C GLU A 261 -20.19 -4.80 -3.18
N LEU A 262 -19.01 -4.90 -2.56
CA LEU A 262 -17.91 -3.98 -2.85
C LEU A 262 -17.07 -4.50 -4.01
N GLU A 263 -17.27 -5.77 -4.38
CA GLU A 263 -16.48 -6.42 -5.41
C GLU A 263 -17.03 -6.09 -6.80
N ASP A 264 -18.30 -5.66 -6.86
CA ASP A 264 -18.95 -5.34 -8.11
C ASP A 264 -19.40 -3.88 -8.08
N PRO A 265 -18.49 -2.90 -8.18
CA PRO A 265 -18.82 -1.50 -7.94
C PRO A 265 -19.35 -0.73 -9.17
N PHE A 266 -19.66 -1.46 -10.24
CA PHE A 266 -20.07 -0.84 -11.48
C PHE A 266 -21.55 -1.10 -11.78
N ALA A 267 -22.20 -1.92 -10.94
CA ALA A 267 -23.61 -2.25 -11.11
C ALA A 267 -24.49 -1.17 -10.51
N THR A 268 -25.80 -1.45 -10.41
CA THR A 268 -26.78 -0.52 -9.87
C THR A 268 -27.34 -1.01 -8.54
N ALA A 269 -26.45 -1.58 -7.70
CA ALA A 269 -26.82 -1.98 -6.35
C ALA A 269 -26.83 -0.76 -5.43
N ALA A 270 -27.04 -1.00 -4.14
CA ALA A 270 -27.18 0.07 -3.15
C ALA A 270 -25.80 0.60 -2.74
N ASN A 271 -24.79 -0.28 -2.77
CA ASN A 271 -23.45 0.05 -2.29
C ASN A 271 -22.56 0.52 -3.45
N ASP A 272 -23.04 0.36 -4.69
CA ASP A 272 -22.24 0.58 -5.87
C ASP A 272 -22.14 2.08 -6.18
N LEU A 273 -21.30 2.41 -7.18
CA LEU A 273 -21.01 3.79 -7.54
C LEU A 273 -22.19 4.40 -8.29
N PRO A 274 -22.63 5.64 -7.93
CA PRO A 274 -23.64 6.35 -8.70
C PRO A 274 -23.02 6.94 -9.98
N LEU A 275 -22.84 6.08 -10.99
CA LEU A 275 -22.08 6.42 -12.18
C LEU A 275 -22.83 7.44 -13.04
N ASN A 276 -24.16 7.47 -12.90
CA ASN A 276 -25.00 8.41 -13.62
C ASN A 276 -24.77 9.82 -13.08
N ALA A 277 -24.77 9.93 -11.75
CA ALA A 277 -24.58 11.21 -11.07
C ALA A 277 -23.19 11.76 -11.38
N MET A 278 -22.19 10.88 -11.32
CA MET A 278 -20.79 11.21 -11.56
C MET A 278 -20.61 11.70 -13.00
N CYS A 279 -21.37 11.09 -13.92
CA CYS A 279 -21.29 11.44 -15.34
C CYS A 279 -21.88 12.83 -15.57
N ASN A 280 -22.95 13.14 -14.82
CA ASN A 280 -23.58 14.45 -14.86
C ASN A 280 -22.59 15.50 -14.35
N THR A 281 -21.94 15.17 -13.23
CA THR A 281 -20.94 16.03 -12.60
C THR A 281 -19.86 16.38 -13.62
N ILE A 282 -19.43 15.40 -14.42
CA ILE A 282 -18.39 15.58 -15.42
C ILE A 282 -18.94 16.43 -16.57
N GLU A 283 -20.18 16.16 -16.98
CA GLU A 283 -20.81 16.92 -18.05
C GLU A 283 -21.05 18.36 -17.58
N ARG A 284 -21.49 18.51 -16.32
CA ARG A 284 -21.73 19.81 -15.73
C ARG A 284 -20.41 20.58 -15.66
N ASN A 285 -19.35 19.90 -15.21
CA ASN A 285 -18.06 20.52 -14.97
C ASN A 285 -17.47 21.10 -16.26
N LEU A 286 -17.56 20.32 -17.36
CA LEU A 286 -16.92 20.72 -18.60
C LEU A 286 -17.74 21.82 -19.28
N LEU A 287 -19.05 21.85 -19.01
CA LEU A 287 -19.93 22.86 -19.55
C LEU A 287 -19.96 24.08 -18.61
N ASP A 288 -19.21 23.98 -17.52
CA ASP A 288 -18.98 25.08 -16.61
C ASP A 288 -17.72 25.82 -17.02
N MET A 289 -16.70 25.04 -17.46
CA MET A 289 -15.41 25.58 -17.86
C MET A 289 -15.53 26.24 -19.23
N THR A 290 -16.41 25.68 -20.08
CA THR A 290 -16.82 26.32 -21.31
C THR A 290 -18.26 26.83 -21.15
N GLY A 291 -18.94 27.11 -22.25
CA GLY A 291 -20.33 27.57 -22.06
C GLY A 291 -20.38 29.07 -21.94
N GLN A 292 -19.21 29.70 -21.75
CA GLN A 292 -19.14 31.18 -21.71
C GLN A 292 -19.13 31.62 -23.18
N HIS A 293 -20.29 31.98 -23.74
CA HIS A 293 -20.37 32.44 -25.15
C HIS A 293 -19.30 33.53 -25.33
N PRO A 294 -18.19 33.25 -26.02
CA PRO A 294 -17.12 34.24 -26.13
C PRO A 294 -17.36 35.25 -27.24
N LEU A 295 -16.68 36.40 -27.14
CA LEU A 295 -16.78 37.53 -28.05
C LEU A 295 -18.16 38.20 -27.97
N PRO A 296 -18.66 38.55 -26.76
CA PRO A 296 -19.84 39.41 -26.64
C PRO A 296 -19.48 40.84 -26.26
N GLU A 297 -18.30 41.28 -26.73
CA GLU A 297 -17.66 42.53 -26.35
C GLU A 297 -17.16 42.47 -24.90
N SER B 25 -8.22 -30.49 -7.51
CA SER B 25 -8.48 -30.52 -6.04
C SER B 25 -7.83 -31.76 -5.42
N LYS B 26 -6.61 -31.58 -4.92
CA LYS B 26 -5.88 -32.63 -4.23
C LYS B 26 -6.17 -32.54 -2.73
N ILE B 27 -7.09 -31.64 -2.38
CA ILE B 27 -7.53 -31.43 -1.01
C ILE B 27 -8.45 -32.58 -0.60
N ILE B 28 -9.20 -33.11 -1.59
CA ILE B 28 -10.23 -34.12 -1.34
C ILE B 28 -9.61 -35.38 -0.73
N PHE B 29 -8.40 -35.73 -1.17
CA PHE B 29 -7.68 -36.88 -0.65
C PHE B 29 -7.39 -36.67 0.84
N ARG B 30 -6.83 -35.50 1.16
CA ARG B 30 -6.43 -35.18 2.53
C ARG B 30 -7.65 -34.99 3.42
N LEU B 31 -8.78 -34.60 2.81
CA LEU B 31 -10.04 -34.45 3.53
C LEU B 31 -10.60 -35.82 3.89
N LEU B 32 -10.46 -36.77 2.96
CA LEU B 32 -10.95 -38.13 3.15
C LEU B 32 -10.08 -38.85 4.19
N LEU B 33 -8.77 -38.62 4.11
CA LEU B 33 -7.79 -39.22 5.00
C LEU B 33 -7.99 -38.68 6.42
N ASN B 34 -8.56 -37.47 6.51
CA ASN B 34 -8.82 -36.81 7.78
C ASN B 34 -9.97 -37.52 8.50
N VAL B 35 -10.93 -38.03 7.73
CA VAL B 35 -12.08 -38.73 8.27
C VAL B 35 -11.63 -40.08 8.82
N LEU B 36 -10.62 -40.67 8.16
CA LEU B 36 -10.05 -41.96 8.57
C LEU B 36 -9.34 -41.80 9.91
N MET B 37 -8.61 -40.68 10.07
CA MET B 37 -7.89 -40.38 11.29
C MET B 37 -8.87 -40.11 12.42
N SER B 38 -10.05 -39.56 12.06
CA SER B 38 -11.09 -39.20 13.01
C SER B 38 -11.76 -40.45 13.58
N ILE B 39 -11.85 -41.51 12.77
CA ILE B 39 -12.40 -42.78 13.22
C ILE B 39 -11.42 -43.41 14.20
N ILE B 40 -10.13 -43.36 13.87
CA ILE B 40 -9.06 -43.87 14.72
C ILE B 40 -9.17 -43.24 16.11
N ALA B 41 -9.44 -41.94 16.16
CA ALA B 41 -9.49 -41.16 17.39
C ALA B 41 -10.70 -41.56 18.24
N ILE B 42 -11.82 -41.85 17.58
CA ILE B 42 -13.06 -42.22 18.26
C ILE B 42 -12.86 -43.57 18.96
N ILE B 43 -12.31 -44.54 18.22
CA ILE B 43 -12.21 -45.93 18.67
C ILE B 43 -11.13 -46.05 19.74
N SER B 44 -10.16 -45.12 19.74
CA SER B 44 -9.02 -45.23 20.63
C SER B 44 -9.14 -44.27 21.82
N TYR B 45 -10.33 -43.66 22.00
CA TYR B 45 -10.51 -42.68 23.05
C TYR B 45 -10.63 -43.35 24.43
N GLN B 46 -11.31 -44.50 24.48
CA GLN B 46 -11.44 -45.27 25.71
C GLN B 46 -10.06 -45.54 26.31
N TRP B 47 -9.08 -45.79 25.43
CA TRP B 47 -7.80 -46.35 25.80
C TRP B 47 -6.77 -45.25 26.11
N TYR B 48 -7.27 -44.01 26.23
CA TYR B 48 -6.41 -42.86 26.44
C TYR B 48 -5.62 -43.00 27.74
N GLU B 49 -6.34 -43.25 28.85
CA GLU B 49 -5.70 -43.31 30.16
C GLU B 49 -4.86 -44.58 30.28
N GLN B 50 -5.21 -45.62 29.52
CA GLN B 50 -4.42 -46.84 29.49
C GLN B 50 -3.08 -46.56 28.81
N LEU B 51 -3.13 -45.80 27.71
CA LEU B 51 -1.95 -45.47 26.92
C LEU B 51 -1.27 -44.23 27.49
N GLY B 52 -1.88 -43.66 28.53
CA GLY B 52 -1.31 -42.55 29.29
C GLY B 52 -1.28 -41.24 28.50
N ILE B 53 -2.25 -41.09 27.58
CA ILE B 53 -2.31 -39.92 26.70
C ILE B 53 -3.50 -39.05 27.10
N HIS B 54 -3.21 -37.76 27.33
CA HIS B 54 -4.22 -36.75 27.59
C HIS B 54 -4.06 -35.64 26.53
N LEU B 55 -5.18 -35.25 25.91
CA LEU B 55 -5.18 -34.19 24.92
C LEU B 55 -6.42 -33.33 25.09
N THR B 56 -6.22 -32.03 25.36
CA THR B 56 -7.32 -31.08 25.46
C THR B 56 -7.32 -30.18 24.22
N VAL B 57 -8.38 -29.37 24.09
CA VAL B 57 -8.60 -28.53 22.91
C VAL B 57 -7.73 -27.27 23.02
N ALA B 58 -7.62 -26.74 24.25
CA ALA B 58 -6.97 -25.47 24.53
C ALA B 58 -5.62 -25.32 23.83
N PRO B 59 -4.69 -26.30 23.89
CA PRO B 59 -3.39 -26.17 23.23
C PRO B 59 -3.51 -26.11 21.70
N PHE B 60 -4.49 -26.85 21.17
CA PHE B 60 -4.70 -26.91 19.73
C PHE B 60 -5.38 -25.64 19.24
N SER B 61 -6.23 -25.05 20.09
CA SER B 61 -6.82 -23.74 19.84
C SER B 61 -5.72 -22.71 19.65
N LEU B 62 -4.76 -22.71 20.58
CA LEU B 62 -3.60 -21.83 20.54
C LEU B 62 -2.85 -22.01 19.24
N LEU B 63 -2.52 -23.28 18.92
CA LEU B 63 -1.72 -23.59 17.75
C LEU B 63 -2.50 -23.25 16.48
N GLY B 64 -3.79 -23.60 16.46
CA GLY B 64 -4.66 -23.40 15.31
C GLY B 64 -4.79 -21.92 14.95
N ILE B 65 -5.05 -21.09 15.96
CA ILE B 65 -5.20 -19.66 15.78
C ILE B 65 -3.90 -19.06 15.25
N ALA B 66 -2.77 -19.59 15.72
CA ALA B 66 -1.46 -19.12 15.27
C ALA B 66 -1.26 -19.49 13.80
N ILE B 67 -1.65 -20.70 13.43
CA ILE B 67 -1.53 -21.18 12.05
C ILE B 67 -2.46 -20.36 11.16
N ALA B 68 -3.65 -20.04 11.69
CA ALA B 68 -4.64 -19.27 10.95
C ALA B 68 -4.14 -17.86 10.67
N ILE B 69 -3.47 -17.26 11.66
CA ILE B 69 -2.91 -15.92 11.52
C ILE B 69 -1.84 -15.94 10.43
N PHE B 70 -0.99 -16.97 10.46
CA PHE B 70 0.13 -17.08 9.55
C PHE B 70 -0.37 -17.38 8.14
N LEU B 71 -1.41 -18.23 8.04
CA LEU B 71 -2.06 -18.52 6.78
C LEU B 71 -2.72 -17.24 6.25
N GLY B 72 -3.30 -16.47 7.18
CA GLY B 72 -3.99 -15.22 6.84
C GLY B 72 -3.07 -14.25 6.11
N PHE B 73 -1.87 -14.07 6.67
CA PHE B 73 -0.85 -13.18 6.13
C PHE B 73 -0.32 -13.74 4.82
N ARG B 74 -0.02 -15.05 4.80
CA ARG B 74 0.59 -15.71 3.65
C ARG B 74 -0.31 -15.53 2.43
N ASN B 75 -1.61 -15.77 2.63
CA ASN B 75 -2.61 -15.73 1.57
C ASN B 75 -2.68 -14.31 1.00
N SER B 76 -2.62 -13.31 1.88
CA SER B 76 -2.67 -11.91 1.49
C SER B 76 -1.50 -11.56 0.57
N ALA B 77 -0.31 -12.06 0.93
CA ALA B 77 0.91 -11.81 0.18
C ALA B 77 0.82 -12.44 -1.21
N SER B 78 0.14 -13.59 -1.28
CA SER B 78 -0.03 -14.32 -2.53
C SER B 78 -0.98 -13.58 -3.46
N TYR B 79 -2.06 -13.04 -2.88
CA TYR B 79 -3.05 -12.31 -3.65
C TYR B 79 -2.41 -11.08 -4.27
N SER B 80 -1.47 -10.47 -3.52
CA SER B 80 -0.73 -9.30 -3.96
C SER B 80 0.00 -9.59 -5.27
N ARG B 81 0.76 -10.70 -5.28
CA ARG B 81 1.48 -11.12 -6.46
C ARG B 81 0.52 -11.28 -7.63
N PHE B 82 -0.66 -11.85 -7.35
CA PHE B 82 -1.68 -12.03 -8.36
C PHE B 82 -2.14 -10.67 -8.89
N VAL B 83 -2.38 -9.72 -7.98
CA VAL B 83 -2.89 -8.41 -8.35
C VAL B 83 -1.85 -7.64 -9.16
N GLU B 84 -0.58 -7.74 -8.75
CA GLU B 84 0.48 -7.04 -9.46
C GLU B 84 0.64 -7.65 -10.85
N ALA B 85 0.61 -8.98 -10.91
CA ALA B 85 0.65 -9.70 -12.17
C ALA B 85 -0.41 -9.15 -13.11
N ARG B 86 -1.65 -9.02 -12.59
CA ARG B 86 -2.79 -8.60 -13.39
C ARG B 86 -2.61 -7.16 -13.85
N ASN B 87 -2.08 -6.30 -12.97
CA ASN B 87 -1.86 -4.89 -13.27
C ASN B 87 -0.82 -4.75 -14.37
N LEU B 88 0.26 -5.53 -14.27
CA LEU B 88 1.33 -5.50 -15.24
C LEU B 88 0.78 -5.82 -16.63
N TRP B 89 -0.16 -6.76 -16.69
CA TRP B 89 -0.75 -7.20 -17.94
C TRP B 89 -1.72 -6.15 -18.47
N GLY B 90 -2.42 -5.48 -17.55
CA GLY B 90 -3.33 -4.39 -17.91
C GLY B 90 -2.59 -3.24 -18.58
N THR B 91 -1.32 -3.06 -18.17
CA THR B 91 -0.49 -1.97 -18.68
C THR B 91 -0.13 -2.23 -20.14
N VAL B 92 0.05 -3.51 -20.48
CA VAL B 92 0.37 -3.88 -21.85
C VAL B 92 -0.70 -3.28 -22.77
N LEU B 93 -1.97 -3.62 -22.49
CA LEU B 93 -3.07 -3.15 -23.30
C LEU B 93 -3.07 -1.62 -23.37
N ILE B 94 -2.92 -0.98 -22.21
CA ILE B 94 -3.00 0.47 -22.09
C ILE B 94 -1.91 1.11 -22.94
N ALA B 95 -0.66 0.69 -22.72
CA ALA B 95 0.49 1.35 -23.32
C ALA B 95 0.54 1.03 -24.82
N GLU B 96 0.08 -0.17 -25.19
CA GLU B 96 0.04 -0.55 -26.59
C GLU B 96 -1.07 0.22 -27.31
N ARG B 97 -2.21 0.40 -26.63
CA ARG B 97 -3.33 1.14 -27.17
C ARG B 97 -2.89 2.56 -27.53
N THR B 98 -2.18 3.21 -26.60
CA THR B 98 -1.91 4.64 -26.75
C THR B 98 -0.81 4.87 -27.77
N LEU B 99 0.13 3.91 -27.87
CA LEU B 99 1.21 4.04 -28.84
C LEU B 99 0.64 4.06 -30.25
N VAL B 100 -0.25 3.09 -30.53
CA VAL B 100 -0.94 3.02 -31.80
C VAL B 100 -1.72 4.31 -32.01
N ARG B 101 -2.44 4.75 -30.97
CA ARG B 101 -3.18 5.99 -31.00
C ARG B 101 -2.27 7.14 -31.42
N GLN B 102 -1.13 7.28 -30.72
CA GLN B 102 -0.16 8.33 -30.98
C GLN B 102 0.30 8.27 -32.44
N LEU B 103 0.51 7.05 -32.95
CA LEU B 103 0.92 6.87 -34.34
C LEU B 103 -0.19 7.35 -35.28
N ARG B 104 -1.43 6.96 -34.97
CA ARG B 104 -2.60 7.30 -35.76
C ARG B 104 -2.87 8.81 -35.67
N ASN B 105 -2.33 9.45 -34.62
CA ASN B 105 -2.60 10.85 -34.34
C ASN B 105 -1.49 11.76 -34.90
N ILE B 106 -0.24 11.29 -34.85
CA ILE B 106 0.90 12.11 -35.23
C ILE B 106 1.28 11.84 -36.69
N LEU B 107 1.22 10.57 -37.11
CA LEU B 107 1.51 10.21 -38.49
C LEU B 107 0.33 9.40 -39.06
N PRO B 108 -0.82 10.05 -39.35
CA PRO B 108 -2.03 9.32 -39.75
C PRO B 108 -1.91 8.67 -41.12
N ALA B 109 -0.82 9.01 -41.83
CA ALA B 109 -0.61 8.61 -43.22
C ALA B 109 0.18 7.30 -43.30
N GLU B 110 1.03 7.06 -42.30
CA GLU B 110 2.08 6.04 -42.38
C GLU B 110 1.53 4.65 -42.02
N HIS B 111 0.61 4.14 -42.84
CA HIS B 111 -0.09 2.90 -42.56
C HIS B 111 0.88 1.71 -42.56
N ASP B 112 1.94 1.81 -43.37
CA ASP B 112 2.92 0.73 -43.48
C ASP B 112 3.69 0.62 -42.17
N ALA B 113 4.00 1.77 -41.56
CA ALA B 113 4.64 1.84 -40.25
C ALA B 113 3.67 1.32 -39.18
N HIS B 114 2.41 1.74 -39.27
CA HIS B 114 1.36 1.31 -38.35
C HIS B 114 1.34 -0.21 -38.26
N ARG B 115 1.23 -0.87 -39.42
CA ARG B 115 1.05 -2.31 -39.49
C ARG B 115 2.24 -3.03 -38.89
N ARG B 116 3.45 -2.56 -39.20
CA ARG B 116 4.67 -3.19 -38.72
C ARG B 116 4.74 -3.09 -37.20
N ILE B 117 4.47 -1.89 -36.67
CA ILE B 117 4.57 -1.63 -35.23
C ILE B 117 3.52 -2.46 -34.51
N VAL B 118 2.27 -2.43 -34.99
CA VAL B 118 1.19 -3.17 -34.36
C VAL B 118 1.60 -4.64 -34.23
N SER B 119 2.06 -5.23 -35.34
CA SER B 119 2.37 -6.65 -35.38
C SER B 119 3.45 -7.00 -34.34
N TYR B 120 4.38 -6.07 -34.12
CA TYR B 120 5.40 -6.23 -33.10
C TYR B 120 4.77 -6.21 -31.71
N LEU B 121 3.88 -5.22 -31.49
CA LEU B 121 3.23 -5.06 -30.20
C LEU B 121 2.38 -6.30 -29.89
N VAL B 122 1.74 -6.87 -30.92
CA VAL B 122 0.95 -8.08 -30.76
C VAL B 122 1.90 -9.24 -30.45
N ALA B 123 3.07 -9.24 -31.13
CA ALA B 123 4.07 -10.28 -30.95
C ALA B 123 4.62 -10.23 -29.53
N PHE B 124 4.84 -9.01 -29.03
CA PHE B 124 5.33 -8.77 -27.68
C PHE B 124 4.45 -9.48 -26.65
N SER B 125 3.12 -9.37 -26.84
CA SER B 125 2.14 -9.95 -25.92
C SER B 125 2.26 -11.46 -25.87
N TRP B 126 2.13 -12.09 -27.05
CA TRP B 126 2.17 -13.55 -27.14
C TRP B 126 3.53 -14.07 -26.69
N SER B 127 4.59 -13.38 -27.09
CA SER B 127 5.96 -13.72 -26.70
C SER B 127 6.09 -13.71 -25.19
N LEU B 128 5.53 -12.69 -24.53
CA LEU B 128 5.60 -12.55 -23.09
C LEU B 128 4.85 -13.70 -22.42
N LYS B 129 3.70 -14.09 -23.00
CA LYS B 129 2.88 -15.16 -22.46
C LYS B 129 3.65 -16.47 -22.49
N HIS B 130 4.34 -16.71 -23.61
CA HIS B 130 5.10 -17.94 -23.79
C HIS B 130 6.28 -17.95 -22.82
N GLN B 131 6.96 -16.81 -22.70
CA GLN B 131 8.08 -16.62 -21.79
C GLN B 131 7.70 -17.10 -20.39
N LEU B 132 6.59 -16.56 -19.87
CA LEU B 132 6.15 -16.79 -18.50
C LEU B 132 5.60 -18.20 -18.34
N ARG B 133 5.24 -18.85 -19.45
CA ARG B 133 4.71 -20.19 -19.42
C ARG B 133 5.82 -21.19 -19.77
N LYS B 134 7.00 -20.66 -20.11
CA LYS B 134 8.11 -21.45 -20.60
C LYS B 134 7.62 -22.40 -21.68
N THR B 135 7.03 -21.84 -22.74
CA THR B 135 6.53 -22.61 -23.87
C THR B 135 7.02 -21.98 -25.17
N ASP B 136 6.79 -22.69 -26.28
CA ASP B 136 7.37 -22.35 -27.57
C ASP B 136 6.57 -21.23 -28.23
N PRO B 137 7.18 -20.05 -28.48
CA PRO B 137 6.50 -18.93 -29.12
C PRO B 137 6.60 -18.92 -30.65
N THR B 138 7.16 -19.99 -31.21
CA THR B 138 7.51 -20.03 -32.62
C THR B 138 6.26 -19.94 -33.49
N ALA B 139 5.23 -20.72 -33.15
CA ALA B 139 4.00 -20.79 -33.92
C ALA B 139 3.38 -19.40 -34.04
N ASP B 140 3.21 -18.73 -32.90
CA ASP B 140 2.51 -17.46 -32.82
C ASP B 140 3.30 -16.37 -33.54
N LEU B 141 4.63 -16.47 -33.51
CA LEU B 141 5.50 -15.46 -34.09
C LEU B 141 5.42 -15.47 -35.62
N ARG B 142 5.41 -16.69 -36.19
CA ARG B 142 5.35 -16.88 -37.62
C ARG B 142 4.01 -16.40 -38.16
N ARG B 143 2.96 -16.54 -37.34
CA ARG B 143 1.61 -16.11 -37.65
C ARG B 143 1.56 -14.59 -37.81
N LEU B 144 2.55 -13.90 -37.23
CA LEU B 144 2.46 -12.46 -37.01
C LEU B 144 3.54 -11.70 -37.78
N LEU B 145 4.71 -12.32 -37.95
CA LEU B 145 5.88 -11.60 -38.45
C LEU B 145 6.55 -12.39 -39.59
N PRO B 146 7.32 -11.72 -40.48
CA PRO B 146 8.14 -12.40 -41.47
C PRO B 146 9.25 -13.24 -40.82
N GLU B 147 9.67 -14.29 -41.54
CA GLU B 147 10.57 -15.31 -41.01
C GLU B 147 11.95 -14.73 -40.70
N GLU B 148 12.37 -13.69 -41.45
CA GLU B 148 13.64 -13.02 -41.23
C GLU B 148 13.68 -12.42 -39.84
N ARG B 149 12.48 -12.09 -39.32
CA ARG B 149 12.34 -11.47 -38.01
C ARG B 149 12.17 -12.55 -36.95
N VAL B 150 11.47 -13.63 -37.30
CA VAL B 150 11.19 -14.73 -36.38
C VAL B 150 12.51 -15.38 -35.96
N THR B 151 13.45 -15.47 -36.90
CA THR B 151 14.77 -16.04 -36.64
C THR B 151 15.60 -15.07 -35.81
N GLU B 152 15.46 -13.76 -36.09
CA GLU B 152 16.15 -12.72 -35.35
C GLU B 152 15.70 -12.72 -33.89
N ILE B 153 14.40 -13.01 -33.68
CA ILE B 153 13.78 -12.97 -32.37
C ILE B 153 14.18 -14.21 -31.58
N LEU B 154 14.06 -15.39 -32.21
CA LEU B 154 14.37 -16.66 -31.56
C LEU B 154 15.88 -16.78 -31.31
N ALA B 155 16.66 -15.94 -31.99
CA ALA B 155 18.11 -15.90 -31.82
C ALA B 155 18.46 -15.33 -30.44
N SER B 156 17.66 -14.36 -29.99
CA SER B 156 17.95 -13.60 -28.79
C SER B 156 17.69 -14.44 -27.54
N SER B 157 18.50 -14.22 -26.50
CA SER B 157 18.37 -14.86 -25.21
C SER B 157 17.04 -14.46 -24.56
N MET B 158 16.67 -13.19 -24.73
CA MET B 158 15.39 -12.66 -24.30
C MET B 158 14.61 -12.21 -25.53
N PRO B 159 13.73 -13.07 -26.09
CA PRO B 159 13.02 -12.74 -27.33
C PRO B 159 12.06 -11.56 -27.20
N THR B 160 11.45 -11.42 -26.02
CA THR B 160 10.45 -10.38 -25.78
C THR B 160 11.11 -9.00 -25.81
N ASN B 161 12.32 -8.92 -25.25
CA ASN B 161 13.11 -7.70 -25.23
C ASN B 161 13.58 -7.36 -26.64
N ARG B 162 13.80 -8.41 -27.45
CA ARG B 162 14.24 -8.27 -28.83
C ARG B 162 13.13 -7.62 -29.65
N ILE B 163 11.88 -8.03 -29.37
CA ILE B 163 10.69 -7.52 -30.05
C ILE B 163 10.54 -6.04 -29.74
N LEU B 164 10.77 -5.65 -28.48
CA LEU B 164 10.73 -4.26 -28.07
C LEU B 164 11.74 -3.45 -28.87
N LEU B 165 12.93 -4.03 -29.08
CA LEU B 165 14.02 -3.35 -29.76
C LEU B 165 13.65 -3.11 -31.21
N LEU B 166 12.96 -4.09 -31.81
CA LEU B 166 12.53 -4.00 -33.20
C LEU B 166 11.43 -2.95 -33.32
N ALA B 167 10.46 -3.00 -32.41
CA ALA B 167 9.42 -1.97 -32.31
C ALA B 167 10.08 -0.59 -32.19
N GLY B 168 11.19 -0.54 -31.46
CA GLY B 168 11.94 0.68 -31.23
C GLY B 168 12.62 1.20 -32.50
N ASN B 169 13.11 0.26 -33.31
CA ASN B 169 13.78 0.60 -34.57
C ASN B 169 12.81 1.29 -35.51
N GLU B 170 11.54 0.86 -35.48
CA GLU B 170 10.50 1.41 -36.32
C GLU B 170 10.24 2.87 -35.98
N ILE B 171 10.14 3.16 -34.67
CA ILE B 171 9.93 4.51 -34.18
C ILE B 171 11.17 5.33 -34.47
N GLY B 172 12.34 4.71 -34.31
CA GLY B 172 13.62 5.35 -34.53
C GLY B 172 13.82 5.79 -35.97
N GLN B 173 13.39 4.94 -36.91
CA GLN B 173 13.60 5.15 -38.33
C GLN B 173 12.68 6.26 -38.84
N LEU B 174 11.52 6.43 -38.20
CA LEU B 174 10.60 7.50 -38.56
C LEU B 174 11.17 8.84 -38.10
N ARG B 175 12.13 8.80 -37.19
CA ARG B 175 12.77 10.01 -36.69
C ARG B 175 13.98 10.34 -37.57
N GLU B 176 14.69 9.30 -38.00
CA GLU B 176 15.81 9.45 -38.94
C GLU B 176 15.30 10.11 -40.21
N ALA B 177 14.11 9.70 -40.64
CA ALA B 177 13.46 10.19 -41.84
C ALA B 177 12.81 11.55 -41.59
N GLY B 178 12.87 12.00 -40.34
CA GLY B 178 12.39 13.33 -39.96
C GLY B 178 10.87 13.45 -39.96
N LYS B 179 10.19 12.31 -39.99
CA LYS B 179 8.73 12.25 -39.93
C LYS B 179 8.26 12.51 -38.50
N LEU B 180 9.08 12.10 -37.54
CA LEU B 180 8.87 12.41 -36.13
C LEU B 180 9.94 13.40 -35.69
N SER B 181 9.52 14.36 -34.85
CA SER B 181 10.46 15.23 -34.17
C SER B 181 10.95 14.53 -32.91
N ASP B 182 11.92 15.14 -32.23
CA ASP B 182 12.45 14.57 -30.99
C ASP B 182 11.33 14.47 -29.96
N ILE B 183 10.45 15.48 -29.92
CA ILE B 183 9.35 15.53 -28.96
C ILE B 183 8.42 14.34 -29.17
N THR B 184 7.89 14.22 -30.39
CA THR B 184 6.89 13.21 -30.70
C THR B 184 7.52 11.81 -30.66
N TYR B 185 8.80 11.71 -31.01
CA TYR B 185 9.51 10.46 -30.84
C TYR B 185 9.50 10.09 -29.35
N GLY B 186 9.83 11.07 -28.51
CA GLY B 186 9.87 10.90 -27.07
C GLY B 186 8.54 10.40 -26.50
N LEU B 187 7.44 11.00 -26.99
CA LEU B 187 6.10 10.67 -26.56
C LEU B 187 5.84 9.17 -26.77
N MET B 188 6.35 8.65 -27.89
CA MET B 188 6.14 7.26 -28.27
C MET B 188 7.17 6.37 -27.58
N ASP B 189 8.38 6.89 -27.43
CA ASP B 189 9.45 6.21 -26.72
C ASP B 189 9.01 5.88 -25.31
N ASN B 190 8.31 6.83 -24.66
CA ASN B 190 7.82 6.67 -23.30
C ASN B 190 7.00 5.39 -23.16
N LYS B 191 6.26 5.05 -24.21
CA LYS B 191 5.31 3.94 -24.19
C LYS B 191 6.06 2.61 -24.28
N LEU B 192 7.24 2.64 -24.91
CA LEU B 192 8.07 1.45 -25.00
C LEU B 192 8.74 1.18 -23.67
N ASP B 193 9.09 2.26 -22.96
CA ASP B 193 9.66 2.20 -21.62
C ASP B 193 8.64 1.59 -20.67
N GLU B 194 7.37 1.89 -20.91
CA GLU B 194 6.28 1.41 -20.10
C GLU B 194 6.16 -0.12 -20.24
N LEU B 195 6.32 -0.60 -21.47
CA LEU B 195 6.23 -2.03 -21.77
C LEU B 195 7.44 -2.75 -21.19
N ALA B 196 8.59 -2.07 -21.17
CA ALA B 196 9.83 -2.61 -20.65
C ALA B 196 9.70 -2.86 -19.15
N HIS B 197 8.95 -1.98 -18.48
CA HIS B 197 8.64 -2.11 -17.07
C HIS B 197 7.72 -3.31 -16.83
N VAL B 198 6.80 -3.54 -17.76
CA VAL B 198 5.92 -4.71 -17.70
C VAL B 198 6.78 -5.97 -17.81
N LEU B 199 7.68 -5.98 -18.80
CA LEU B 199 8.54 -7.12 -19.06
C LEU B 199 9.33 -7.47 -17.80
N GLY B 200 10.06 -6.49 -17.25
CA GLY B 200 10.86 -6.67 -16.06
C GLY B 200 10.02 -7.08 -14.86
N GLY B 201 8.84 -6.48 -14.72
CA GLY B 201 7.94 -6.78 -13.61
C GLY B 201 7.53 -8.25 -13.62
N CYS B 202 7.19 -8.75 -14.81
CA CYS B 202 6.70 -10.10 -14.97
C CYS B 202 7.83 -11.09 -14.70
N GLU B 203 9.04 -10.76 -15.17
CA GLU B 203 10.22 -11.57 -14.95
C GLU B 203 10.47 -11.71 -13.45
N ARG B 204 10.36 -10.60 -12.73
CA ARG B 204 10.55 -10.57 -11.29
C ARG B 204 9.62 -11.58 -10.63
N LEU B 205 8.34 -11.55 -11.01
CA LEU B 205 7.34 -12.43 -10.42
C LEU B 205 7.59 -13.88 -10.83
N ALA B 206 7.99 -14.08 -12.09
CA ALA B 206 8.10 -15.42 -12.65
C ALA B 206 9.36 -16.11 -12.12
N THR B 207 10.53 -15.51 -12.42
CA THR B 207 11.83 -16.14 -12.22
C THR B 207 12.03 -16.50 -10.74
N THR B 208 11.70 -15.56 -9.84
CA THR B 208 11.77 -15.84 -8.42
C THR B 208 10.38 -15.69 -7.80
N PRO B 209 9.79 -16.79 -7.29
CA PRO B 209 8.54 -16.72 -6.54
C PRO B 209 8.80 -16.24 -5.11
N VAL B 210 7.87 -16.58 -4.20
CA VAL B 210 8.09 -16.39 -2.77
C VAL B 210 9.21 -17.34 -2.34
N PRO B 211 9.88 -17.10 -1.18
CA PRO B 211 10.83 -18.06 -0.63
C PRO B 211 10.28 -19.47 -0.58
N PHE B 212 11.17 -20.46 -0.68
CA PHE B 212 10.78 -21.86 -0.71
C PHE B 212 10.51 -22.38 0.70
N ALA B 213 10.95 -21.59 1.70
CA ALA B 213 10.68 -21.90 3.11
C ALA B 213 9.19 -21.81 3.38
N TYR B 214 8.55 -20.74 2.87
CA TYR B 214 7.14 -20.45 3.04
C TYR B 214 6.29 -21.70 2.80
N THR B 215 6.52 -22.37 1.66
CA THR B 215 5.65 -23.43 1.18
C THR B 215 5.88 -24.72 1.97
N LEU B 216 7.13 -25.13 2.11
CA LEU B 216 7.46 -26.44 2.67
C LEU B 216 7.14 -26.47 4.17
N ILE B 217 7.39 -25.36 4.86
CA ILE B 217 7.13 -25.25 6.29
C ILE B 217 5.63 -25.33 6.53
N LEU B 218 4.87 -24.41 5.90
CA LEU B 218 3.46 -24.22 6.20
C LEU B 218 2.63 -25.45 5.83
N GLN B 219 2.94 -26.06 4.68
CA GLN B 219 2.18 -27.21 4.19
C GLN B 219 2.27 -28.35 5.20
N ARG B 220 3.50 -28.61 5.70
CA ARG B 220 3.73 -29.64 6.70
C ARG B 220 3.00 -29.28 8.00
N THR B 221 3.13 -28.02 8.41
CA THR B 221 2.54 -27.52 9.64
C THR B 221 1.03 -27.67 9.61
N VAL B 222 0.40 -27.21 8.52
CA VAL B 222 -1.04 -27.16 8.41
C VAL B 222 -1.62 -28.57 8.43
N TYR B 223 -0.91 -29.52 7.80
CA TYR B 223 -1.44 -30.88 7.72
C TYR B 223 -1.17 -31.64 9.02
N LEU B 224 0.02 -31.46 9.60
CA LEU B 224 0.34 -32.12 10.86
C LEU B 224 -0.65 -31.66 11.94
N PHE B 225 -1.06 -30.38 11.87
CA PHE B 225 -2.08 -29.86 12.76
C PHE B 225 -3.41 -30.56 12.50
N CYS B 226 -3.71 -30.77 11.21
CA CYS B 226 -5.01 -31.28 10.80
C CYS B 226 -5.18 -32.74 11.22
N THR B 227 -4.09 -33.52 11.16
CA THR B 227 -4.14 -34.94 11.45
C THR B 227 -4.21 -35.17 12.97
N LEU B 228 -3.54 -34.32 13.74
CA LEU B 228 -3.51 -34.44 15.19
C LEU B 228 -4.80 -33.91 15.81
N LEU B 229 -5.50 -33.02 15.08
CA LEU B 229 -6.62 -32.27 15.62
C LEU B 229 -7.72 -33.18 16.18
N PRO B 230 -8.18 -34.24 15.48
CA PRO B 230 -9.27 -35.08 15.98
C PRO B 230 -8.94 -35.74 17.32
N PHE B 231 -7.67 -36.11 17.50
CA PHE B 231 -7.21 -36.77 18.72
C PHE B 231 -7.40 -35.87 19.93
N ALA B 232 -7.36 -34.55 19.69
CA ALA B 232 -7.54 -33.58 20.75
C ALA B 232 -9.01 -33.20 20.85
N LEU B 233 -9.76 -33.40 19.77
CA LEU B 233 -11.15 -32.96 19.68
C LEU B 233 -12.08 -34.04 20.25
N VAL B 234 -11.65 -35.30 20.16
CA VAL B 234 -12.49 -36.46 20.43
C VAL B 234 -13.08 -36.39 21.83
N GLY B 235 -12.26 -35.95 22.79
CA GLY B 235 -12.68 -35.80 24.18
C GLY B 235 -13.98 -35.01 24.31
N ASP B 236 -14.08 -33.92 23.53
CA ASP B 236 -15.21 -33.01 23.61
C ASP B 236 -16.36 -33.52 22.74
N LEU B 237 -16.07 -33.79 21.47
CA LEU B 237 -17.17 -34.10 20.52
C LEU B 237 -17.51 -35.58 20.41
N HIS B 238 -16.61 -36.48 20.83
CA HIS B 238 -16.88 -37.94 20.67
C HIS B 238 -17.14 -38.20 19.19
N TYR B 239 -18.34 -38.67 18.87
CA TYR B 239 -18.73 -39.04 17.48
C TYR B 239 -18.68 -37.87 16.50
N MET B 240 -19.06 -36.66 16.90
CA MET B 240 -19.12 -35.55 15.98
C MET B 240 -17.70 -35.13 15.58
N THR B 241 -16.70 -35.88 16.06
CA THR B 241 -15.29 -35.57 15.85
C THR B 241 -14.98 -35.47 14.35
N PRO B 242 -15.29 -36.51 13.53
CA PRO B 242 -14.96 -36.47 12.10
C PRO B 242 -15.58 -35.30 11.33
N PHE B 243 -16.81 -34.92 11.72
CA PHE B 243 -17.54 -33.84 11.08
C PHE B 243 -16.80 -32.52 11.29
N VAL B 244 -16.56 -32.15 12.55
CA VAL B 244 -15.97 -30.87 12.91
C VAL B 244 -14.49 -30.87 12.54
N SER B 245 -13.90 -32.07 12.41
CA SER B 245 -12.49 -32.17 12.07
C SER B 245 -12.28 -31.85 10.59
N VAL B 246 -13.14 -32.41 9.72
CA VAL B 246 -13.03 -32.22 8.29
C VAL B 246 -13.38 -30.78 7.93
N PHE B 247 -14.31 -30.20 8.69
CA PHE B 247 -14.71 -28.80 8.54
C PHE B 247 -13.49 -27.91 8.71
N ILE B 248 -12.83 -28.04 9.87
CA ILE B 248 -11.64 -27.25 10.20
C ILE B 248 -10.54 -27.55 9.19
N SER B 249 -10.38 -28.84 8.85
CA SER B 249 -9.37 -29.26 7.89
C SER B 249 -9.59 -28.58 6.54
N TYR B 250 -10.85 -28.56 6.09
CA TYR B 250 -11.21 -27.91 4.84
C TYR B 250 -10.79 -26.44 4.89
N THR B 251 -11.26 -25.72 5.91
CA THR B 251 -11.05 -24.29 6.05
C THR B 251 -9.56 -23.95 5.94
N PHE B 252 -8.72 -24.74 6.61
CA PHE B 252 -7.29 -24.46 6.66
C PHE B 252 -6.62 -24.82 5.33
N LEU B 253 -7.04 -25.93 4.72
CA LEU B 253 -6.41 -26.43 3.51
C LEU B 253 -6.86 -25.62 2.30
N SER B 254 -8.15 -25.24 2.29
CA SER B 254 -8.73 -24.40 1.25
C SER B 254 -7.88 -23.15 1.07
N TRP B 255 -7.52 -22.53 2.20
CA TRP B 255 -6.84 -21.25 2.22
C TRP B 255 -5.40 -21.42 1.79
N ASP B 256 -4.76 -22.52 2.21
CA ASP B 256 -3.36 -22.75 1.91
C ASP B 256 -3.17 -23.01 0.43
N SER B 257 -4.03 -23.85 -0.14
CA SER B 257 -3.88 -24.27 -1.53
C SER B 257 -4.23 -23.11 -2.49
N LEU B 258 -5.19 -22.28 -2.08
CA LEU B 258 -5.55 -21.11 -2.87
C LEU B 258 -4.37 -20.13 -2.86
N ALA B 259 -3.78 -19.93 -1.69
CA ALA B 259 -2.60 -19.10 -1.53
C ALA B 259 -1.48 -19.66 -2.41
N GLU B 260 -1.34 -20.99 -2.39
CA GLU B 260 -0.32 -21.69 -3.15
C GLU B 260 -0.52 -21.41 -4.64
N GLU B 261 -1.78 -21.41 -5.07
CA GLU B 261 -2.14 -21.22 -6.47
C GLU B 261 -1.82 -19.80 -6.92
N LEU B 262 -2.24 -18.81 -6.11
CA LEU B 262 -2.20 -17.41 -6.51
C LEU B 262 -0.78 -16.88 -6.48
N GLU B 263 0.14 -17.64 -5.88
CA GLU B 263 1.54 -17.26 -5.76
C GLU B 263 2.24 -17.32 -7.11
N ASP B 264 1.78 -18.23 -7.98
CA ASP B 264 2.30 -18.38 -9.34
C ASP B 264 1.20 -17.96 -10.32
N PRO B 265 0.98 -16.65 -10.55
CA PRO B 265 -0.20 -16.18 -11.29
C PRO B 265 -0.12 -16.49 -12.78
N PHE B 266 1.09 -16.81 -13.25
CA PHE B 266 1.34 -17.05 -14.65
C PHE B 266 1.24 -18.54 -14.97
N ALA B 267 0.94 -19.35 -13.95
CA ALA B 267 0.78 -20.79 -14.13
C ALA B 267 -0.58 -21.09 -14.77
N THR B 268 -0.89 -22.39 -14.92
CA THR B 268 -2.04 -22.81 -15.70
C THR B 268 -3.18 -23.29 -14.80
N ALA B 269 -3.12 -22.94 -13.52
CA ALA B 269 -4.14 -23.33 -12.55
C ALA B 269 -5.45 -22.59 -12.82
N ALA B 270 -6.49 -22.97 -12.07
CA ALA B 270 -7.83 -22.46 -12.25
C ALA B 270 -7.91 -20.99 -11.86
N ASN B 271 -7.20 -20.62 -10.79
CA ASN B 271 -7.37 -19.31 -10.17
C ASN B 271 -6.30 -18.35 -10.66
N ASP B 272 -5.46 -18.81 -11.60
CA ASP B 272 -4.38 -17.99 -12.15
C ASP B 272 -4.93 -17.09 -13.25
N LEU B 273 -4.04 -16.30 -13.87
CA LEU B 273 -4.43 -15.34 -14.89
C LEU B 273 -4.76 -16.08 -16.19
N PRO B 274 -5.87 -15.70 -16.88
CA PRO B 274 -6.12 -16.14 -18.25
C PRO B 274 -5.30 -15.32 -19.25
N LEU B 275 -4.02 -15.68 -19.39
CA LEU B 275 -3.09 -14.93 -20.21
C LEU B 275 -3.46 -15.06 -21.69
N ASN B 276 -3.96 -16.25 -22.05
CA ASN B 276 -4.39 -16.52 -23.42
C ASN B 276 -5.51 -15.57 -23.82
N ALA B 277 -6.53 -15.48 -22.95
CA ALA B 277 -7.65 -14.58 -23.14
C ALA B 277 -7.17 -13.14 -23.28
N MET B 278 -6.18 -12.77 -22.46
CA MET B 278 -5.69 -11.41 -22.36
C MET B 278 -4.94 -11.03 -23.64
N CYS B 279 -4.20 -12.00 -24.20
CA CYS B 279 -3.40 -11.75 -25.39
C CYS B 279 -4.30 -11.60 -26.61
N ASN B 280 -5.41 -12.36 -26.62
CA ASN B 280 -6.44 -12.20 -27.64
C ASN B 280 -6.97 -10.78 -27.61
N THR B 281 -7.39 -10.34 -26.41
CA THR B 281 -7.98 -9.02 -26.21
C THR B 281 -7.03 -7.94 -26.76
N ILE B 282 -5.74 -8.08 -26.44
CA ILE B 282 -4.73 -7.14 -26.87
C ILE B 282 -4.67 -7.11 -28.39
N GLU B 283 -4.69 -8.32 -28.99
CA GLU B 283 -4.59 -8.49 -30.43
C GLU B 283 -5.80 -7.84 -31.11
N ARG B 284 -7.00 -8.22 -30.63
CA ARG B 284 -8.25 -7.73 -31.19
C ARG B 284 -8.30 -6.20 -31.11
N ASN B 285 -7.78 -5.66 -30.00
CA ASN B 285 -7.77 -4.22 -29.75
C ASN B 285 -6.91 -3.50 -30.79
N LEU B 286 -5.71 -4.04 -31.04
CA LEU B 286 -4.72 -3.37 -31.86
C LEU B 286 -5.09 -3.46 -33.34
N LEU B 287 -5.71 -4.58 -33.72
CA LEU B 287 -6.33 -4.71 -35.03
C LEU B 287 -7.82 -4.41 -34.88
N ASP B 288 -8.17 -3.12 -34.70
CA ASP B 288 -9.51 -2.77 -34.31
C ASP B 288 -10.50 -3.10 -35.44
N MET B 289 -10.24 -2.54 -36.63
CA MET B 289 -10.97 -2.88 -37.83
C MET B 289 -9.98 -3.00 -38.99
N THR B 290 -9.16 -4.06 -38.92
CA THR B 290 -8.00 -4.29 -39.79
C THR B 290 -7.01 -3.13 -39.69
N GLY B 291 -6.96 -2.50 -38.49
CA GLY B 291 -6.03 -1.43 -38.20
C GLY B 291 -6.36 -0.13 -38.94
N GLN B 292 -7.66 0.07 -39.22
CA GLN B 292 -8.13 1.26 -39.92
C GLN B 292 -8.53 2.35 -38.92
N HIS B 293 -8.39 3.60 -39.36
CA HIS B 293 -8.65 4.78 -38.54
C HIS B 293 -8.95 5.98 -39.44
N PRO B 294 -9.96 6.82 -39.11
CA PRO B 294 -10.26 8.02 -39.88
C PRO B 294 -9.21 9.12 -39.65
N LYS C 26 12.80 3.09 29.99
CA LYS C 26 12.08 3.77 31.10
C LYS C 26 10.86 2.95 31.51
N ILE C 27 10.72 1.77 30.89
CA ILE C 27 9.58 0.89 31.09
C ILE C 27 9.74 0.09 32.38
N ILE C 28 11.00 -0.18 32.75
CA ILE C 28 11.31 -1.10 33.84
C ILE C 28 10.70 -0.61 35.15
N PHE C 29 10.21 0.64 35.16
CA PHE C 29 9.50 1.21 36.29
C PHE C 29 8.13 0.56 36.43
N ARG C 30 7.52 0.21 35.30
CA ARG C 30 6.20 -0.40 35.28
C ARG C 30 6.30 -1.91 35.34
N LEU C 31 7.42 -2.47 34.84
CA LEU C 31 7.69 -3.88 34.97
C LEU C 31 7.83 -4.25 36.45
N LEU C 32 8.45 -3.33 37.21
CA LEU C 32 8.59 -3.47 38.65
C LEU C 32 7.22 -3.33 39.32
N LEU C 33 6.48 -2.28 38.94
CA LEU C 33 5.19 -1.98 39.52
C LEU C 33 4.21 -3.13 39.29
N ASN C 34 4.48 -3.93 38.25
CA ASN C 34 3.66 -5.10 37.93
C ASN C 34 3.90 -6.19 38.96
N VAL C 35 5.17 -6.41 39.31
CA VAL C 35 5.57 -7.41 40.29
C VAL C 35 4.96 -7.04 41.64
N LEU C 36 4.97 -5.74 41.95
CA LEU C 36 4.46 -5.21 43.20
C LEU C 36 2.94 -5.41 43.26
N MET C 37 2.26 -5.16 42.14
CA MET C 37 0.82 -5.31 42.03
C MET C 37 0.45 -6.79 42.05
N SER C 38 1.38 -7.65 41.60
CA SER C 38 1.19 -9.09 41.62
C SER C 38 1.29 -9.61 43.05
N ILE C 39 2.23 -9.04 43.81
CA ILE C 39 2.43 -9.40 45.21
C ILE C 39 1.17 -9.01 45.98
N ILE C 40 0.66 -7.80 45.73
CA ILE C 40 -0.60 -7.32 46.30
C ILE C 40 -1.70 -8.34 46.00
N ALA C 41 -1.68 -8.87 44.77
CA ALA C 41 -2.73 -9.78 44.31
C ALA C 41 -2.65 -11.11 45.07
N ILE C 42 -1.44 -11.53 45.43
CA ILE C 42 -1.24 -12.79 46.14
C ILE C 42 -1.70 -12.62 47.59
N ILE C 43 -1.21 -11.57 48.26
CA ILE C 43 -1.44 -11.38 49.68
C ILE C 43 -2.90 -11.02 49.94
N SER C 44 -3.63 -10.59 48.90
CA SER C 44 -5.01 -10.18 49.06
C SER C 44 -5.97 -11.18 48.41
N TYR C 45 -5.45 -12.36 48.06
CA TYR C 45 -6.27 -13.41 47.46
C TYR C 45 -7.07 -14.13 48.55
N GLN C 46 -6.56 -14.09 49.78
CA GLN C 46 -7.19 -14.78 50.90
C GLN C 46 -8.41 -13.99 51.37
N TRP C 47 -8.50 -12.72 50.97
CA TRP C 47 -9.62 -11.86 51.33
C TRP C 47 -10.66 -11.84 50.19
N TYR C 48 -10.41 -12.63 49.14
CA TYR C 48 -11.20 -12.60 47.92
C TYR C 48 -12.67 -12.92 48.21
N GLU C 49 -12.92 -14.16 48.64
CA GLU C 49 -14.27 -14.64 48.86
C GLU C 49 -14.85 -14.01 50.13
N GLN C 50 -13.95 -13.54 51.00
CA GLN C 50 -14.31 -12.79 52.19
C GLN C 50 -15.01 -11.50 51.79
N LEU C 51 -14.50 -10.86 50.74
CA LEU C 51 -15.09 -9.65 50.17
C LEU C 51 -16.20 -10.04 49.19
N GLY C 52 -15.99 -11.14 48.47
CA GLY C 52 -16.95 -11.66 47.49
C GLY C 52 -16.64 -11.19 46.08
N ILE C 53 -15.37 -11.34 45.68
CA ILE C 53 -14.89 -10.88 44.38
C ILE C 53 -14.29 -12.05 43.61
N HIS C 54 -14.82 -12.29 42.40
CA HIS C 54 -14.35 -13.34 41.52
C HIS C 54 -13.79 -12.73 40.24
N LEU C 55 -12.65 -13.28 39.79
CA LEU C 55 -12.02 -12.87 38.54
C LEU C 55 -11.46 -14.10 37.83
N THR C 56 -12.09 -14.48 36.71
CA THR C 56 -11.62 -15.59 35.90
C THR C 56 -10.71 -15.08 34.78
N VAL C 57 -9.97 -16.01 34.16
CA VAL C 57 -8.98 -15.68 33.16
C VAL C 57 -9.67 -15.40 31.82
N ALA C 58 -10.78 -16.11 31.58
CA ALA C 58 -11.51 -16.08 30.31
C ALA C 58 -11.78 -14.64 29.84
N PRO C 59 -12.47 -13.78 30.63
CA PRO C 59 -12.80 -12.42 30.18
C PRO C 59 -11.58 -11.55 29.92
N PHE C 60 -10.44 -11.93 30.50
CA PHE C 60 -9.20 -11.18 30.36
C PHE C 60 -8.41 -11.69 29.15
N SER C 61 -8.75 -12.89 28.68
CA SER C 61 -8.22 -13.38 27.42
C SER C 61 -8.86 -12.62 26.26
N LEU C 62 -10.19 -12.46 26.33
CA LEU C 62 -10.96 -11.72 25.34
C LEU C 62 -10.41 -10.31 25.20
N LEU C 63 -10.26 -9.62 26.34
CA LEU C 63 -9.79 -8.24 26.39
C LEU C 63 -8.34 -8.19 25.92
N GLY C 64 -7.55 -9.19 26.31
CA GLY C 64 -6.15 -9.26 25.97
C GLY C 64 -5.92 -9.38 24.47
N ILE C 65 -6.68 -10.27 23.83
CA ILE C 65 -6.59 -10.51 22.39
C ILE C 65 -7.02 -9.26 21.65
N ALA C 66 -8.16 -8.68 22.06
CA ALA C 66 -8.66 -7.44 21.47
C ALA C 66 -7.54 -6.40 21.44
N ILE C 67 -6.93 -6.14 22.59
CA ILE C 67 -5.87 -5.15 22.73
C ILE C 67 -4.68 -5.54 21.84
N ALA C 68 -4.42 -6.85 21.73
CA ALA C 68 -3.29 -7.35 20.95
C ALA C 68 -3.52 -7.08 19.47
N ILE C 69 -4.77 -7.22 19.01
CA ILE C 69 -5.14 -6.94 17.64
C ILE C 69 -4.96 -5.44 17.39
N PHE C 70 -5.43 -4.63 18.35
CA PHE C 70 -5.42 -3.18 18.22
C PHE C 70 -3.99 -2.65 18.26
N LEU C 71 -3.16 -3.24 19.14
CA LEU C 71 -1.75 -2.90 19.21
C LEU C 71 -1.06 -3.33 17.93
N GLY C 72 -1.45 -4.50 17.42
CA GLY C 72 -0.88 -5.09 16.22
C GLY C 72 -0.98 -4.16 15.01
N PHE C 73 -2.19 -3.63 14.79
CA PHE C 73 -2.45 -2.71 13.70
C PHE C 73 -1.72 -1.39 13.92
N ARG C 74 -1.74 -0.89 15.17
CA ARG C 74 -1.18 0.41 15.50
C ARG C 74 0.32 0.41 15.20
N ASN C 75 1.01 -0.63 15.69
CA ASN C 75 2.44 -0.79 15.52
C ASN C 75 2.78 -0.77 14.02
N SER C 76 1.94 -1.44 13.24
CA SER C 76 2.05 -1.51 11.78
C SER C 76 2.00 -0.11 11.18
N ALA C 77 1.07 0.71 11.67
CA ALA C 77 0.89 2.08 11.19
C ALA C 77 2.13 2.92 11.53
N SER C 78 2.65 2.72 12.74
CA SER C 78 3.80 3.47 13.24
C SER C 78 5.03 3.16 12.39
N TYR C 79 5.16 1.90 11.99
CA TYR C 79 6.27 1.45 11.15
C TYR C 79 6.24 2.18 9.81
N SER C 80 5.05 2.31 9.23
CA SER C 80 4.87 2.93 7.92
C SER C 80 5.41 4.36 7.94
N ARG C 81 5.08 5.10 9.00
CA ARG C 81 5.56 6.45 9.19
C ARG C 81 7.08 6.46 9.21
N PHE C 82 7.68 5.53 9.96
CA PHE C 82 9.12 5.43 10.09
C PHE C 82 9.75 5.21 8.71
N VAL C 83 9.21 4.23 7.97
CA VAL C 83 9.71 3.84 6.66
C VAL C 83 9.59 5.02 5.68
N GLU C 84 8.47 5.76 5.78
CA GLU C 84 8.23 6.88 4.89
C GLU C 84 9.25 7.98 5.16
N ALA C 85 9.52 8.24 6.44
CA ALA C 85 10.47 9.26 6.84
C ALA C 85 11.86 8.89 6.33
N ARG C 86 12.23 7.62 6.49
CA ARG C 86 13.50 7.11 6.03
C ARG C 86 13.60 7.27 4.51
N ASN C 87 12.47 7.02 3.83
CA ASN C 87 12.37 7.11 2.39
C ASN C 87 12.58 8.54 1.92
N LEU C 88 11.93 9.50 2.60
CA LEU C 88 11.96 10.90 2.22
C LEU C 88 13.41 11.39 2.25
N TRP C 89 14.14 11.01 3.30
CA TRP C 89 15.53 11.41 3.48
C TRP C 89 16.41 10.77 2.43
N GLY C 90 16.05 9.54 2.01
CA GLY C 90 16.72 8.87 0.91
C GLY C 90 16.69 9.72 -0.37
N THR C 91 15.53 10.34 -0.63
CA THR C 91 15.30 11.12 -1.83
C THR C 91 16.21 12.34 -1.83
N VAL C 92 16.51 12.87 -0.65
CA VAL C 92 17.40 14.03 -0.54
C VAL C 92 18.75 13.65 -1.15
N LEU C 93 19.28 12.49 -0.73
CA LEU C 93 20.55 12.01 -1.23
C LEU C 93 20.47 11.82 -2.74
N ILE C 94 19.39 11.17 -3.20
CA ILE C 94 19.23 10.82 -4.60
C ILE C 94 19.11 12.10 -5.43
N ALA C 95 18.18 12.98 -5.04
CA ALA C 95 17.84 14.14 -5.84
C ALA C 95 19.04 15.08 -5.94
N GLU C 96 19.78 15.22 -4.84
CA GLU C 96 20.91 16.13 -4.79
C GLU C 96 22.08 15.56 -5.59
N ARG C 97 22.27 14.24 -5.49
CA ARG C 97 23.32 13.57 -6.24
C ARG C 97 23.13 13.83 -7.73
N THR C 98 21.89 13.62 -8.21
CA THR C 98 21.59 13.71 -9.63
C THR C 98 21.58 15.16 -10.11
N LEU C 99 21.22 16.09 -9.21
CA LEU C 99 21.23 17.51 -9.56
C LEU C 99 22.66 17.95 -9.84
N VAL C 100 23.60 17.50 -8.99
CA VAL C 100 25.01 17.80 -9.18
C VAL C 100 25.49 17.12 -10.45
N ARG C 101 25.10 15.86 -10.64
CA ARG C 101 25.45 15.07 -11.82
C ARG C 101 25.05 15.84 -13.08
N GLN C 102 23.83 16.37 -13.09
CA GLN C 102 23.29 17.11 -14.22
C GLN C 102 24.13 18.36 -14.47
N LEU C 103 24.48 19.07 -13.39
CA LEU C 103 25.27 20.27 -13.51
C LEU C 103 26.62 19.96 -14.17
N ARG C 104 27.23 18.84 -13.75
CA ARG C 104 28.53 18.42 -14.25
C ARG C 104 28.43 17.98 -15.71
N ASN C 105 27.33 17.30 -16.06
CA ASN C 105 27.18 16.71 -17.38
C ASN C 105 26.78 17.77 -18.39
N ILE C 106 26.07 18.81 -17.93
CA ILE C 106 25.44 19.77 -18.84
C ILE C 106 26.28 21.05 -18.90
N LEU C 107 26.79 21.50 -17.74
CA LEU C 107 27.61 22.70 -17.69
C LEU C 107 28.95 22.35 -17.04
N PRO C 108 29.80 21.50 -17.67
CA PRO C 108 31.01 21.00 -17.02
C PRO C 108 32.03 22.07 -16.62
N ALA C 109 31.88 23.26 -17.21
CA ALA C 109 32.87 24.33 -17.07
C ALA C 109 32.42 25.36 -16.04
N GLU C 110 31.19 25.22 -15.52
CA GLU C 110 30.58 26.25 -14.70
C GLU C 110 30.75 25.91 -13.22
N HIS C 111 32.01 25.90 -12.76
CA HIS C 111 32.32 25.40 -11.43
C HIS C 111 31.94 26.41 -10.33
N ASP C 112 31.80 27.68 -10.72
CA ASP C 112 31.26 28.69 -9.83
C ASP C 112 29.85 28.30 -9.42
N ALA C 113 29.03 27.95 -10.44
CA ALA C 113 27.65 27.53 -10.25
C ALA C 113 27.62 26.24 -9.43
N HIS C 114 28.53 25.31 -9.75
CA HIS C 114 28.59 24.03 -9.06
C HIS C 114 28.67 24.24 -7.55
N ARG C 115 29.65 25.06 -7.12
CA ARG C 115 29.94 25.26 -5.72
C ARG C 115 28.77 25.94 -5.02
N ARG C 116 28.17 26.92 -5.69
CA ARG C 116 27.08 27.71 -5.10
C ARG C 116 25.86 26.81 -4.88
N ILE C 117 25.51 26.03 -5.90
CA ILE C 117 24.35 25.16 -5.85
C ILE C 117 24.57 24.08 -4.79
N VAL C 118 25.77 23.47 -4.81
CA VAL C 118 26.10 22.40 -3.88
C VAL C 118 26.01 22.92 -2.44
N SER C 119 26.47 24.16 -2.22
CA SER C 119 26.39 24.75 -0.89
C SER C 119 24.94 24.89 -0.44
N TYR C 120 24.05 25.23 -1.39
CA TYR C 120 22.63 25.36 -1.08
C TYR C 120 22.03 23.99 -0.80
N LEU C 121 22.43 23.00 -1.60
CA LEU C 121 21.92 21.65 -1.43
C LEU C 121 22.31 21.11 -0.06
N VAL C 122 23.57 21.35 0.34
CA VAL C 122 24.07 20.95 1.64
C VAL C 122 23.31 21.72 2.72
N ALA C 123 23.08 23.01 2.46
CA ALA C 123 22.35 23.87 3.38
C ALA C 123 20.95 23.32 3.60
N PHE C 124 20.29 22.94 2.51
CA PHE C 124 18.94 22.39 2.56
C PHE C 124 18.88 21.18 3.50
N SER C 125 19.85 20.27 3.36
CA SER C 125 19.91 19.05 4.14
C SER C 125 19.94 19.36 5.63
N TRP C 126 20.90 20.20 6.03
CA TRP C 126 21.09 20.54 7.43
C TRP C 126 19.89 21.32 7.95
N SER C 127 19.38 22.25 7.12
CA SER C 127 18.25 23.08 7.50
C SER C 127 17.02 22.23 7.78
N LEU C 128 16.87 21.14 7.02
CA LEU C 128 15.76 20.21 7.19
C LEU C 128 15.93 19.46 8.51
N LYS C 129 17.16 19.02 8.79
CA LYS C 129 17.47 18.34 10.03
C LYS C 129 17.06 19.23 11.21
N HIS C 130 17.46 20.50 11.12
CA HIS C 130 17.17 21.48 12.17
C HIS C 130 15.66 21.70 12.28
N GLN C 131 15.00 21.91 11.13
CA GLN C 131 13.57 22.16 11.07
C GLN C 131 12.81 21.08 11.82
N LEU C 132 13.15 19.82 11.55
CA LEU C 132 12.42 18.69 12.09
C LEU C 132 12.72 18.52 13.57
N ARG C 133 13.97 18.85 13.97
CA ARG C 133 14.41 18.70 15.35
C ARG C 133 14.03 19.92 16.18
N LYS C 134 13.51 20.95 15.50
CA LYS C 134 13.14 22.23 16.11
C LYS C 134 14.36 22.85 16.79
N THR C 135 15.47 22.93 16.05
CA THR C 135 16.71 23.49 16.58
C THR C 135 17.16 24.67 15.73
N ASP C 136 18.31 25.24 16.11
CA ASP C 136 18.83 26.48 15.53
C ASP C 136 19.80 26.15 14.40
N PRO C 137 19.50 26.56 13.15
CA PRO C 137 20.35 26.25 12.00
C PRO C 137 21.51 27.24 11.75
N THR C 138 21.59 28.28 12.59
CA THR C 138 22.48 29.41 12.36
C THR C 138 23.93 28.94 12.31
N ALA C 139 24.29 28.02 13.21
CA ALA C 139 25.63 27.46 13.27
C ALA C 139 26.03 26.87 11.91
N ASP C 140 25.18 25.97 11.40
CA ASP C 140 25.46 25.22 10.20
C ASP C 140 25.40 26.13 8.96
N LEU C 141 24.46 27.09 8.97
CA LEU C 141 24.24 27.96 7.83
C LEU C 141 25.45 28.85 7.58
N ARG C 142 26.05 29.36 8.66
CA ARG C 142 27.18 30.27 8.58
C ARG C 142 28.41 29.54 8.05
N ARG C 143 28.47 28.23 8.30
CA ARG C 143 29.57 27.38 7.88
C ARG C 143 29.56 27.22 6.36
N LEU C 144 28.39 27.40 5.75
CA LEU C 144 28.18 26.96 4.37
C LEU C 144 27.93 28.15 3.43
N LEU C 145 27.30 29.21 3.97
CA LEU C 145 26.80 30.30 3.13
C LEU C 145 27.37 31.64 3.58
N PRO C 146 27.49 32.63 2.65
CA PRO C 146 27.80 34.02 3.03
C PRO C 146 26.73 34.58 3.97
N GLU C 147 27.09 35.63 4.70
CA GLU C 147 26.32 36.11 5.84
C GLU C 147 25.02 36.78 5.39
N GLU C 148 25.05 37.41 4.19
CA GLU C 148 23.87 38.09 3.66
C GLU C 148 22.75 37.09 3.41
N ARG C 149 23.13 35.90 2.91
CA ARG C 149 22.19 34.84 2.59
C ARG C 149 21.63 34.23 3.87
N VAL C 150 22.51 34.04 4.87
CA VAL C 150 22.12 33.46 6.15
C VAL C 150 21.03 34.32 6.78
N THR C 151 21.14 35.65 6.59
CA THR C 151 20.14 36.58 7.11
C THR C 151 18.85 36.42 6.32
N GLU C 152 18.97 36.35 4.98
CA GLU C 152 17.85 36.22 4.08
C GLU C 152 17.08 34.93 4.40
N ILE C 153 17.83 33.88 4.75
CA ILE C 153 17.27 32.57 5.03
C ILE C 153 16.56 32.58 6.38
N LEU C 154 17.22 33.14 7.40
CA LEU C 154 16.68 33.17 8.75
C LEU C 154 15.51 34.15 8.85
N ALA C 155 15.35 34.97 7.81
CA ALA C 155 14.29 35.96 7.74
C ALA C 155 12.96 35.30 7.35
N SER C 156 13.03 34.12 6.72
CA SER C 156 11.86 33.50 6.10
C SER C 156 11.08 32.67 7.12
N SER C 157 9.78 32.53 6.88
CA SER C 157 8.89 31.68 7.66
C SER C 157 9.42 30.25 7.66
N MET C 158 9.71 29.73 6.46
CA MET C 158 10.35 28.44 6.30
C MET C 158 11.73 28.63 5.65
N PRO C 159 12.83 28.49 6.41
CA PRO C 159 14.17 28.69 5.88
C PRO C 159 14.57 27.68 4.79
N THR C 160 14.13 26.43 4.94
CA THR C 160 14.42 25.36 4.01
C THR C 160 13.83 25.65 2.64
N ASN C 161 12.58 26.13 2.63
CA ASN C 161 11.88 26.51 1.40
C ASN C 161 12.67 27.63 0.71
N ARG C 162 13.24 28.51 1.52
CA ARG C 162 13.99 29.67 1.04
C ARG C 162 15.28 29.22 0.36
N ILE C 163 15.92 28.16 0.90
CA ILE C 163 17.15 27.64 0.36
C ILE C 163 16.89 27.08 -1.04
N LEU C 164 15.75 26.40 -1.20
CA LEU C 164 15.33 25.83 -2.47
C LEU C 164 15.11 26.95 -3.49
N LEU C 165 14.47 28.03 -3.05
CA LEU C 165 14.22 29.20 -3.88
C LEU C 165 15.55 29.78 -4.35
N LEU C 166 16.55 29.80 -3.46
CA LEU C 166 17.85 30.36 -3.74
C LEU C 166 18.61 29.44 -4.70
N ALA C 167 18.55 28.13 -4.45
CA ALA C 167 19.08 27.13 -5.36
C ALA C 167 18.44 27.30 -6.74
N GLY C 168 17.13 27.61 -6.72
CA GLY C 168 16.36 27.86 -7.93
C GLY C 168 16.82 29.10 -8.68
N ASN C 169 17.27 30.13 -7.94
CA ASN C 169 17.75 31.36 -8.51
C ASN C 169 19.02 31.11 -9.33
N GLU C 170 19.87 30.20 -8.83
CA GLU C 170 21.14 29.89 -9.47
C GLU C 170 20.89 29.25 -10.82
N ILE C 171 19.95 28.30 -10.86
CA ILE C 171 19.58 27.62 -12.09
C ILE C 171 18.91 28.62 -13.04
N GLY C 172 18.06 29.48 -12.47
CA GLY C 172 17.34 30.48 -13.24
C GLY C 172 18.26 31.49 -13.90
N GLN C 173 19.31 31.88 -13.17
CA GLN C 173 20.30 32.83 -13.64
C GLN C 173 21.07 32.23 -14.81
N LEU C 174 21.43 30.95 -14.68
CA LEU C 174 22.16 30.23 -15.72
C LEU C 174 21.31 30.12 -16.99
N ARG C 175 19.99 30.20 -16.81
CA ARG C 175 19.07 30.07 -17.94
C ARG C 175 18.99 31.38 -18.71
N GLU C 176 18.88 32.50 -17.98
CA GLU C 176 18.83 33.82 -18.58
C GLU C 176 20.12 34.12 -19.32
N ALA C 177 21.23 33.59 -18.80
CA ALA C 177 22.55 33.78 -19.37
C ALA C 177 22.69 32.98 -20.68
N GLY C 178 21.77 32.04 -20.91
CA GLY C 178 21.77 31.26 -22.13
C GLY C 178 22.65 30.02 -22.03
N LYS C 179 23.22 29.79 -20.83
CA LYS C 179 24.04 28.62 -20.57
C LYS C 179 23.16 27.39 -20.43
N LEU C 180 21.90 27.61 -20.01
CA LEU C 180 20.91 26.56 -19.95
C LEU C 180 19.75 26.91 -20.87
N SER C 181 19.34 25.93 -21.69
CA SER C 181 18.11 26.01 -22.44
C SER C 181 16.94 25.76 -21.49
N ASP C 182 15.72 26.02 -21.98
CA ASP C 182 14.52 25.77 -21.18
C ASP C 182 14.44 24.28 -20.85
N ILE C 183 14.85 23.43 -21.80
CA ILE C 183 14.82 21.99 -21.66
C ILE C 183 15.77 21.55 -20.56
N THR C 184 17.01 22.07 -20.61
CA THR C 184 18.03 21.67 -19.66
C THR C 184 17.76 22.28 -18.29
N TYR C 185 17.18 23.50 -18.29
CA TYR C 185 16.71 24.10 -17.06
C TYR C 185 15.62 23.21 -16.46
N GLY C 186 14.71 22.74 -17.32
CA GLY C 186 13.62 21.88 -16.92
C GLY C 186 14.11 20.62 -16.21
N LEU C 187 15.15 20.01 -16.77
CA LEU C 187 15.71 18.77 -16.24
C LEU C 187 16.16 18.98 -14.80
N MET C 188 16.79 20.13 -14.54
CA MET C 188 17.37 20.45 -13.24
C MET C 188 16.29 20.92 -12.27
N ASP C 189 15.33 21.69 -12.79
CA ASP C 189 14.19 22.16 -12.03
C ASP C 189 13.48 20.97 -11.35
N ASN C 190 13.32 19.88 -12.11
CA ASN C 190 12.60 18.70 -11.66
C ASN C 190 13.18 18.16 -10.36
N LYS C 191 14.48 18.39 -10.14
CA LYS C 191 15.15 17.88 -8.94
C LYS C 191 14.80 18.74 -7.73
N LEU C 192 14.60 20.04 -7.97
CA LEU C 192 14.20 20.96 -6.91
C LEU C 192 12.75 20.66 -6.51
N ASP C 193 11.92 20.34 -7.51
CA ASP C 193 10.55 19.91 -7.29
C ASP C 193 10.53 18.70 -6.37
N GLU C 194 11.49 17.78 -6.61
CA GLU C 194 11.58 16.53 -5.88
C GLU C 194 11.92 16.80 -4.41
N LEU C 195 12.84 17.75 -4.18
CA LEU C 195 13.24 18.13 -2.84
C LEU C 195 12.09 18.84 -2.12
N ALA C 196 11.32 19.62 -2.88
CA ALA C 196 10.16 20.32 -2.33
C ALA C 196 9.17 19.30 -1.78
N HIS C 197 9.02 18.18 -2.52
CA HIS C 197 8.18 17.06 -2.14
C HIS C 197 8.70 16.41 -0.86
N VAL C 198 10.04 16.33 -0.74
CA VAL C 198 10.67 15.79 0.46
C VAL C 198 10.36 16.69 1.64
N LEU C 199 10.56 18.00 1.43
CA LEU C 199 10.30 19.02 2.44
C LEU C 199 8.86 18.89 2.93
N GLY C 200 7.92 18.87 1.99
CA GLY C 200 6.51 18.74 2.30
C GLY C 200 6.21 17.46 3.08
N GLY C 201 6.82 16.35 2.63
CA GLY C 201 6.62 15.05 3.23
C GLY C 201 7.09 15.00 4.69
N CYS C 202 8.33 15.46 4.90
CA CYS C 202 8.92 15.51 6.23
C CYS C 202 8.10 16.43 7.13
N GLU C 203 7.70 17.58 6.57
CA GLU C 203 6.91 18.58 7.27
C GLU C 203 5.61 17.96 7.76
N ARG C 204 5.00 17.12 6.91
CA ARG C 204 3.74 16.48 7.20
C ARG C 204 3.90 15.45 8.31
N LEU C 205 5.02 14.70 8.29
CA LEU C 205 5.26 13.64 9.26
C LEU C 205 5.65 14.22 10.60
N ALA C 206 6.07 15.50 10.61
CA ALA C 206 6.44 16.19 11.83
C ALA C 206 5.19 16.77 12.47
N THR C 207 4.52 17.68 11.74
CA THR C 207 3.46 18.52 12.27
C THR C 207 2.20 17.70 12.57
N THR C 208 1.96 16.65 11.76
CA THR C 208 0.82 15.79 11.98
C THR C 208 1.29 14.44 12.52
N PRO C 209 1.19 14.19 13.84
CA PRO C 209 1.25 12.83 14.37
C PRO C 209 -0.12 12.17 14.21
N VAL C 210 -0.19 10.87 14.51
CA VAL C 210 -1.46 10.17 14.63
C VAL C 210 -2.21 10.81 15.80
N PRO C 211 -3.47 11.27 15.59
CA PRO C 211 -4.17 12.12 16.57
C PRO C 211 -4.13 11.67 18.02
N PHE C 212 -4.29 12.65 18.92
CA PHE C 212 -4.24 12.51 20.37
C PHE C 212 -4.96 11.26 20.86
N ALA C 213 -6.11 10.95 20.23
CA ALA C 213 -6.96 9.84 20.63
C ALA C 213 -6.16 8.56 20.81
N TYR C 214 -5.46 8.14 19.74
CA TYR C 214 -4.75 6.86 19.64
C TYR C 214 -4.00 6.52 20.93
N THR C 215 -3.09 7.43 21.34
CA THR C 215 -2.15 7.15 22.41
C THR C 215 -2.85 7.20 23.77
N LEU C 216 -3.83 8.11 23.90
CA LEU C 216 -4.56 8.30 25.14
C LEU C 216 -5.41 7.07 25.45
N ILE C 217 -5.93 6.43 24.39
CA ILE C 217 -6.71 5.21 24.51
C ILE C 217 -5.76 4.07 24.91
N LEU C 218 -4.80 3.77 24.03
CA LEU C 218 -4.02 2.54 24.11
C LEU C 218 -3.14 2.51 25.35
N GLN C 219 -2.38 3.60 25.57
CA GLN C 219 -1.40 3.63 26.65
C GLN C 219 -2.07 3.33 27.99
N ARG C 220 -3.18 4.03 28.26
CA ARG C 220 -3.95 3.84 29.49
C ARG C 220 -4.53 2.43 29.53
N THR C 221 -5.09 1.98 28.40
CA THR C 221 -5.77 0.69 28.31
C THR C 221 -4.79 -0.45 28.58
N VAL C 222 -3.60 -0.39 27.96
CA VAL C 222 -2.60 -1.43 28.11
C VAL C 222 -2.10 -1.45 29.55
N TYR C 223 -1.98 -0.27 30.16
CA TYR C 223 -1.52 -0.16 31.54
C TYR C 223 -2.55 -0.78 32.47
N LEU C 224 -3.81 -0.31 32.35
CA LEU C 224 -4.90 -0.75 33.22
C LEU C 224 -5.10 -2.25 33.10
N PHE C 225 -4.95 -2.79 31.89
CA PHE C 225 -5.06 -4.22 31.65
C PHE C 225 -3.93 -4.96 32.35
N CYS C 226 -2.71 -4.42 32.27
CA CYS C 226 -1.51 -5.09 32.75
C CYS C 226 -1.51 -5.16 34.28
N THR C 227 -2.15 -4.17 34.92
CA THR C 227 -2.14 -4.07 36.37
C THR C 227 -3.33 -4.83 36.96
N LEU C 228 -4.41 -4.98 36.17
CA LEU C 228 -5.59 -5.70 36.62
C LEU C 228 -5.48 -7.18 36.29
N LEU C 229 -4.47 -7.55 35.48
CA LEU C 229 -4.34 -8.93 35.02
C LEU C 229 -3.97 -9.86 36.17
N PRO C 230 -3.01 -9.51 37.06
CA PRO C 230 -2.63 -10.39 38.17
C PRO C 230 -3.82 -10.72 39.08
N PHE C 231 -4.71 -9.75 39.27
CA PHE C 231 -5.92 -9.94 40.07
C PHE C 231 -6.80 -11.03 39.45
N ALA C 232 -6.72 -11.18 38.13
CA ALA C 232 -7.51 -12.17 37.41
C ALA C 232 -6.71 -13.48 37.29
N LEU C 233 -5.38 -13.36 37.30
CA LEU C 233 -4.50 -14.51 37.09
C LEU C 233 -4.31 -15.28 38.39
N VAL C 234 -4.53 -14.60 39.52
CA VAL C 234 -4.15 -15.11 40.84
C VAL C 234 -4.88 -16.43 41.12
N GLY C 235 -6.16 -16.49 40.75
CA GLY C 235 -6.99 -17.66 40.97
C GLY C 235 -6.35 -18.92 40.41
N ASP C 236 -5.92 -18.86 39.15
CA ASP C 236 -5.40 -20.00 38.42
C ASP C 236 -3.95 -20.28 38.78
N LEU C 237 -3.17 -19.20 38.81
CA LEU C 237 -1.69 -19.28 38.93
C LEU C 237 -1.18 -19.25 40.36
N HIS C 238 -1.94 -18.70 41.30
CA HIS C 238 -1.46 -18.59 42.71
C HIS C 238 -0.13 -17.84 42.68
N TYR C 239 0.92 -18.42 43.27
CA TYR C 239 2.25 -17.78 43.36
C TYR C 239 2.84 -17.50 41.98
N MET C 240 2.61 -18.39 41.02
CA MET C 240 3.24 -18.23 39.71
C MET C 240 2.75 -16.95 39.04
N THR C 241 1.80 -16.28 39.69
CA THR C 241 1.15 -15.08 39.17
C THR C 241 2.19 -14.08 38.67
N PRO C 242 3.12 -13.58 39.52
CA PRO C 242 4.05 -12.51 39.12
C PRO C 242 4.88 -12.84 37.87
N PHE C 243 5.31 -14.10 37.75
CA PHE C 243 6.19 -14.52 36.68
C PHE C 243 5.46 -14.45 35.33
N VAL C 244 4.24 -15.01 35.29
CA VAL C 244 3.44 -15.05 34.09
C VAL C 244 2.93 -13.64 33.78
N SER C 245 2.54 -12.90 34.82
CA SER C 245 1.95 -11.58 34.66
C SER C 245 2.97 -10.58 34.13
N VAL C 246 4.24 -10.74 34.53
CA VAL C 246 5.30 -9.85 34.09
C VAL C 246 5.68 -10.17 32.65
N PHE C 247 5.55 -11.46 32.28
CA PHE C 247 5.86 -11.93 30.94
C PHE C 247 4.88 -11.30 29.94
N ILE C 248 3.59 -11.36 30.27
CA ILE C 248 2.55 -10.79 29.43
C ILE C 248 2.73 -9.28 29.35
N SER C 249 2.96 -8.65 30.52
CA SER C 249 3.09 -7.21 30.62
C SER C 249 4.26 -6.70 29.79
N TYR C 250 5.38 -7.41 29.84
CA TYR C 250 6.55 -7.07 29.06
C TYR C 250 6.20 -7.04 27.58
N THR C 251 5.54 -8.09 27.10
CA THR C 251 5.20 -8.25 25.70
C THR C 251 4.33 -7.08 25.23
N PHE C 252 3.28 -6.79 26.00
CA PHE C 252 2.32 -5.76 25.65
C PHE C 252 2.95 -4.38 25.71
N LEU C 253 3.83 -4.17 26.70
CA LEU C 253 4.42 -2.85 26.90
C LEU C 253 5.55 -2.63 25.88
N SER C 254 6.29 -3.69 25.57
CA SER C 254 7.36 -3.65 24.59
C SER C 254 6.81 -3.14 23.26
N TRP C 255 5.75 -3.82 22.79
CA TRP C 255 5.12 -3.54 21.51
C TRP C 255 4.55 -2.11 21.52
N ASP C 256 3.90 -1.73 22.63
CA ASP C 256 3.26 -0.44 22.76
C ASP C 256 4.28 0.68 22.63
N SER C 257 5.43 0.52 23.31
CA SER C 257 6.42 1.59 23.39
C SER C 257 7.23 1.67 22.10
N LEU C 258 7.46 0.51 21.46
CA LEU C 258 8.16 0.47 20.18
C LEU C 258 7.37 1.24 19.14
N ALA C 259 6.04 1.07 19.17
CA ALA C 259 5.13 1.77 18.28
C ALA C 259 5.25 3.28 18.48
N GLU C 260 5.43 3.70 19.74
CA GLU C 260 5.52 5.11 20.10
C GLU C 260 6.81 5.72 19.58
N GLU C 261 7.88 4.91 19.54
CA GLU C 261 9.19 5.37 19.12
C GLU C 261 9.24 5.53 17.60
N LEU C 262 8.50 4.67 16.89
CA LEU C 262 8.49 4.70 15.43
C LEU C 262 7.56 5.81 14.94
N GLU C 263 6.56 6.17 15.76
CA GLU C 263 5.56 7.17 15.44
C GLU C 263 6.23 8.51 15.15
N ASP C 264 7.21 8.88 15.98
CA ASP C 264 7.95 10.12 15.82
C ASP C 264 9.37 9.78 15.35
N PRO C 265 9.60 9.70 14.03
CA PRO C 265 10.90 9.24 13.50
C PRO C 265 11.98 10.31 13.46
N PHE C 266 11.59 11.56 13.77
CA PHE C 266 12.52 12.69 13.70
C PHE C 266 12.97 13.09 15.10
N ALA C 267 12.64 12.26 16.10
CA ALA C 267 13.04 12.46 17.48
C ALA C 267 14.49 11.98 17.66
N THR C 268 15.01 12.17 18.89
CA THR C 268 16.39 11.84 19.21
C THR C 268 16.47 10.54 19.99
N ALA C 269 15.35 9.82 20.08
CA ALA C 269 15.25 8.57 20.80
C ALA C 269 16.12 7.50 20.13
N ALA C 270 16.34 6.39 20.85
CA ALA C 270 17.31 5.36 20.51
C ALA C 270 17.05 4.79 19.12
N ASN C 271 15.78 4.47 18.83
CA ASN C 271 15.42 3.83 17.57
C ASN C 271 14.78 4.86 16.63
N ASP C 272 15.54 5.91 16.31
CA ASP C 272 15.09 6.98 15.43
C ASP C 272 16.17 7.30 14.41
N LEU C 273 15.77 7.94 13.30
CA LEU C 273 16.63 8.22 12.17
C LEU C 273 17.86 9.01 12.63
N PRO C 274 19.10 8.49 12.40
CA PRO C 274 20.31 9.23 12.70
C PRO C 274 20.54 10.39 11.72
N LEU C 275 19.80 11.48 11.95
CA LEU C 275 19.69 12.57 10.99
C LEU C 275 21.01 13.32 10.85
N ASN C 276 21.81 13.33 11.92
CA ASN C 276 23.13 13.95 11.89
C ASN C 276 24.03 13.16 10.93
N ALA C 277 23.99 11.83 11.07
CA ALA C 277 24.81 10.93 10.28
C ALA C 277 24.40 10.99 8.81
N MET C 278 23.09 11.18 8.57
CA MET C 278 22.52 11.19 7.24
C MET C 278 22.91 12.48 6.51
N CYS C 279 22.99 13.58 7.25
CA CYS C 279 23.33 14.88 6.67
C CYS C 279 24.82 14.91 6.31
N ASN C 280 25.63 14.15 7.07
CA ASN C 280 27.05 14.02 6.81
C ASN C 280 27.25 13.24 5.51
N THR C 281 26.52 12.13 5.37
CA THR C 281 26.58 11.29 4.18
C THR C 281 26.24 12.13 2.94
N ILE C 282 25.22 12.99 3.06
CA ILE C 282 24.80 13.86 1.97
C ILE C 282 25.93 14.82 1.64
N GLU C 283 26.48 15.49 2.67
CA GLU C 283 27.53 16.47 2.49
C GLU C 283 28.75 15.82 1.84
N ARG C 284 29.16 14.66 2.37
CA ARG C 284 30.32 13.94 1.88
C ARG C 284 30.13 13.57 0.41
N ASN C 285 28.93 13.11 0.07
CA ASN C 285 28.60 12.67 -1.28
C ASN C 285 28.71 13.85 -2.26
N LEU C 286 28.29 15.04 -1.82
CA LEU C 286 28.22 16.21 -2.69
C LEU C 286 29.61 16.83 -2.83
N LEU C 287 30.43 16.69 -1.78
CA LEU C 287 31.81 17.13 -1.82
C LEU C 287 32.58 16.21 -2.77
N ASP C 288 32.38 14.89 -2.62
CA ASP C 288 33.03 13.88 -3.43
C ASP C 288 32.82 14.19 -4.91
N MET C 289 31.61 14.68 -5.25
CA MET C 289 31.21 14.83 -6.64
C MET C 289 31.74 16.12 -7.22
N THR C 290 32.15 17.05 -6.35
CA THR C 290 32.59 18.37 -6.78
C THR C 290 34.12 18.46 -6.76
N GLY C 291 34.78 17.32 -6.51
CA GLY C 291 36.24 17.25 -6.49
C GLY C 291 36.83 17.97 -5.28
N GLN C 292 36.13 17.88 -4.15
CA GLN C 292 36.57 18.47 -2.89
C GLN C 292 36.77 17.35 -1.87
N HIS C 293 37.37 17.71 -0.72
CA HIS C 293 37.70 16.73 0.31
C HIS C 293 37.11 17.17 1.64
N PRO C 294 36.43 16.25 2.39
CA PRO C 294 35.83 16.59 3.69
C PRO C 294 36.82 17.20 4.69
N SER D 25 19.78 -22.72 10.18
CA SER D 25 19.01 -23.91 10.63
C SER D 25 19.56 -24.41 11.97
N LYS D 26 19.78 -23.48 12.90
CA LYS D 26 20.22 -23.76 14.25
C LYS D 26 18.99 -24.09 15.10
N ILE D 27 17.85 -24.21 14.43
CA ILE D 27 16.53 -24.36 15.04
C ILE D 27 16.41 -25.73 15.70
N ILE D 28 17.12 -26.73 15.15
CA ILE D 28 17.01 -28.11 15.60
C ILE D 28 17.64 -28.26 16.99
N PHE D 29 18.54 -27.34 17.34
CA PHE D 29 19.12 -27.27 18.67
C PHE D 29 18.06 -26.79 19.66
N ARG D 30 17.24 -25.83 19.20
CA ARG D 30 16.22 -25.19 20.03
C ARG D 30 15.04 -26.14 20.23
N LEU D 31 14.80 -27.01 19.25
CA LEU D 31 13.73 -27.99 19.33
C LEU D 31 14.11 -29.08 20.33
N LEU D 32 15.40 -29.47 20.34
CA LEU D 32 15.92 -30.47 21.25
C LEU D 32 15.86 -29.94 22.68
N LEU D 33 16.22 -28.67 22.86
CA LEU D 33 16.20 -28.02 24.16
C LEU D 33 14.78 -28.00 24.71
N ASN D 34 13.79 -27.92 23.80
CA ASN D 34 12.39 -27.83 24.18
C ASN D 34 11.90 -29.18 24.70
N VAL D 35 12.36 -30.26 24.08
CA VAL D 35 11.98 -31.62 24.48
C VAL D 35 12.60 -31.91 25.85
N LEU D 36 13.81 -31.37 26.07
CA LEU D 36 14.50 -31.53 27.34
C LEU D 36 13.79 -30.73 28.43
N MET D 37 13.26 -29.55 28.06
CA MET D 37 12.50 -28.71 28.97
C MET D 37 11.17 -29.38 29.29
N SER D 38 10.67 -30.19 28.34
CA SER D 38 9.39 -30.85 28.46
C SER D 38 9.48 -32.00 29.45
N ILE D 39 10.55 -32.80 29.35
CA ILE D 39 10.72 -33.95 30.23
C ILE D 39 11.04 -33.47 31.64
N ILE D 40 11.77 -32.35 31.75
CA ILE D 40 12.00 -31.70 33.03
C ILE D 40 10.66 -31.38 33.67
N ALA D 41 9.72 -30.87 32.86
CA ALA D 41 8.41 -30.44 33.33
C ALA D 41 7.56 -31.65 33.71
N ILE D 42 7.83 -32.81 33.08
CA ILE D 42 7.12 -34.04 33.40
C ILE D 42 7.57 -34.52 34.78
N ILE D 43 8.89 -34.69 34.94
CA ILE D 43 9.47 -35.28 36.14
C ILE D 43 9.23 -34.37 37.35
N SER D 44 9.15 -33.06 37.10
CA SER D 44 9.03 -32.10 38.18
C SER D 44 7.57 -31.65 38.38
N TYR D 45 6.63 -32.36 37.73
CA TYR D 45 5.22 -32.04 37.91
C TYR D 45 4.73 -32.57 39.26
N GLN D 46 5.42 -33.59 39.78
CA GLN D 46 5.07 -34.23 41.03
C GLN D 46 5.22 -33.25 42.19
N TRP D 47 6.17 -32.32 42.06
CA TRP D 47 6.55 -31.42 43.14
C TRP D 47 5.76 -30.11 43.04
N TYR D 48 4.83 -30.02 42.09
CA TYR D 48 4.13 -28.78 41.79
C TYR D 48 3.37 -28.28 43.02
N GLU D 49 2.45 -29.10 43.53
CA GLU D 49 1.62 -28.72 44.66
C GLU D 49 2.51 -28.38 45.86
N GLN D 50 3.58 -29.16 46.03
CA GLN D 50 4.50 -29.04 47.16
C GLN D 50 5.17 -27.67 47.12
N LEU D 51 5.66 -27.26 45.94
CA LEU D 51 6.37 -26.01 45.78
C LEU D 51 5.39 -24.85 45.65
N GLY D 52 4.11 -25.18 45.42
CA GLY D 52 3.02 -24.21 45.40
C GLY D 52 2.93 -23.45 44.08
N ILE D 53 3.21 -24.15 42.97
CA ILE D 53 3.20 -23.55 41.65
C ILE D 53 2.06 -24.15 40.82
N HIS D 54 1.15 -23.28 40.37
CA HIS D 54 0.04 -23.69 39.52
C HIS D 54 0.12 -22.95 38.19
N LEU D 55 0.04 -23.71 37.09
CA LEU D 55 0.13 -23.16 35.75
C LEU D 55 -0.96 -23.77 34.87
N THR D 56 -1.93 -22.93 34.49
CA THR D 56 -2.98 -23.34 33.58
C THR D 56 -2.57 -23.03 32.14
N VAL D 57 -3.43 -23.39 31.17
CA VAL D 57 -3.11 -23.23 29.77
C VAL D 57 -3.60 -21.87 29.27
N ALA D 58 -4.77 -21.44 29.78
CA ALA D 58 -5.48 -20.29 29.29
C ALA D 58 -4.58 -19.05 29.21
N PRO D 59 -3.84 -18.67 30.28
CA PRO D 59 -2.95 -17.50 30.23
C PRO D 59 -1.84 -17.61 29.19
N PHE D 60 -1.49 -18.85 28.81
CA PHE D 60 -0.43 -19.08 27.85
C PHE D 60 -0.98 -19.04 26.43
N SER D 61 -2.29 -19.26 26.30
CA SER D 61 -2.99 -19.04 25.04
C SER D 61 -2.99 -17.56 24.71
N LEU D 62 -3.35 -16.74 25.72
CA LEU D 62 -3.38 -15.29 25.59
C LEU D 62 -2.02 -14.78 25.14
N LEU D 63 -0.96 -15.20 25.84
CA LEU D 63 0.40 -14.79 25.52
C LEU D 63 0.76 -15.24 24.11
N GLY D 64 0.50 -16.53 23.82
CA GLY D 64 0.85 -17.14 22.55
C GLY D 64 0.18 -16.45 21.36
N ILE D 65 -1.11 -16.16 21.51
CA ILE D 65 -1.91 -15.53 20.47
C ILE D 65 -1.36 -14.12 20.18
N ALA D 66 -1.07 -13.37 21.25
CA ALA D 66 -0.47 -12.05 21.13
C ALA D 66 0.82 -12.15 20.32
N ILE D 67 1.69 -13.09 20.71
CA ILE D 67 2.98 -13.30 20.08
C ILE D 67 2.78 -13.64 18.60
N ALA D 68 1.72 -14.41 18.31
CA ALA D 68 1.43 -14.80 16.93
C ALA D 68 1.03 -13.58 16.12
N ILE D 69 0.18 -12.73 16.71
CA ILE D 69 -0.27 -11.50 16.06
C ILE D 69 0.94 -10.63 15.75
N PHE D 70 1.82 -10.46 16.76
CA PHE D 70 2.98 -9.58 16.64
C PHE D 70 3.96 -10.16 15.61
N LEU D 71 4.19 -11.47 15.69
CA LEU D 71 5.03 -12.19 14.75
C LEU D 71 4.46 -12.03 13.34
N GLY D 72 3.13 -12.09 13.25
CA GLY D 72 2.40 -11.98 11.99
C GLY D 72 2.72 -10.67 11.28
N PHE D 73 2.56 -9.56 12.01
CA PHE D 73 2.81 -8.22 11.48
C PHE D 73 4.29 -8.05 11.17
N ARG D 74 5.15 -8.56 12.06
CA ARG D 74 6.59 -8.42 11.89
C ARG D 74 7.02 -9.12 10.60
N ASN D 75 6.61 -10.39 10.46
CA ASN D 75 6.94 -11.21 9.31
C ASN D 75 6.54 -10.47 8.04
N SER D 76 5.41 -9.77 8.11
CA SER D 76 4.86 -9.01 6.99
C SER D 76 5.83 -7.91 6.56
N ALA D 77 6.30 -7.12 7.54
CA ALA D 77 7.21 -6.02 7.29
C ALA D 77 8.49 -6.51 6.63
N SER D 78 9.01 -7.64 7.14
CA SER D 78 10.21 -8.27 6.62
C SER D 78 10.03 -8.63 5.15
N TYR D 79 8.87 -9.21 4.83
CA TYR D 79 8.57 -9.64 3.47
C TYR D 79 8.54 -8.44 2.54
N SER D 80 7.90 -7.35 2.98
CA SER D 80 7.80 -6.13 2.20
C SER D 80 9.19 -5.60 1.85
N ARG D 81 10.12 -5.76 2.79
CA ARG D 81 11.48 -5.25 2.63
C ARG D 81 12.20 -6.07 1.57
N PHE D 82 12.04 -7.39 1.65
CA PHE D 82 12.60 -8.32 0.67
C PHE D 82 12.06 -7.99 -0.72
N VAL D 83 10.73 -7.77 -0.80
CA VAL D 83 10.05 -7.48 -2.04
C VAL D 83 10.63 -6.21 -2.66
N GLU D 84 10.90 -5.21 -1.83
CA GLU D 84 11.42 -3.93 -2.27
C GLU D 84 12.82 -4.09 -2.87
N ALA D 85 13.64 -4.93 -2.22
CA ALA D 85 14.99 -5.21 -2.71
C ALA D 85 14.92 -5.81 -4.12
N ARG D 86 13.98 -6.75 -4.30
CA ARG D 86 13.76 -7.40 -5.59
C ARG D 86 13.37 -6.36 -6.64
N ASN D 87 12.43 -5.48 -6.29
CA ASN D 87 11.91 -4.47 -7.19
C ASN D 87 13.05 -3.56 -7.69
N LEU D 88 13.89 -3.12 -6.75
CA LEU D 88 14.96 -2.18 -7.05
C LEU D 88 15.93 -2.81 -8.06
N TRP D 89 16.21 -4.09 -7.85
CA TRP D 89 17.09 -4.82 -8.75
C TRP D 89 16.41 -5.03 -10.10
N GLY D 90 15.10 -5.27 -10.08
CA GLY D 90 14.30 -5.37 -11.30
C GLY D 90 14.42 -4.11 -12.14
N THR D 91 14.51 -2.96 -11.45
CA THR D 91 14.57 -1.65 -12.08
C THR D 91 15.91 -1.48 -12.80
N VAL D 92 16.98 -2.07 -12.25
CA VAL D 92 18.28 -1.99 -12.86
C VAL D 92 18.21 -2.60 -14.26
N LEU D 93 17.64 -3.81 -14.34
CA LEU D 93 17.51 -4.52 -15.60
C LEU D 93 16.69 -3.68 -16.58
N ILE D 94 15.52 -3.20 -16.13
CA ILE D 94 14.60 -2.43 -16.95
C ILE D 94 15.29 -1.18 -17.49
N ALA D 95 15.90 -0.41 -16.58
CA ALA D 95 16.42 0.92 -16.89
C ALA D 95 17.65 0.83 -17.79
N GLU D 96 18.45 -0.22 -17.60
CA GLU D 96 19.66 -0.40 -18.39
C GLU D 96 19.30 -0.90 -19.78
N ARG D 97 18.24 -1.73 -19.84
CA ARG D 97 17.72 -2.20 -21.11
C ARG D 97 17.29 -1.01 -21.97
N THR D 98 16.43 -0.16 -21.42
CA THR D 98 15.79 0.91 -22.18
C THR D 98 16.80 1.98 -22.56
N LEU D 99 17.86 2.14 -21.75
CA LEU D 99 18.88 3.13 -22.02
C LEU D 99 19.67 2.70 -23.26
N VAL D 100 19.97 1.40 -23.34
CA VAL D 100 20.70 0.83 -24.47
C VAL D 100 19.82 0.90 -25.72
N ARG D 101 18.54 0.53 -25.57
CA ARG D 101 17.57 0.59 -26.65
C ARG D 101 17.47 2.02 -27.19
N GLN D 102 17.44 2.99 -26.28
CA GLN D 102 17.34 4.40 -26.64
C GLN D 102 18.59 4.81 -27.43
N LEU D 103 19.74 4.27 -27.03
CA LEU D 103 21.01 4.59 -27.68
C LEU D 103 21.00 4.08 -29.12
N ARG D 104 20.50 2.86 -29.32
CA ARG D 104 20.49 2.23 -30.62
C ARG D 104 19.48 2.91 -31.54
N ASN D 105 18.34 3.32 -30.98
CA ASN D 105 17.23 3.83 -31.77
C ASN D 105 17.48 5.29 -32.17
N ILE D 106 18.19 6.03 -31.33
CA ILE D 106 18.42 7.46 -31.57
C ILE D 106 19.73 7.64 -32.32
N LEU D 107 20.76 6.87 -31.90
CA LEU D 107 22.08 6.96 -32.50
C LEU D 107 22.53 5.56 -32.93
N PRO D 108 21.96 4.99 -34.02
CA PRO D 108 22.28 3.61 -34.41
C PRO D 108 23.71 3.48 -34.94
N ALA D 109 24.32 4.63 -35.29
CA ALA D 109 25.62 4.67 -35.93
C ALA D 109 26.75 4.62 -34.90
N GLU D 110 26.55 5.28 -33.76
CA GLU D 110 27.59 5.55 -32.78
C GLU D 110 27.80 4.32 -31.88
N HIS D 111 28.36 3.25 -32.47
CA HIS D 111 28.64 2.03 -31.74
C HIS D 111 29.77 2.26 -30.74
N ASP D 112 30.63 3.24 -31.02
CA ASP D 112 31.71 3.63 -30.13
C ASP D 112 31.12 4.00 -28.77
N ALA D 113 30.08 4.84 -28.80
CA ALA D 113 29.40 5.32 -27.60
C ALA D 113 28.63 4.19 -26.94
N HIS D 114 28.07 3.28 -27.75
CA HIS D 114 27.30 2.15 -27.25
C HIS D 114 28.15 1.33 -26.27
N ARG D 115 29.33 0.90 -26.74
CA ARG D 115 30.20 -0.02 -26.02
C ARG D 115 30.60 0.58 -24.68
N ARG D 116 30.94 1.88 -24.69
CA ARG D 116 31.38 2.59 -23.50
C ARG D 116 30.26 2.65 -22.45
N ILE D 117 29.04 2.97 -22.90
CA ILE D 117 27.93 3.11 -21.98
C ILE D 117 27.50 1.75 -21.46
N VAL D 118 27.43 0.76 -22.36
CA VAL D 118 27.03 -0.60 -21.98
C VAL D 118 27.97 -1.12 -20.90
N SER D 119 29.27 -0.85 -21.05
CA SER D 119 30.26 -1.30 -20.08
C SER D 119 30.03 -0.63 -18.73
N TYR D 120 29.85 0.71 -18.76
CA TYR D 120 29.56 1.49 -17.57
C TYR D 120 28.32 0.96 -16.87
N LEU D 121 27.27 0.65 -17.66
CA LEU D 121 26.01 0.18 -17.13
C LEU D 121 26.20 -1.20 -16.51
N VAL D 122 27.02 -2.04 -17.15
CA VAL D 122 27.31 -3.37 -16.64
C VAL D 122 28.16 -3.24 -15.38
N ALA D 123 29.09 -2.29 -15.39
CA ALA D 123 29.94 -2.01 -14.24
C ALA D 123 29.09 -1.61 -13.04
N PHE D 124 28.07 -0.79 -13.28
CA PHE D 124 27.16 -0.30 -12.26
C PHE D 124 26.49 -1.47 -11.54
N SER D 125 26.00 -2.45 -12.33
CA SER D 125 25.33 -3.62 -11.82
C SER D 125 26.23 -4.35 -10.83
N TRP D 126 27.47 -4.59 -11.26
CA TRP D 126 28.44 -5.36 -10.48
C TRP D 126 28.90 -4.55 -9.27
N SER D 127 29.12 -3.25 -9.48
CA SER D 127 29.55 -2.37 -8.41
C SER D 127 28.51 -2.34 -7.30
N LEU D 128 27.22 -2.27 -7.69
CA LEU D 128 26.12 -2.23 -6.75
C LEU D 128 26.06 -3.55 -5.97
N LYS D 129 26.22 -4.67 -6.69
CA LYS D 129 26.21 -5.99 -6.08
C LYS D 129 27.27 -6.04 -4.98
N HIS D 130 28.52 -5.75 -5.37
CA HIS D 130 29.65 -5.85 -4.46
C HIS D 130 29.45 -4.91 -3.27
N GLN D 131 28.91 -3.72 -3.56
CA GLN D 131 28.64 -2.72 -2.54
C GLN D 131 27.68 -3.30 -1.50
N LEU D 132 26.63 -3.98 -1.98
CA LEU D 132 25.58 -4.50 -1.12
C LEU D 132 26.08 -5.74 -0.38
N ARG D 133 26.91 -6.54 -1.06
CA ARG D 133 27.41 -7.79 -0.54
C ARG D 133 28.59 -7.55 0.41
N LYS D 134 29.17 -6.34 0.33
CA LYS D 134 30.40 -5.98 1.02
C LYS D 134 31.56 -6.85 0.54
N THR D 135 31.67 -7.00 -0.78
CA THR D 135 32.79 -7.71 -1.39
C THR D 135 33.58 -6.75 -2.27
N ASP D 136 34.60 -7.29 -2.95
CA ASP D 136 35.57 -6.47 -3.67
C ASP D 136 35.20 -6.43 -5.15
N PRO D 137 34.90 -5.23 -5.71
CA PRO D 137 34.51 -5.10 -7.11
C PRO D 137 35.67 -5.00 -8.10
N THR D 138 36.90 -5.02 -7.57
CA THR D 138 38.10 -4.71 -8.33
C THR D 138 38.22 -5.61 -9.56
N ALA D 139 37.98 -6.91 -9.38
CA ALA D 139 38.14 -7.91 -10.43
C ALA D 139 37.17 -7.63 -11.57
N ASP D 140 35.88 -7.47 -11.21
CA ASP D 140 34.80 -7.27 -12.16
C ASP D 140 35.01 -5.96 -12.93
N LEU D 141 35.39 -4.91 -12.20
CA LEU D 141 35.56 -3.58 -12.78
C LEU D 141 36.71 -3.57 -13.77
N ARG D 142 37.78 -4.33 -13.46
CA ARG D 142 38.94 -4.45 -14.33
C ARG D 142 38.59 -5.27 -15.57
N ARG D 143 37.58 -6.13 -15.44
CA ARG D 143 37.12 -6.98 -16.52
C ARG D 143 36.30 -6.17 -17.52
N LEU D 144 35.87 -4.97 -17.11
CA LEU D 144 34.84 -4.24 -17.84
C LEU D 144 35.35 -2.89 -18.35
N LEU D 145 36.19 -2.22 -17.55
CA LEU D 145 36.59 -0.85 -17.83
C LEU D 145 38.10 -0.75 -18.00
N PRO D 146 38.61 0.28 -18.70
CA PRO D 146 40.04 0.61 -18.69
C PRO D 146 40.52 1.04 -17.32
N GLU D 147 41.82 0.84 -17.05
CA GLU D 147 42.41 0.98 -15.73
C GLU D 147 42.30 2.42 -15.22
N GLU D 148 42.44 3.38 -16.15
CA GLU D 148 42.39 4.80 -15.83
C GLU D 148 41.06 5.12 -15.13
N ARG D 149 40.01 4.38 -15.51
CA ARG D 149 38.68 4.56 -14.97
C ARG D 149 38.54 3.78 -13.66
N VAL D 150 39.08 2.54 -13.65
CA VAL D 150 38.89 1.60 -12.57
C VAL D 150 39.46 2.17 -11.26
N THR D 151 40.69 2.71 -11.34
CA THR D 151 41.37 3.25 -10.18
C THR D 151 40.71 4.55 -9.73
N GLU D 152 40.07 5.25 -10.67
CA GLU D 152 39.38 6.50 -10.40
C GLU D 152 38.06 6.21 -9.67
N ILE D 153 37.40 5.12 -10.10
CA ILE D 153 36.12 4.70 -9.54
C ILE D 153 36.33 4.21 -8.11
N LEU D 154 37.40 3.41 -7.91
CA LEU D 154 37.70 2.84 -6.61
C LEU D 154 38.28 3.90 -5.67
N ALA D 155 38.67 5.05 -6.24
CA ALA D 155 39.22 6.16 -5.50
C ALA D 155 38.11 6.88 -4.72
N SER D 156 36.90 6.87 -5.30
CA SER D 156 35.73 7.49 -4.69
C SER D 156 35.22 6.60 -3.54
N SER D 157 34.83 7.24 -2.44
CA SER D 157 34.23 6.56 -1.30
C SER D 157 32.92 5.90 -1.74
N MET D 158 32.27 6.50 -2.74
CA MET D 158 31.05 5.99 -3.31
C MET D 158 31.33 5.59 -4.77
N PRO D 159 31.82 4.36 -5.03
CA PRO D 159 32.22 3.94 -6.37
C PRO D 159 31.06 3.76 -7.37
N THR D 160 29.93 3.23 -6.88
CA THR D 160 28.77 2.95 -7.72
C THR D 160 28.21 4.26 -8.26
N ASN D 161 28.17 5.27 -7.39
CA ASN D 161 27.73 6.62 -7.76
C ASN D 161 28.66 7.20 -8.82
N ARG D 162 29.97 6.93 -8.65
CA ARG D 162 31.00 7.47 -9.53
C ARG D 162 30.82 6.93 -10.95
N ILE D 163 30.31 5.69 -11.05
CA ILE D 163 30.06 5.03 -12.32
C ILE D 163 28.90 5.73 -13.04
N LEU D 164 27.86 6.08 -12.28
CA LEU D 164 26.70 6.78 -12.79
C LEU D 164 27.11 8.14 -13.37
N LEU D 165 28.01 8.83 -12.66
CA LEU D 165 28.52 10.13 -13.07
C LEU D 165 29.26 10.00 -14.40
N LEU D 166 30.03 8.92 -14.55
CA LEU D 166 30.83 8.66 -15.74
C LEU D 166 29.92 8.27 -16.91
N ALA D 167 28.92 7.43 -16.62
CA ALA D 167 27.89 7.10 -17.59
C ALA D 167 27.20 8.38 -18.07
N GLY D 168 27.05 9.34 -17.15
CA GLY D 168 26.44 10.62 -17.45
C GLY D 168 27.31 11.48 -18.37
N ASN D 169 28.63 11.30 -18.26
CA ASN D 169 29.60 12.02 -19.08
C ASN D 169 29.45 11.64 -20.55
N GLU D 170 29.21 10.35 -20.80
CA GLU D 170 29.10 9.82 -22.15
C GLU D 170 27.92 10.47 -22.87
N ILE D 171 26.76 10.49 -22.20
CA ILE D 171 25.55 11.09 -22.72
C ILE D 171 25.76 12.60 -22.87
N GLY D 172 26.52 13.18 -21.94
CA GLY D 172 26.81 14.61 -21.94
C GLY D 172 27.69 15.01 -23.12
N GLN D 173 28.69 14.17 -23.42
CA GLN D 173 29.61 14.41 -24.51
C GLN D 173 28.90 14.24 -25.85
N LEU D 174 28.01 13.25 -25.92
CA LEU D 174 27.21 13.02 -27.12
C LEU D 174 26.34 14.24 -27.40
N ARG D 175 25.90 14.90 -26.32
CA ARG D 175 25.07 16.09 -26.44
C ARG D 175 25.93 17.26 -26.93
N GLU D 176 27.13 17.39 -26.36
CA GLU D 176 28.04 18.48 -26.72
C GLU D 176 28.55 18.31 -28.14
N ALA D 177 28.75 17.05 -28.55
CA ALA D 177 29.15 16.71 -29.90
C ALA D 177 28.01 17.00 -30.88
N GLY D 178 26.84 17.33 -30.33
CA GLY D 178 25.67 17.69 -31.12
C GLY D 178 24.91 16.47 -31.65
N LYS D 179 25.35 15.28 -31.23
CA LYS D 179 24.76 14.02 -31.69
C LYS D 179 23.42 13.80 -31.00
N LEU D 180 23.31 14.26 -29.75
CA LEU D 180 22.04 14.28 -29.04
C LEU D 180 21.59 15.72 -28.87
N SER D 181 20.30 15.97 -29.11
CA SER D 181 19.68 17.23 -28.79
C SER D 181 19.41 17.28 -27.27
N ASP D 182 18.86 18.39 -26.79
CA ASP D 182 18.50 18.51 -25.39
C ASP D 182 17.40 17.50 -25.06
N ILE D 183 16.50 17.27 -26.02
CA ILE D 183 15.35 16.38 -25.83
C ILE D 183 15.84 14.95 -25.69
N THR D 184 16.62 14.48 -26.68
CA THR D 184 17.07 13.10 -26.72
C THR D 184 18.03 12.83 -25.56
N TYR D 185 18.77 13.86 -25.14
CA TYR D 185 19.61 13.77 -23.96
C TYR D 185 18.74 13.54 -22.72
N GLY D 186 17.67 14.34 -22.61
CA GLY D 186 16.72 14.26 -21.52
C GLY D 186 16.06 12.89 -21.43
N LEU D 187 15.76 12.31 -22.59
CA LEU D 187 15.14 11.00 -22.69
C LEU D 187 16.02 9.94 -22.01
N MET D 188 17.34 10.14 -22.09
CA MET D 188 18.30 9.18 -21.58
C MET D 188 18.68 9.53 -20.14
N ASP D 189 18.69 10.83 -19.84
CA ASP D 189 19.02 11.32 -18.51
C ASP D 189 18.07 10.71 -17.49
N ASN D 190 16.81 10.51 -17.90
CA ASN D 190 15.76 9.98 -17.03
C ASN D 190 16.12 8.57 -16.58
N LYS D 191 16.84 7.83 -17.42
CA LYS D 191 17.18 6.44 -17.13
C LYS D 191 18.30 6.40 -16.09
N LEU D 192 19.18 7.41 -16.13
CA LEU D 192 20.24 7.53 -15.14
C LEU D 192 19.63 7.90 -13.79
N ASP D 193 18.61 8.78 -13.82
CA ASP D 193 17.85 9.15 -12.63
C ASP D 193 17.29 7.89 -11.98
N GLU D 194 16.74 7.00 -12.82
CA GLU D 194 16.09 5.78 -12.36
C GLU D 194 17.08 4.92 -11.60
N LEU D 195 18.32 4.83 -12.11
CA LEU D 195 19.36 4.01 -11.52
C LEU D 195 19.90 4.67 -10.26
N ALA D 196 19.86 6.01 -10.23
CA ALA D 196 20.23 6.77 -9.04
C ALA D 196 19.30 6.43 -7.89
N HIS D 197 18.01 6.28 -8.22
CA HIS D 197 16.98 5.90 -7.26
C HIS D 197 17.23 4.48 -6.76
N VAL D 198 17.69 3.60 -7.67
CA VAL D 198 17.97 2.22 -7.31
C VAL D 198 19.11 2.17 -6.31
N LEU D 199 20.19 2.90 -6.63
CA LEU D 199 21.34 2.99 -5.77
C LEU D 199 20.91 3.51 -4.40
N GLY D 200 20.15 4.61 -4.39
CA GLY D 200 19.61 5.18 -3.16
C GLY D 200 18.78 4.16 -2.37
N GLY D 201 17.88 3.48 -3.09
CA GLY D 201 16.99 2.51 -2.49
C GLY D 201 17.77 1.42 -1.76
N CYS D 202 18.75 0.84 -2.47
CA CYS D 202 19.53 -0.29 -1.99
C CYS D 202 20.38 0.12 -0.78
N GLU D 203 21.03 1.29 -0.88
CA GLU D 203 21.82 1.82 0.21
C GLU D 203 20.97 1.98 1.46
N ARG D 204 19.75 2.54 1.27
CA ARG D 204 18.83 2.78 2.37
C ARG D 204 18.45 1.45 3.02
N LEU D 205 18.21 0.42 2.19
CA LEU D 205 17.85 -0.91 2.67
C LEU D 205 19.01 -1.51 3.45
N ALA D 206 20.23 -1.38 2.90
CA ALA D 206 21.43 -1.99 3.47
C ALA D 206 21.82 -1.32 4.78
N THR D 207 21.83 0.03 4.79
CA THR D 207 22.33 0.80 5.91
C THR D 207 21.28 0.90 7.02
N THR D 208 20.00 0.93 6.65
CA THR D 208 18.92 0.99 7.62
C THR D 208 18.26 -0.38 7.73
N PRO D 209 18.61 -1.20 8.75
CA PRO D 209 17.94 -2.48 8.96
C PRO D 209 16.59 -2.25 9.64
N VAL D 210 15.71 -3.27 9.58
CA VAL D 210 14.49 -3.28 10.36
C VAL D 210 14.89 -3.11 11.82
N PRO D 211 14.33 -2.12 12.55
CA PRO D 211 14.75 -1.82 13.92
C PRO D 211 15.17 -3.05 14.71
N PHE D 212 16.33 -2.95 15.37
CA PHE D 212 16.92 -4.04 16.13
C PHE D 212 15.99 -4.49 17.25
N ALA D 213 15.11 -3.58 17.68
CA ALA D 213 14.16 -3.81 18.76
C ALA D 213 13.17 -4.92 18.39
N TYR D 214 12.84 -5.03 17.10
CA TYR D 214 11.92 -6.05 16.60
C TYR D 214 12.48 -7.45 16.85
N THR D 215 13.78 -7.63 16.55
CA THR D 215 14.44 -8.91 16.72
C THR D 215 14.75 -9.14 18.20
N LEU D 216 14.95 -8.03 18.93
CA LEU D 216 15.28 -8.07 20.35
C LEU D 216 14.08 -8.55 21.17
N ILE D 217 12.94 -7.88 20.97
CA ILE D 217 11.69 -8.22 21.66
C ILE D 217 11.31 -9.66 21.31
N LEU D 218 11.10 -9.91 20.01
CA LEU D 218 10.44 -11.13 19.55
C LEU D 218 11.23 -12.37 19.93
N GLN D 219 12.55 -12.36 19.72
CA GLN D 219 13.35 -13.55 19.94
C GLN D 219 13.35 -13.90 21.43
N ARG D 220 13.56 -12.89 22.29
CA ARG D 220 13.47 -13.07 23.73
C ARG D 220 12.13 -13.70 24.09
N THR D 221 11.05 -13.06 23.61
CA THR D 221 9.68 -13.43 23.98
C THR D 221 9.34 -14.83 23.48
N VAL D 222 9.68 -15.12 22.22
CA VAL D 222 9.33 -16.39 21.59
C VAL D 222 10.07 -17.52 22.30
N TYR D 223 11.37 -17.33 22.55
CA TYR D 223 12.22 -18.36 23.15
C TYR D 223 11.73 -18.68 24.56
N LEU D 224 11.43 -17.63 25.34
CA LEU D 224 11.00 -17.80 26.73
C LEU D 224 9.60 -18.40 26.79
N PHE D 225 8.76 -18.06 25.81
CA PHE D 225 7.42 -18.61 25.70
C PHE D 225 7.49 -20.11 25.46
N CYS D 226 8.30 -20.51 24.48
CA CYS D 226 8.45 -21.91 24.09
C CYS D 226 9.01 -22.72 25.26
N THR D 227 9.89 -22.08 26.04
CA THR D 227 10.57 -22.73 27.15
C THR D 227 9.59 -22.96 28.31
N LEU D 228 8.81 -21.92 28.64
CA LEU D 228 7.90 -21.97 29.78
C LEU D 228 6.66 -22.80 29.43
N LEU D 229 6.40 -22.97 28.13
CA LEU D 229 5.13 -23.50 27.64
C LEU D 229 4.83 -24.88 28.23
N PRO D 230 5.76 -25.87 28.16
CA PRO D 230 5.47 -27.22 28.64
C PRO D 230 5.09 -27.30 30.11
N PHE D 231 5.60 -26.36 30.90
CA PHE D 231 5.32 -26.30 32.34
C PHE D 231 3.85 -25.95 32.58
N ALA D 232 3.22 -25.33 31.59
CA ALA D 232 1.81 -24.97 31.65
C ALA D 232 0.98 -26.05 30.96
N LEU D 233 1.62 -26.79 30.05
CA LEU D 233 0.95 -27.80 29.26
C LEU D 233 0.93 -29.13 30.01
N VAL D 234 1.93 -29.35 30.87
CA VAL D 234 2.16 -30.64 31.51
C VAL D 234 0.98 -31.01 32.40
N GLY D 235 0.41 -30.00 33.08
CA GLY D 235 -0.76 -30.20 33.93
C GLY D 235 -1.93 -30.83 33.17
N ASP D 236 -2.00 -30.56 31.85
CA ASP D 236 -3.13 -30.96 31.03
C ASP D 236 -2.78 -32.18 30.16
N LEU D 237 -1.62 -32.11 29.51
CA LEU D 237 -1.24 -33.15 28.51
C LEU D 237 -0.37 -34.25 29.11
N HIS D 238 0.21 -34.01 30.27
CA HIS D 238 1.08 -35.05 30.91
C HIS D 238 2.18 -35.45 29.92
N TYR D 239 2.29 -36.76 29.67
CA TYR D 239 3.34 -37.33 28.79
C TYR D 239 3.22 -36.77 27.38
N MET D 240 2.01 -36.50 26.91
CA MET D 240 1.88 -36.00 25.56
C MET D 240 2.56 -34.65 25.41
N THR D 241 2.89 -34.04 26.56
CA THR D 241 3.46 -32.70 26.63
C THR D 241 4.54 -32.50 25.58
N PRO D 242 5.62 -33.32 25.53
CA PRO D 242 6.74 -33.07 24.62
C PRO D 242 6.37 -32.90 23.14
N PHE D 243 5.35 -33.65 22.70
CA PHE D 243 4.96 -33.64 21.30
C PHE D 243 4.25 -32.33 20.96
N VAL D 244 3.23 -32.00 21.76
CA VAL D 244 2.41 -30.82 21.54
C VAL D 244 3.25 -29.55 21.75
N SER D 245 4.22 -29.63 22.68
CA SER D 245 5.05 -28.50 23.02
C SER D 245 6.02 -28.17 21.88
N VAL D 246 6.69 -29.19 21.35
CA VAL D 246 7.71 -29.01 20.33
C VAL D 246 7.05 -28.53 19.03
N PHE D 247 5.79 -28.96 18.82
CA PHE D 247 5.05 -28.62 17.61
C PHE D 247 4.69 -27.13 17.61
N ILE D 248 4.20 -26.64 18.75
CA ILE D 248 3.91 -25.22 18.91
C ILE D 248 5.22 -24.43 18.83
N SER D 249 6.29 -24.99 19.40
CA SER D 249 7.59 -24.36 19.37
C SER D 249 8.10 -24.26 17.94
N TYR D 250 7.95 -25.35 17.18
CA TYR D 250 8.39 -25.40 15.80
C TYR D 250 7.70 -24.29 14.99
N THR D 251 6.37 -24.22 15.14
CA THR D 251 5.54 -23.27 14.41
C THR D 251 6.05 -21.84 14.62
N PHE D 252 6.27 -21.47 15.88
CA PHE D 252 6.63 -20.11 16.25
C PHE D 252 8.06 -19.78 15.80
N LEU D 253 8.97 -20.75 15.92
CA LEU D 253 10.37 -20.53 15.61
C LEU D 253 10.58 -20.43 14.10
N SER D 254 9.86 -21.29 13.36
CA SER D 254 9.95 -21.34 11.90
C SER D 254 9.50 -20.00 11.32
N TRP D 255 8.38 -19.49 11.83
CA TRP D 255 7.84 -18.20 11.41
C TRP D 255 8.83 -17.09 11.74
N ASP D 256 9.45 -17.17 12.93
CA ASP D 256 10.33 -16.13 13.44
C ASP D 256 11.63 -16.08 12.63
N SER D 257 12.12 -17.26 12.23
CA SER D 257 13.40 -17.35 11.53
C SER D 257 13.25 -16.95 10.06
N LEU D 258 12.05 -17.20 9.52
CA LEU D 258 11.74 -16.82 8.14
C LEU D 258 11.84 -15.30 8.01
N ALA D 259 11.28 -14.59 9.00
CA ALA D 259 11.29 -13.14 9.05
C ALA D 259 12.72 -12.62 9.21
N GLU D 260 13.55 -13.39 9.93
CA GLU D 260 14.94 -13.06 10.14
C GLU D 260 15.68 -13.07 8.80
N GLU D 261 15.37 -14.07 7.96
CA GLU D 261 16.07 -14.28 6.70
C GLU D 261 15.58 -13.28 5.65
N LEU D 262 14.33 -12.83 5.78
CA LEU D 262 13.73 -11.90 4.84
C LEU D 262 14.22 -10.48 5.11
N GLU D 263 14.58 -10.20 6.37
CA GLU D 263 14.89 -8.86 6.85
C GLU D 263 16.09 -8.27 6.14
N ASP D 264 17.13 -9.09 5.92
CA ASP D 264 18.30 -8.67 5.18
C ASP D 264 18.39 -9.43 3.86
N PRO D 265 17.85 -8.87 2.76
CA PRO D 265 17.78 -9.58 1.48
C PRO D 265 19.06 -9.53 0.65
N PHE D 266 20.09 -8.85 1.17
CA PHE D 266 21.35 -8.68 0.45
C PHE D 266 22.45 -9.54 1.08
N ALA D 267 22.08 -10.39 2.03
CA ALA D 267 23.01 -11.34 2.65
C ALA D 267 23.26 -12.51 1.70
N THR D 268 24.23 -13.36 2.07
CA THR D 268 24.69 -14.45 1.21
C THR D 268 23.95 -15.74 1.53
N ALA D 269 22.95 -15.66 2.42
CA ALA D 269 22.18 -16.81 2.86
C ALA D 269 21.41 -17.43 1.69
N ALA D 270 20.88 -18.64 1.93
CA ALA D 270 20.25 -19.45 0.89
C ALA D 270 18.84 -18.94 0.59
N ASN D 271 18.26 -18.18 1.52
CA ASN D 271 16.89 -17.71 1.43
C ASN D 271 16.86 -16.33 0.79
N ASP D 272 18.05 -15.80 0.44
CA ASP D 272 18.20 -14.43 -0.02
C ASP D 272 18.27 -14.38 -1.55
N LEU D 273 18.56 -13.18 -2.08
CA LEU D 273 18.53 -12.90 -3.50
C LEU D 273 19.76 -13.49 -4.20
N PRO D 274 19.60 -14.18 -5.35
CA PRO D 274 20.73 -14.58 -6.18
C PRO D 274 21.17 -13.41 -7.05
N LEU D 275 21.95 -12.50 -6.45
CA LEU D 275 22.36 -11.26 -7.06
C LEU D 275 23.34 -11.51 -8.22
N ASN D 276 24.19 -12.53 -8.04
CA ASN D 276 25.16 -12.95 -9.05
C ASN D 276 24.43 -13.32 -10.34
N ALA D 277 23.34 -14.10 -10.19
CA ALA D 277 22.52 -14.56 -11.29
C ALA D 277 21.90 -13.38 -12.02
N MET D 278 21.42 -12.40 -11.26
CA MET D 278 20.76 -11.22 -11.80
C MET D 278 21.76 -10.37 -12.57
N CYS D 279 22.95 -10.17 -11.97
CA CYS D 279 24.01 -9.35 -12.55
C CYS D 279 24.52 -9.97 -13.84
N ASN D 280 24.51 -11.32 -13.90
CA ASN D 280 24.89 -12.05 -15.09
C ASN D 280 23.82 -11.87 -16.17
N THR D 281 22.55 -11.90 -15.76
CA THR D 281 21.42 -11.75 -16.66
C THR D 281 21.43 -10.36 -17.26
N ILE D 282 21.79 -9.36 -16.45
CA ILE D 282 21.88 -7.97 -16.88
C ILE D 282 22.99 -7.85 -17.92
N GLU D 283 24.16 -8.43 -17.61
CA GLU D 283 25.33 -8.33 -18.47
C GLU D 283 25.05 -8.99 -19.82
N ARG D 284 24.39 -10.16 -19.78
CA ARG D 284 24.08 -10.92 -20.98
C ARG D 284 23.02 -10.19 -21.80
N ASN D 285 22.09 -9.53 -21.11
CA ASN D 285 20.98 -8.82 -21.73
C ASN D 285 21.51 -7.64 -22.58
N LEU D 286 22.50 -6.93 -22.03
CA LEU D 286 23.02 -5.72 -22.65
C LEU D 286 23.95 -6.07 -23.81
N LEU D 287 24.74 -7.13 -23.64
CA LEU D 287 25.67 -7.60 -24.66
C LEU D 287 24.88 -8.22 -25.82
N ASP D 288 23.73 -8.80 -25.49
CA ASP D 288 22.80 -9.36 -26.47
C ASP D 288 22.22 -8.23 -27.32
N MET D 289 22.06 -7.05 -26.71
CA MET D 289 21.36 -5.93 -27.33
C MET D 289 22.32 -5.12 -28.21
N THR D 290 23.62 -5.47 -28.18
CA THR D 290 24.60 -4.76 -28.98
C THR D 290 25.26 -5.72 -29.97
N GLY D 291 24.77 -6.97 -30.00
CA GLY D 291 25.26 -7.98 -30.92
C GLY D 291 26.66 -8.47 -30.57
N GLN D 292 26.89 -8.70 -29.27
CA GLN D 292 28.17 -9.17 -28.76
C GLN D 292 27.97 -10.50 -28.03
N SER E 25 -15.58 12.88 25.45
CA SER E 25 -15.74 11.57 24.75
C SER E 25 -17.12 11.47 24.13
N LYS E 26 -18.15 11.83 24.91
CA LYS E 26 -19.56 11.78 24.52
C LYS E 26 -20.02 10.32 24.39
N ILE E 27 -19.13 9.38 24.71
CA ILE E 27 -19.43 7.96 24.70
C ILE E 27 -19.57 7.48 26.15
N ILE E 28 -19.54 8.44 27.07
CA ILE E 28 -19.64 8.19 28.50
C ILE E 28 -21.08 7.85 28.87
N PHE E 29 -22.01 8.13 27.94
CA PHE E 29 -23.42 7.77 28.10
C PHE E 29 -23.58 6.26 27.96
N ARG E 30 -22.84 5.67 27.02
CA ARG E 30 -22.92 4.25 26.75
C ARG E 30 -22.10 3.47 27.77
N LEU E 31 -21.15 4.14 28.42
CA LEU E 31 -20.35 3.54 29.47
C LEU E 31 -21.16 3.49 30.76
N LEU E 32 -22.07 4.46 30.94
CA LEU E 32 -22.95 4.50 32.09
C LEU E 32 -24.10 3.52 31.90
N LEU E 33 -24.60 3.41 30.66
CA LEU E 33 -25.65 2.48 30.32
C LEU E 33 -25.13 1.04 30.49
N ASN E 34 -23.81 0.89 30.46
CA ASN E 34 -23.16 -0.40 30.64
C ASN E 34 -23.20 -0.80 32.12
N VAL E 35 -22.86 0.15 32.99
CA VAL E 35 -22.84 -0.08 34.43
C VAL E 35 -24.27 -0.38 34.91
N LEU E 36 -25.24 0.31 34.31
CA LEU E 36 -26.65 0.12 34.61
C LEU E 36 -27.10 -1.28 34.18
N MET E 37 -26.54 -1.76 33.06
CA MET E 37 -26.88 -3.07 32.53
C MET E 37 -26.23 -4.17 33.36
N SER E 38 -25.08 -3.85 33.96
CA SER E 38 -24.37 -4.78 34.83
C SER E 38 -25.21 -5.03 36.09
N ILE E 39 -25.72 -3.93 36.68
CA ILE E 39 -26.47 -3.98 37.92
C ILE E 39 -27.78 -4.74 37.68
N ILE E 40 -28.38 -4.55 36.49
CA ILE E 40 -29.55 -5.31 36.10
C ILE E 40 -29.19 -6.80 36.06
N ALA E 41 -28.01 -7.10 35.49
CA ALA E 41 -27.57 -8.47 35.26
C ALA E 41 -27.33 -9.18 36.60
N ILE E 42 -26.83 -8.43 37.60
CA ILE E 42 -26.54 -8.99 38.91
C ILE E 42 -27.84 -9.40 39.59
N ILE E 43 -28.77 -8.45 39.72
CA ILE E 43 -29.98 -8.64 40.51
C ILE E 43 -30.90 -9.66 39.84
N SER E 44 -30.84 -9.75 38.51
CA SER E 44 -31.78 -10.56 37.75
C SER E 44 -31.25 -11.97 37.50
N TYR E 45 -29.96 -12.18 37.81
CA TYR E 45 -29.29 -13.45 37.57
C TYR E 45 -29.94 -14.56 38.41
N GLN E 46 -30.57 -14.16 39.53
CA GLN E 46 -31.19 -15.07 40.47
C GLN E 46 -32.37 -15.78 39.81
N TRP E 47 -33.04 -15.09 38.89
CA TRP E 47 -34.27 -15.60 38.29
C TRP E 47 -33.99 -16.26 36.94
N TYR E 48 -32.70 -16.56 36.68
CA TYR E 48 -32.26 -17.15 35.43
C TYR E 48 -32.54 -18.66 35.43
N GLU E 49 -32.34 -19.29 36.58
CA GLU E 49 -32.49 -20.72 36.74
C GLU E 49 -33.95 -21.12 36.56
N GLN E 50 -34.85 -20.27 37.07
CA GLN E 50 -36.29 -20.54 37.08
C GLN E 50 -36.87 -20.42 35.68
N LEU E 51 -36.00 -20.39 34.66
CA LEU E 51 -36.40 -20.47 33.27
C LEU E 51 -35.48 -21.44 32.53
N GLY E 52 -34.17 -21.30 32.75
CA GLY E 52 -33.18 -22.13 32.07
C GLY E 52 -32.45 -21.36 30.97
N ILE E 53 -32.14 -20.09 31.26
CA ILE E 53 -31.41 -19.22 30.35
C ILE E 53 -30.03 -18.94 30.94
N HIS E 54 -28.99 -19.41 30.23
CA HIS E 54 -27.62 -19.24 30.69
C HIS E 54 -26.80 -18.48 29.65
N LEU E 55 -25.67 -17.93 30.10
CA LEU E 55 -24.73 -17.23 29.24
C LEU E 55 -23.32 -17.47 29.74
N THR E 56 -22.56 -18.28 28.99
CA THR E 56 -21.15 -18.51 29.28
C THR E 56 -20.30 -17.46 28.57
N VAL E 57 -19.01 -17.45 28.92
CA VAL E 57 -18.06 -16.49 28.36
C VAL E 57 -17.62 -16.98 26.99
N ALA E 58 -17.49 -18.30 26.84
CA ALA E 58 -16.92 -18.92 25.66
C ALA E 58 -17.53 -18.37 24.36
N PRO E 59 -18.88 -18.30 24.21
CA PRO E 59 -19.49 -17.80 22.99
C PRO E 59 -19.23 -16.31 22.74
N PHE E 60 -19.36 -15.50 23.80
CA PHE E 60 -19.18 -14.06 23.72
C PHE E 60 -17.70 -13.72 23.52
N SER E 61 -16.83 -14.65 23.92
CA SER E 61 -15.41 -14.55 23.66
C SER E 61 -15.15 -14.68 22.16
N LEU E 62 -15.79 -15.67 21.53
CA LEU E 62 -15.71 -15.89 20.09
C LEU E 62 -16.23 -14.66 19.36
N LEU E 63 -17.42 -14.20 19.76
CA LEU E 63 -18.08 -13.07 19.12
C LEU E 63 -17.18 -11.84 19.23
N GLY E 64 -16.65 -11.60 20.44
CA GLY E 64 -15.84 -10.44 20.73
C GLY E 64 -14.58 -10.37 19.89
N ILE E 65 -13.88 -11.51 19.79
CA ILE E 65 -12.64 -11.59 19.04
C ILE E 65 -12.92 -11.36 17.55
N ALA E 66 -14.04 -11.92 17.08
CA ALA E 66 -14.47 -11.76 15.69
C ALA E 66 -14.70 -10.29 15.40
N ILE E 67 -15.52 -9.64 16.24
CA ILE E 67 -15.79 -8.22 16.13
C ILE E 67 -14.46 -7.46 16.12
N ALA E 68 -13.55 -7.84 17.03
CA ALA E 68 -12.28 -7.15 17.19
C ALA E 68 -11.46 -7.22 15.90
N ILE E 69 -11.45 -8.39 15.27
CA ILE E 69 -10.75 -8.58 14.00
C ILE E 69 -11.34 -7.62 12.97
N PHE E 70 -12.68 -7.57 12.91
CA PHE E 70 -13.39 -6.75 11.95
C PHE E 70 -13.13 -5.27 12.22
N LEU E 71 -13.24 -4.89 13.49
CA LEU E 71 -12.90 -3.53 13.93
C LEU E 71 -11.47 -3.21 13.55
N GLY E 72 -10.59 -4.20 13.66
CA GLY E 72 -9.17 -4.05 13.36
C GLY E 72 -8.94 -3.64 11.92
N PHE E 73 -9.62 -4.34 11.00
CA PHE E 73 -9.51 -4.11 9.56
C PHE E 73 -10.22 -2.82 9.17
N ARG E 74 -11.39 -2.57 9.78
CA ARG E 74 -12.18 -1.38 9.49
C ARG E 74 -11.37 -0.14 9.86
N ASN E 75 -10.78 -0.17 11.06
CA ASN E 75 -9.98 0.93 11.58
C ASN E 75 -8.81 1.21 10.62
N SER E 76 -8.20 0.13 10.13
CA SER E 76 -7.08 0.20 9.22
C SER E 76 -7.46 0.97 7.95
N ALA E 77 -8.65 0.70 7.42
CA ALA E 77 -9.19 1.37 6.25
C ALA E 77 -9.41 2.85 6.54
N SER E 78 -9.96 3.13 7.73
CA SER E 78 -10.27 4.50 8.15
C SER E 78 -8.99 5.33 8.21
N TYR E 79 -7.98 4.80 8.92
CA TYR E 79 -6.70 5.47 9.06
C TYR E 79 -6.10 5.75 7.68
N SER E 80 -6.28 4.79 6.77
CA SER E 80 -5.81 4.91 5.40
C SER E 80 -6.40 6.15 4.73
N ARG E 81 -7.71 6.35 4.89
CA ARG E 81 -8.42 7.49 4.33
C ARG E 81 -7.91 8.78 4.93
N PHE E 82 -7.70 8.77 6.25
CA PHE E 82 -7.21 9.92 7.00
C PHE E 82 -5.85 10.35 6.48
N VAL E 83 -4.96 9.37 6.25
CA VAL E 83 -3.61 9.63 5.80
C VAL E 83 -3.64 10.22 4.39
N GLU E 84 -4.54 9.72 3.55
CA GLU E 84 -4.63 10.14 2.16
C GLU E 84 -5.05 11.60 2.09
N ALA E 85 -5.96 11.99 2.99
CA ALA E 85 -6.41 13.37 3.10
C ALA E 85 -5.25 14.28 3.47
N ARG E 86 -4.41 13.82 4.42
CA ARG E 86 -3.27 14.59 4.89
C ARG E 86 -2.24 14.73 3.78
N ASN E 87 -2.17 13.72 2.90
CA ASN E 87 -1.27 13.71 1.76
C ASN E 87 -1.71 14.75 0.74
N LEU E 88 -3.00 14.74 0.40
CA LEU E 88 -3.55 15.60 -0.63
C LEU E 88 -3.33 17.06 -0.25
N TRP E 89 -3.59 17.37 1.02
CA TRP E 89 -3.43 18.72 1.54
C TRP E 89 -1.95 19.10 1.57
N GLY E 90 -1.10 18.15 1.93
CA GLY E 90 0.35 18.33 1.89
C GLY E 90 0.83 18.69 0.50
N THR E 91 0.15 18.15 -0.52
CA THR E 91 0.49 18.39 -1.91
C THR E 91 0.17 19.83 -2.30
N VAL E 92 -0.95 20.37 -1.79
CA VAL E 92 -1.32 21.74 -2.07
C VAL E 92 -0.14 22.64 -1.71
N LEU E 93 0.40 22.41 -0.51
CA LEU E 93 1.50 23.18 0.03
C LEU E 93 2.71 23.06 -0.90
N ILE E 94 3.04 21.83 -1.29
CA ILE E 94 4.21 21.54 -2.11
C ILE E 94 4.07 22.20 -3.48
N ALA E 95 2.94 21.95 -4.15
CA ALA E 95 2.72 22.34 -5.52
C ALA E 95 2.65 23.87 -5.61
N GLU E 96 2.03 24.49 -4.60
CA GLU E 96 1.83 25.93 -4.60
C GLU E 96 3.16 26.62 -4.33
N ARG E 97 4.02 25.96 -3.54
CA ARG E 97 5.35 26.46 -3.27
C ARG E 97 6.18 26.46 -4.55
N THR E 98 6.21 25.31 -5.25
CA THR E 98 7.08 25.14 -6.40
C THR E 98 6.61 25.96 -7.60
N LEU E 99 5.29 26.22 -7.67
CA LEU E 99 4.77 27.06 -8.73
C LEU E 99 5.27 28.49 -8.53
N VAL E 100 5.23 28.96 -7.28
CA VAL E 100 5.68 30.32 -6.97
C VAL E 100 7.19 30.42 -7.17
N ARG E 101 7.92 29.38 -6.76
CA ARG E 101 9.35 29.32 -6.96
C ARG E 101 9.67 29.49 -8.44
N GLN E 102 8.98 28.71 -9.29
CA GLN E 102 9.20 28.71 -10.73
C GLN E 102 8.96 30.11 -11.30
N LEU E 103 7.94 30.80 -10.77
CA LEU E 103 7.60 32.13 -11.26
C LEU E 103 8.73 33.10 -10.95
N ARG E 104 9.31 32.99 -9.76
CA ARG E 104 10.38 33.88 -9.34
C ARG E 104 11.66 33.57 -10.11
N ASN E 105 11.89 32.29 -10.39
CA ASN E 105 13.13 31.85 -11.04
C ASN E 105 13.09 32.14 -12.54
N ILE E 106 11.90 32.06 -13.14
CA ILE E 106 11.78 32.15 -14.59
C ILE E 106 11.43 33.58 -15.00
N LEU E 107 10.55 34.24 -14.24
CA LEU E 107 10.15 35.60 -14.54
C LEU E 107 10.34 36.49 -13.32
N PRO E 108 11.61 36.76 -12.89
CA PRO E 108 11.85 37.45 -11.62
C PRO E 108 11.32 38.87 -11.58
N ALA E 109 11.17 39.48 -12.77
CA ALA E 109 10.79 40.88 -12.89
C ALA E 109 9.27 41.05 -12.82
N GLU E 110 8.52 40.01 -13.23
CA GLU E 110 7.08 40.07 -13.42
C GLU E 110 6.36 39.90 -12.07
N HIS E 111 6.38 40.97 -11.26
CA HIS E 111 5.83 40.90 -9.91
C HIS E 111 4.30 40.98 -9.94
N ASP E 112 3.77 41.74 -10.91
CA ASP E 112 2.33 41.92 -11.03
C ASP E 112 1.68 40.55 -11.24
N ALA E 113 2.34 39.71 -12.04
CA ALA E 113 1.91 38.34 -12.27
C ALA E 113 2.05 37.53 -10.99
N HIS E 114 3.20 37.68 -10.30
CA HIS E 114 3.47 36.98 -9.06
C HIS E 114 2.29 37.20 -8.10
N ARG E 115 1.88 38.47 -7.96
CA ARG E 115 0.87 38.88 -7.01
C ARG E 115 -0.47 38.22 -7.32
N ARG E 116 -0.87 38.26 -8.60
CA ARG E 116 -2.17 37.77 -9.03
C ARG E 116 -2.26 36.25 -8.83
N ILE E 117 -1.22 35.53 -9.28
CA ILE E 117 -1.18 34.09 -9.13
C ILE E 117 -1.22 33.72 -7.66
N VAL E 118 -0.40 34.38 -6.84
CA VAL E 118 -0.34 34.10 -5.41
C VAL E 118 -1.73 34.31 -4.79
N SER E 119 -2.45 35.33 -5.28
CA SER E 119 -3.79 35.58 -4.79
C SER E 119 -4.66 34.35 -5.01
N TYR E 120 -4.63 33.83 -6.24
CA TYR E 120 -5.47 32.71 -6.66
C TYR E 120 -5.07 31.43 -5.93
N LEU E 121 -3.78 31.23 -5.73
CA LEU E 121 -3.29 30.02 -5.08
C LEU E 121 -3.75 30.00 -3.63
N VAL E 122 -3.66 31.14 -2.94
CA VAL E 122 -4.14 31.26 -1.57
C VAL E 122 -5.65 31.08 -1.57
N ALA E 123 -6.32 31.67 -2.57
CA ALA E 123 -7.76 31.54 -2.74
C ALA E 123 -8.16 30.07 -2.87
N PHE E 124 -7.40 29.32 -3.67
CA PHE E 124 -7.64 27.90 -3.91
C PHE E 124 -7.66 27.15 -2.58
N SER E 125 -6.65 27.39 -1.74
CA SER E 125 -6.49 26.71 -0.46
C SER E 125 -7.72 26.87 0.40
N TRP E 126 -8.08 28.13 0.68
CA TRP E 126 -9.19 28.48 1.55
C TRP E 126 -10.49 27.95 0.94
N SER E 127 -10.63 28.13 -0.37
CA SER E 127 -11.84 27.75 -1.10
C SER E 127 -12.04 26.24 -1.04
N LEU E 128 -10.92 25.49 -1.02
CA LEU E 128 -10.93 24.04 -0.90
C LEU E 128 -11.34 23.65 0.52
N LYS E 129 -10.76 24.34 1.52
CA LYS E 129 -11.06 24.07 2.92
C LYS E 129 -12.56 24.25 3.17
N HIS E 130 -13.10 25.35 2.64
CA HIS E 130 -14.52 25.67 2.81
C HIS E 130 -15.37 24.62 2.10
N GLN E 131 -14.92 24.21 0.91
CA GLN E 131 -15.64 23.24 0.09
C GLN E 131 -15.84 21.95 0.87
N LEU E 132 -14.75 21.43 1.44
CA LEU E 132 -14.76 20.15 2.12
C LEU E 132 -15.51 20.25 3.45
N ARG E 133 -15.49 21.44 4.05
CA ARG E 133 -16.11 21.68 5.34
C ARG E 133 -17.58 22.09 5.18
N LYS E 134 -17.97 22.37 3.94
CA LYS E 134 -19.32 22.82 3.59
C LYS E 134 -19.64 24.12 4.32
N THR E 135 -18.66 25.04 4.34
CA THR E 135 -18.80 26.33 5.01
C THR E 135 -18.63 27.45 3.98
N ASP E 136 -19.07 28.65 4.35
CA ASP E 136 -19.16 29.79 3.45
C ASP E 136 -17.78 30.36 3.16
N PRO E 137 -17.32 30.34 1.88
CA PRO E 137 -16.01 30.87 1.52
C PRO E 137 -15.94 32.35 1.15
N THR E 138 -17.06 33.07 1.32
CA THR E 138 -17.17 34.45 0.83
C THR E 138 -16.09 35.33 1.45
N ALA E 139 -16.06 35.35 2.78
CA ALA E 139 -15.17 36.22 3.55
C ALA E 139 -13.73 36.03 3.08
N ASP E 140 -13.33 34.75 2.94
CA ASP E 140 -11.96 34.39 2.59
C ASP E 140 -11.61 34.85 1.18
N LEU E 141 -12.57 34.74 0.26
CA LEU E 141 -12.34 35.09 -1.14
C LEU E 141 -12.30 36.61 -1.29
N ARG E 142 -13.11 37.30 -0.47
CA ARG E 142 -13.26 38.75 -0.55
C ARG E 142 -11.98 39.46 -0.10
N ARG E 143 -11.25 38.81 0.81
CA ARG E 143 -10.00 39.35 1.34
C ARG E 143 -8.90 39.24 0.29
N LEU E 144 -9.08 38.33 -0.68
CA LEU E 144 -7.99 37.92 -1.56
C LEU E 144 -8.21 38.43 -2.98
N LEU E 145 -9.48 38.60 -3.38
CA LEU E 145 -9.80 38.86 -4.78
C LEU E 145 -10.78 40.01 -4.92
N PRO E 146 -10.77 40.76 -6.04
CA PRO E 146 -11.81 41.75 -6.35
C PRO E 146 -13.19 41.11 -6.46
N GLU E 147 -14.22 41.89 -6.10
CA GLU E 147 -15.58 41.39 -5.97
C GLU E 147 -16.10 40.88 -7.32
N GLU E 148 -15.49 41.34 -8.41
CA GLU E 148 -15.80 40.83 -9.73
C GLU E 148 -15.50 39.33 -9.78
N ARG E 149 -14.29 38.96 -9.35
CA ARG E 149 -13.84 37.57 -9.36
C ARG E 149 -14.64 36.75 -8.34
N VAL E 150 -14.87 37.33 -7.16
CA VAL E 150 -15.54 36.63 -6.08
C VAL E 150 -16.94 36.22 -6.53
N THR E 151 -17.61 37.10 -7.30
CA THR E 151 -18.94 36.83 -7.81
C THR E 151 -18.86 35.74 -8.88
N GLU E 152 -17.84 35.82 -9.74
CA GLU E 152 -17.60 34.85 -10.80
C GLU E 152 -17.40 33.46 -10.20
N ILE E 153 -16.53 33.37 -9.19
CA ILE E 153 -16.15 32.12 -8.57
C ILE E 153 -17.37 31.49 -7.90
N LEU E 154 -18.14 32.31 -7.16
CA LEU E 154 -19.26 31.81 -6.37
C LEU E 154 -20.47 31.53 -7.26
N ALA E 155 -20.44 32.04 -8.49
CA ALA E 155 -21.49 31.76 -9.48
C ALA E 155 -21.38 30.30 -9.95
N SER E 156 -20.14 29.81 -10.05
CA SER E 156 -19.84 28.45 -10.47
C SER E 156 -20.26 27.46 -9.40
N SER E 157 -20.66 26.26 -9.83
CA SER E 157 -21.00 25.18 -8.91
C SER E 157 -19.73 24.50 -8.42
N MET E 158 -18.62 24.79 -9.09
CA MET E 158 -17.31 24.22 -8.77
C MET E 158 -16.33 25.37 -8.56
N PRO E 159 -16.37 26.08 -7.40
CA PRO E 159 -15.62 27.32 -7.22
C PRO E 159 -14.10 27.13 -7.16
N THR E 160 -13.66 26.03 -6.54
CA THR E 160 -12.25 25.72 -6.38
C THR E 160 -11.65 25.42 -7.76
N ASN E 161 -12.44 24.76 -8.61
CA ASN E 161 -12.06 24.45 -9.98
C ASN E 161 -11.93 25.74 -10.77
N ARG E 162 -12.83 26.69 -10.51
CA ARG E 162 -12.87 27.97 -11.19
C ARG E 162 -11.58 28.74 -10.91
N ILE E 163 -11.13 28.69 -9.65
CA ILE E 163 -9.94 29.42 -9.21
C ILE E 163 -8.71 28.87 -9.93
N LEU E 164 -8.67 27.55 -10.14
CA LEU E 164 -7.57 26.90 -10.84
C LEU E 164 -7.51 27.39 -12.27
N LEU E 165 -8.69 27.53 -12.90
CA LEU E 165 -8.83 27.98 -14.26
C LEU E 165 -8.34 29.43 -14.37
N LEU E 166 -8.71 30.25 -13.38
CA LEU E 166 -8.31 31.64 -13.32
C LEU E 166 -6.79 31.74 -13.20
N ALA E 167 -6.22 30.94 -12.30
CA ALA E 167 -4.77 30.85 -12.12
C ALA E 167 -4.12 30.39 -13.43
N GLY E 168 -4.81 29.49 -14.15
CA GLY E 168 -4.37 29.00 -15.43
C GLY E 168 -4.32 30.11 -16.49
N ASN E 169 -5.36 30.95 -16.51
CA ASN E 169 -5.45 32.07 -17.43
C ASN E 169 -4.23 32.98 -17.25
N GLU E 170 -3.81 33.17 -15.99
CA GLU E 170 -2.68 34.02 -15.65
C GLU E 170 -1.39 33.46 -16.25
N ILE E 171 -1.22 32.13 -16.16
CA ILE E 171 -0.04 31.45 -16.68
C ILE E 171 -0.10 31.45 -18.20
N GLY E 172 -1.32 31.26 -18.74
CA GLY E 172 -1.54 31.24 -20.18
C GLY E 172 -1.23 32.59 -20.83
N GLN E 173 -1.57 33.68 -20.12
CA GLN E 173 -1.39 35.03 -20.62
C GLN E 173 0.10 35.38 -20.70
N LEU E 174 0.87 34.93 -19.70
CA LEU E 174 2.31 35.14 -19.68
C LEU E 174 2.94 34.45 -20.89
N ARG E 175 2.31 33.35 -21.34
CA ARG E 175 2.80 32.61 -22.49
C ARG E 175 2.51 33.40 -23.77
N GLU E 176 1.26 33.88 -23.91
CA GLU E 176 0.84 34.57 -25.11
C GLU E 176 1.60 35.89 -25.26
N ALA E 177 2.06 36.45 -24.14
CA ALA E 177 2.87 37.65 -24.14
C ALA E 177 4.29 37.32 -24.60
N GLY E 178 4.62 36.03 -24.61
CA GLY E 178 5.93 35.54 -25.04
C GLY E 178 6.93 35.50 -23.90
N LYS E 179 6.45 35.76 -22.67
CA LYS E 179 7.29 35.81 -21.49
C LYS E 179 7.63 34.40 -21.02
N LEU E 180 6.71 33.46 -21.26
CA LEU E 180 6.98 32.05 -21.07
C LEU E 180 7.03 31.38 -22.43
N SER E 181 8.01 30.49 -22.60
CA SER E 181 8.04 29.57 -23.74
C SER E 181 7.08 28.42 -23.47
N ASP E 182 6.92 27.53 -24.46
CA ASP E 182 6.05 26.38 -24.32
C ASP E 182 6.59 25.44 -23.25
N ILE E 183 7.93 25.40 -23.12
CA ILE E 183 8.61 24.56 -22.14
C ILE E 183 8.30 25.07 -20.74
N THR E 184 8.62 26.35 -20.50
CA THR E 184 8.45 26.95 -19.18
C THR E 184 6.98 27.03 -18.81
N TYR E 185 6.12 27.27 -19.81
CA TYR E 185 4.69 27.18 -19.59
C TYR E 185 4.36 25.79 -19.06
N GLY E 186 4.82 24.76 -19.78
CA GLY E 186 4.63 23.37 -19.42
C GLY E 186 5.00 23.11 -17.96
N LEU E 187 6.19 23.58 -17.56
CA LEU E 187 6.75 23.32 -16.24
C LEU E 187 5.79 23.76 -15.15
N MET E 188 5.18 24.95 -15.34
CA MET E 188 4.29 25.52 -14.34
C MET E 188 2.91 24.88 -14.45
N ASP E 189 2.53 24.51 -15.67
CA ASP E 189 1.23 23.92 -15.94
C ASP E 189 1.10 22.58 -15.20
N ASN E 190 2.25 21.90 -15.03
CA ASN E 190 2.31 20.61 -14.36
C ASN E 190 1.86 20.77 -12.91
N LYS E 191 2.16 21.93 -12.32
CA LYS E 191 1.87 22.18 -10.92
C LYS E 191 0.37 22.38 -10.74
N LEU E 192 -0.27 22.98 -11.75
CA LEU E 192 -1.70 23.20 -11.72
C LEU E 192 -2.43 21.85 -11.85
N ASP E 193 -1.77 20.88 -12.52
CA ASP E 193 -2.31 19.53 -12.63
C ASP E 193 -2.32 18.87 -11.26
N GLU E 194 -1.25 19.09 -10.49
CA GLU E 194 -1.11 18.53 -9.15
C GLU E 194 -2.27 19.01 -8.28
N LEU E 195 -2.58 20.30 -8.40
CA LEU E 195 -3.62 20.92 -7.59
C LEU E 195 -4.99 20.36 -8.02
N ALA E 196 -5.14 20.12 -9.33
CA ALA E 196 -6.36 19.54 -9.87
C ALA E 196 -6.53 18.12 -9.37
N HIS E 197 -5.43 17.37 -9.33
CA HIS E 197 -5.45 16.01 -8.80
C HIS E 197 -5.87 16.04 -7.34
N VAL E 198 -5.40 17.04 -6.60
CA VAL E 198 -5.69 17.19 -5.18
C VAL E 198 -7.18 17.49 -4.99
N LEU E 199 -7.69 18.44 -5.79
CA LEU E 199 -9.09 18.83 -5.70
C LEU E 199 -9.98 17.60 -5.89
N GLY E 200 -9.67 16.81 -6.92
CA GLY E 200 -10.41 15.60 -7.24
C GLY E 200 -10.26 14.55 -6.15
N GLY E 201 -9.02 14.34 -5.70
CA GLY E 201 -8.73 13.44 -4.61
C GLY E 201 -9.57 13.78 -3.38
N CYS E 202 -9.66 15.07 -3.08
CA CYS E 202 -10.38 15.55 -1.90
C CYS E 202 -11.87 15.41 -2.12
N GLU E 203 -12.34 15.76 -3.33
CA GLU E 203 -13.76 15.67 -3.67
C GLU E 203 -14.22 14.24 -3.50
N ARG E 204 -13.42 13.30 -4.03
CA ARG E 204 -13.71 11.87 -3.92
C ARG E 204 -13.73 11.48 -2.44
N LEU E 205 -12.72 11.93 -1.69
CA LEU E 205 -12.52 11.50 -0.31
C LEU E 205 -13.59 12.07 0.60
N ALA E 206 -14.18 13.21 0.21
CA ALA E 206 -15.14 13.91 1.04
C ALA E 206 -16.55 13.37 0.80
N THR E 207 -16.81 12.99 -0.45
CA THR E 207 -18.16 12.66 -0.90
C THR E 207 -18.26 11.16 -1.21
N THR E 208 -17.45 10.35 -0.52
CA THR E 208 -17.48 8.91 -0.74
C THR E 208 -17.89 8.19 0.56
N PRO E 209 -19.20 7.91 0.76
CA PRO E 209 -19.62 6.94 1.78
C PRO E 209 -19.42 5.53 1.21
N VAL E 210 -18.23 4.98 1.43
CA VAL E 210 -17.83 3.69 0.89
C VAL E 210 -18.79 2.60 1.37
N PRO E 211 -19.14 2.52 2.67
CA PRO E 211 -20.34 1.79 3.11
C PRO E 211 -21.52 2.72 3.36
N PHE E 212 -22.72 2.28 2.97
CA PHE E 212 -23.93 3.06 3.16
C PHE E 212 -24.33 3.03 4.64
N ALA E 213 -24.68 1.83 5.13
CA ALA E 213 -25.17 1.66 6.49
C ALA E 213 -24.31 0.65 7.25
N TYR E 214 -23.25 0.17 6.60
CA TYR E 214 -22.38 -0.85 7.18
C TYR E 214 -21.46 -0.23 8.24
N THR E 215 -21.35 1.10 8.21
CA THR E 215 -20.62 1.84 9.24
C THR E 215 -21.49 1.95 10.49
N LEU E 216 -22.81 1.83 10.31
CA LEU E 216 -23.79 1.90 11.38
C LEU E 216 -24.09 0.48 11.88
N ILE E 217 -24.02 -0.50 10.96
CA ILE E 217 -24.31 -1.88 11.26
C ILE E 217 -23.27 -2.43 12.23
N LEU E 218 -21.98 -2.20 11.92
CA LEU E 218 -20.89 -2.66 12.77
C LEU E 218 -20.93 -1.90 14.10
N GLN E 219 -21.37 -0.63 14.05
CA GLN E 219 -21.46 0.19 15.24
C GLN E 219 -22.53 -0.37 16.18
N ARG E 220 -23.63 -0.88 15.61
CA ARG E 220 -24.73 -1.43 16.37
C ARG E 220 -24.37 -2.81 16.90
N THR E 221 -23.51 -3.53 16.15
CA THR E 221 -23.02 -4.83 16.56
C THR E 221 -22.13 -4.69 17.78
N VAL E 222 -21.35 -3.60 17.84
CA VAL E 222 -20.50 -3.32 18.98
C VAL E 222 -21.38 -2.89 20.16
N TYR E 223 -22.46 -2.17 19.86
CA TYR E 223 -23.37 -1.65 20.88
C TYR E 223 -24.07 -2.81 21.59
N LEU E 224 -24.61 -3.75 20.80
CA LEU E 224 -25.38 -4.85 21.35
C LEU E 224 -24.47 -5.78 22.15
N PHE E 225 -23.28 -6.07 21.59
CA PHE E 225 -22.30 -6.92 22.24
C PHE E 225 -21.98 -6.38 23.63
N CYS E 226 -21.80 -5.06 23.72
CA CYS E 226 -21.35 -4.41 24.94
C CYS E 226 -22.46 -4.40 25.99
N THR E 227 -23.71 -4.56 25.54
CA THR E 227 -24.86 -4.46 26.44
C THR E 227 -25.35 -5.84 26.85
N LEU E 228 -24.94 -6.87 26.10
CA LEU E 228 -25.28 -8.25 26.43
C LEU E 228 -24.14 -8.89 27.22
N LEU E 229 -22.95 -8.29 27.13
CA LEU E 229 -21.71 -8.85 27.68
C LEU E 229 -21.83 -9.04 29.20
N PRO E 230 -22.38 -8.07 29.97
CA PRO E 230 -22.45 -8.22 31.43
C PRO E 230 -23.30 -9.42 31.84
N PHE E 231 -24.36 -9.69 31.06
CA PHE E 231 -25.25 -10.82 31.28
C PHE E 231 -24.50 -12.14 31.10
N ALA E 232 -23.42 -12.10 30.32
CA ALA E 232 -22.62 -13.28 30.03
C ALA E 232 -21.45 -13.38 31.00
N LEU E 233 -21.09 -12.24 31.63
CA LEU E 233 -19.94 -12.17 32.50
C LEU E 233 -20.33 -12.42 33.95
N VAL E 234 -21.63 -12.27 34.24
CA VAL E 234 -22.13 -12.23 35.61
C VAL E 234 -21.83 -13.54 36.33
N GLY E 235 -22.01 -14.66 35.62
CA GLY E 235 -21.79 -15.99 36.17
C GLY E 235 -20.38 -16.19 36.69
N ASP E 236 -19.42 -15.49 36.08
CA ASP E 236 -18.01 -15.69 36.35
C ASP E 236 -17.46 -14.63 37.31
N LEU E 237 -17.95 -13.40 37.18
CA LEU E 237 -17.36 -12.33 38.01
C LEU E 237 -18.32 -11.86 39.10
N HIS E 238 -19.60 -12.22 38.97
CA HIS E 238 -20.59 -11.77 39.98
C HIS E 238 -20.53 -10.24 40.07
N TYR E 239 -20.25 -9.73 41.25
CA TYR E 239 -20.18 -8.26 41.49
C TYR E 239 -19.10 -7.60 40.64
N MET E 240 -17.97 -8.26 40.40
CA MET E 240 -16.91 -7.59 39.68
C MET E 240 -17.30 -7.41 38.21
N THR E 241 -18.55 -7.76 37.89
CA THR E 241 -19.08 -7.69 36.53
C THR E 241 -18.93 -6.27 36.00
N PRO E 242 -19.56 -5.23 36.63
CA PRO E 242 -19.52 -3.87 36.11
C PRO E 242 -18.10 -3.35 35.87
N PHE E 243 -17.16 -3.79 36.70
CA PHE E 243 -15.78 -3.33 36.63
C PHE E 243 -15.14 -3.81 35.33
N VAL E 244 -15.24 -5.11 35.06
CA VAL E 244 -14.59 -5.73 33.92
C VAL E 244 -15.38 -5.42 32.65
N SER E 245 -16.71 -5.43 32.77
CA SER E 245 -17.61 -5.30 31.63
C SER E 245 -17.53 -3.90 31.02
N VAL E 246 -17.25 -2.89 31.85
CA VAL E 246 -17.16 -1.53 31.37
C VAL E 246 -15.82 -1.31 30.68
N PHE E 247 -14.79 -2.01 31.18
CA PHE E 247 -13.43 -1.90 30.66
C PHE E 247 -13.38 -2.49 29.25
N ILE E 248 -14.06 -3.63 29.06
CA ILE E 248 -14.14 -4.28 27.76
C ILE E 248 -14.90 -3.38 26.80
N SER E 249 -16.01 -2.81 27.28
CA SER E 249 -16.86 -1.94 26.49
C SER E 249 -16.10 -0.69 26.07
N TYR E 250 -15.32 -0.14 27.01
CA TYR E 250 -14.51 1.05 26.77
C TYR E 250 -13.57 0.81 25.58
N THR E 251 -12.86 -0.33 25.60
CA THR E 251 -11.91 -0.69 24.57
C THR E 251 -12.61 -0.74 23.21
N PHE E 252 -13.75 -1.44 23.16
CA PHE E 252 -14.46 -1.69 21.92
C PHE E 252 -15.09 -0.39 21.39
N LEU E 253 -15.67 0.41 22.29
CA LEU E 253 -16.37 1.63 21.92
C LEU E 253 -15.38 2.70 21.49
N SER E 254 -14.22 2.75 22.15
CA SER E 254 -13.17 3.70 21.85
C SER E 254 -12.61 3.44 20.45
N TRP E 255 -12.37 2.15 20.15
CA TRP E 255 -11.76 1.75 18.89
C TRP E 255 -12.75 2.00 17.74
N ASP E 256 -14.04 1.79 18.03
CA ASP E 256 -15.08 1.96 17.03
C ASP E 256 -15.24 3.43 16.67
N SER E 257 -15.28 4.28 17.70
CA SER E 257 -15.54 5.70 17.53
C SER E 257 -14.33 6.40 16.90
N LEU E 258 -13.13 5.85 17.15
CA LEU E 258 -11.90 6.36 16.57
C LEU E 258 -11.93 6.13 15.06
N ALA E 259 -12.36 4.93 14.65
CA ALA E 259 -12.46 4.57 13.25
C ALA E 259 -13.50 5.46 12.57
N GLU E 260 -14.56 5.80 13.31
CA GLU E 260 -15.64 6.64 12.81
C GLU E 260 -15.11 8.05 12.53
N GLU E 261 -14.19 8.51 13.40
CA GLU E 261 -13.61 9.84 13.29
C GLU E 261 -12.67 9.92 12.08
N LEU E 262 -11.78 8.92 11.95
CA LEU E 262 -10.78 8.91 10.89
C LEU E 262 -11.46 8.74 9.53
N GLU E 263 -12.62 8.06 9.52
CA GLU E 263 -13.38 7.78 8.31
C GLU E 263 -13.69 9.06 7.55
N ASP E 264 -14.06 10.11 8.28
CA ASP E 264 -14.51 11.36 7.69
C ASP E 264 -13.57 12.48 8.11
N PRO E 265 -12.41 12.67 7.43
CA PRO E 265 -11.41 13.64 7.87
C PRO E 265 -11.77 15.09 7.58
N PHE E 266 -12.84 15.30 6.82
CA PHE E 266 -13.28 16.64 6.46
C PHE E 266 -14.65 16.92 7.10
N ALA E 267 -15.01 16.12 8.11
CA ALA E 267 -16.30 16.23 8.76
C ALA E 267 -16.37 17.48 9.63
N THR E 268 -17.58 18.03 9.76
CA THR E 268 -17.85 19.13 10.68
C THR E 268 -17.75 18.62 12.11
N ALA E 269 -17.76 17.30 12.27
CA ALA E 269 -17.54 16.63 13.54
C ALA E 269 -16.12 16.05 13.58
N ALA E 270 -15.17 16.81 13.01
CA ALA E 270 -13.76 16.46 13.05
C ALA E 270 -12.94 17.68 13.49
N ASN E 271 -11.60 17.52 13.47
CA ASN E 271 -10.70 18.57 13.93
C ASN E 271 -10.35 19.49 12.77
N ASP E 272 -10.63 20.79 12.97
CA ASP E 272 -10.46 21.82 11.96
C ASP E 272 -9.08 22.45 12.08
N LEU E 273 -8.46 22.30 13.26
CA LEU E 273 -7.16 22.89 13.56
C LEU E 273 -6.18 22.64 12.42
N PRO E 274 -5.93 21.38 11.96
CA PRO E 274 -4.91 21.12 10.96
C PRO E 274 -5.20 21.75 9.60
N LEU E 275 -6.49 21.85 9.25
CA LEU E 275 -6.91 22.30 7.94
C LEU E 275 -6.76 23.83 7.85
N ASN E 276 -7.13 24.51 8.93
CA ASN E 276 -6.98 25.96 9.03
C ASN E 276 -5.49 26.32 9.12
N ALA E 277 -4.75 25.50 9.88
CA ALA E 277 -3.32 25.68 10.07
C ALA E 277 -2.60 25.65 8.72
N MET E 278 -2.97 24.66 7.88
CA MET E 278 -2.33 24.47 6.59
C MET E 278 -2.62 25.66 5.67
N CYS E 279 -3.86 26.15 5.72
CA CYS E 279 -4.26 27.28 4.88
C CYS E 279 -3.46 28.52 5.26
N ASN E 280 -3.16 28.66 6.56
CA ASN E 280 -2.37 29.78 7.06
C ASN E 280 -0.90 29.58 6.70
N THR E 281 -0.43 28.33 6.81
CA THR E 281 0.94 27.99 6.48
C THR E 281 1.21 28.36 5.02
N ILE E 282 0.33 27.91 4.12
CA ILE E 282 0.53 28.14 2.70
C ILE E 282 0.52 29.64 2.41
N GLU E 283 -0.41 30.36 3.04
CA GLU E 283 -0.53 31.79 2.86
C GLU E 283 0.76 32.48 3.30
N ARG E 284 1.20 32.15 4.52
CA ARG E 284 2.41 32.71 5.11
C ARG E 284 3.60 32.41 4.19
N ASN E 285 3.64 31.17 3.68
CA ASN E 285 4.74 30.73 2.84
C ASN E 285 4.79 31.52 1.53
N LEU E 286 3.63 31.69 0.89
CA LEU E 286 3.60 32.25 -0.44
C LEU E 286 3.89 33.74 -0.40
N LEU E 287 3.45 34.41 0.68
CA LEU E 287 3.71 35.83 0.84
C LEU E 287 5.20 36.03 1.10
N ASP E 288 5.78 35.16 1.93
CA ASP E 288 7.20 35.18 2.23
C ASP E 288 8.01 35.08 0.94
N MET E 289 7.54 34.22 0.03
CA MET E 289 8.27 33.86 -1.18
C MET E 289 8.27 35.00 -2.20
N THR E 290 7.28 35.90 -2.11
CA THR E 290 7.22 37.04 -3.02
C THR E 290 7.57 38.32 -2.27
N GLY E 291 8.03 38.17 -1.04
CA GLY E 291 8.51 39.31 -0.24
C GLY E 291 7.38 40.23 0.15
N GLN E 292 6.15 39.88 -0.21
CA GLN E 292 5.00 40.75 0.16
C GLN E 292 4.85 40.80 1.68
N HIS E 293 4.99 39.63 2.29
CA HIS E 293 4.83 39.44 3.76
C HIS E 293 3.36 39.49 4.19
N PRO E 294 3.04 39.68 5.49
CA PRO E 294 1.67 39.51 5.94
C PRO E 294 0.57 40.33 5.27
N LEU E 295 -0.56 39.67 4.96
CA LEU E 295 -1.73 40.33 4.42
C LEU E 295 -2.69 40.62 5.56
N PRO E 296 -3.19 41.87 5.69
CA PRO E 296 -4.11 42.23 6.78
C PRO E 296 -5.53 41.71 6.55
#